data_6RF2
#
_entry.id   6RF2
#
_cell.length_a   1.0
_cell.length_b   1.0
_cell.length_c   1.0
_cell.angle_alpha   90.00
_cell.angle_beta   90.00
_cell.angle_gamma   90.00
#
_symmetry.space_group_name_H-M   'P 1'
#
loop_
_entity.id
_entity.type
_entity.pdbx_description
1 polymer 'Tubulin alpha-1B chain'
2 polymer 'Tubulin beta-2B chain'
3 polymer 'Neuronal migration protein doublecortin'
4 non-polymer "GUANOSINE-5'-TRIPHOSPHATE"
5 non-polymer 'MAGNESIUM ION'
6 non-polymer 'PHOSPHATE ION'
7 non-polymer "GUANOSINE-5'-DIPHOSPHATE"
#
loop_
_entity_poly.entity_id
_entity_poly.type
_entity_poly.pdbx_seq_one_letter_code
_entity_poly.pdbx_strand_id
1 'polypeptide(L)'
;MRECISIHVGQAGVQIGNACWELYCLEHGIQPDGQMPDSFNTFFSETGAGKHVPRAVFVDLEPTVIDEVRTGTYRQLFHP
EQLITGKEDAANNYARGHYTIGKEIIDLVLDRIRKLADQCTGLQGFLVFHSFGGGTGSGFTSLLMERLSVDYGKKSKLEF
SIYPAPQVSTAVVEPYNSILTTHTTLEHSDCAFMVDNEAIYDICRRNLDIERPTYTNLNRLISQIVSSITASLRFDGALN
VDLTEFQTNLVPYPRIHFPLATYAPVISAEKAYHEQLSVAEITNACFEPANQMVKCDPRHGKYMACCLLYRGDVVPKDVN
AAIATIKTKRSIQFVDWCPTGFKVGINYQPPTVVPGGDLAKVQRAVCMLSNTTAIAEAWARLDHKFDLMYAKRAFVHWYV
GEGMEEGEFSEAREDMAALEKDYEEVGVDSVE
;
a,A
2 'polypeptide(L)'
;MREIVHIQAGQCGNQIGAKFWEVISDEHGIDPTGSYHGDSDLQLERINVYYNEAAGNKYVPRAILVDLEPGTMDSVRSGP
FGQIFRPDNFVFGQSGAGNNWAKGHYTEGAELVDSVLDVVRKESESCDCLQGFQLTHSLGGGTGSGMGTLLISKIREEYP
DRIMNTFSVVPSPKVSDTVVEPYNATLSVHQLVENTDETYCIDNEALYDICFRTLKLTTPTYGDLNHLVSATMSGVTTCL
RFPGQLNADLRKLAVNMVPFPRLHFFMPGFAPLTSRGSQQYRALTVPELTQQMFDAKNMMAACDPRHGRYLTVAAVFRGR
MSMKEVDEQMLNVQNKNSSYFVEWIPNNVKTAVCDIPPRGLKMSATFIGNSTAIQELFKRISEQFTAMFRRKAFLHWYTG
EGMDEMEFTEAESNMNDLVSEYQQYQDAT
;
B,b
3 'polypeptide(L)'
;RPKLVTIIRSGVKPRKAVRVLLNKKTAHSFEQVLTDITEAIKLETGVVKKLYTLDGKQVTCLHDFFGDDDVFIACGPEKF
RYAQDDF
;
C
#
# COMPACT_ATOMS: atom_id res chain seq x y z
N MET A 1 -27.83 -8.37 -31.38
CA MET A 1 -29.17 -8.62 -30.86
C MET A 1 -29.13 -9.52 -29.65
N ARG A 2 -29.22 -8.93 -28.45
CA ARG A 2 -29.27 -9.68 -27.20
C ARG A 2 -30.40 -9.07 -26.38
N GLU A 3 -31.61 -9.56 -26.55
CA GLU A 3 -32.77 -8.96 -25.91
C GLU A 3 -33.09 -9.64 -24.59
N CYS A 4 -33.84 -8.92 -23.76
CA CYS A 4 -34.24 -9.41 -22.44
C CYS A 4 -35.49 -8.65 -22.03
N ILE A 5 -36.61 -9.34 -21.98
CA ILE A 5 -37.88 -8.70 -21.66
C ILE A 5 -38.12 -8.73 -20.16
N SER A 6 -39.03 -7.88 -19.70
CA SER A 6 -39.28 -7.69 -18.28
C SER A 6 -40.77 -7.82 -17.98
N ILE A 7 -41.07 -8.26 -16.76
CA ILE A 7 -42.44 -8.44 -16.28
C ILE A 7 -42.57 -7.72 -14.95
N HIS A 8 -43.67 -7.00 -14.77
CA HIS A 8 -43.91 -6.25 -13.54
C HIS A 8 -45.29 -6.61 -13.01
N VAL A 9 -45.34 -7.10 -11.77
CA VAL A 9 -46.54 -7.68 -11.19
C VAL A 9 -46.90 -6.91 -9.92
N GLY A 10 -48.13 -6.40 -9.87
CA GLY A 10 -48.64 -5.76 -8.67
C GLY A 10 -48.30 -4.29 -8.58
N GLN A 11 -48.75 -3.70 -7.46
CA GLN A 11 -48.41 -2.31 -7.16
C GLN A 11 -46.91 -2.15 -6.96
N ALA A 12 -46.26 -3.15 -6.36
CA ALA A 12 -44.81 -3.18 -6.32
C ALA A 12 -44.20 -3.37 -7.69
N GLY A 13 -44.92 -3.99 -8.63
CA GLY A 13 -44.40 -4.12 -9.97
C GLY A 13 -44.40 -2.80 -10.72
N VAL A 14 -45.46 -2.01 -10.54
CA VAL A 14 -45.60 -0.79 -11.33
C VAL A 14 -44.70 0.30 -10.80
N GLN A 15 -44.72 0.52 -9.48
CA GLN A 15 -44.00 1.64 -8.89
C GLN A 15 -42.48 1.43 -8.92
N ILE A 16 -42.02 0.18 -8.99
CA ILE A 16 -40.61 -0.06 -9.30
C ILE A 16 -40.36 0.18 -10.78
N GLY A 17 -41.26 -0.27 -11.64
CA GLY A 17 -40.99 -0.28 -13.07
C GLY A 17 -40.94 1.10 -13.70
N ASN A 18 -41.75 2.03 -13.19
CA ASN A 18 -41.74 3.39 -13.72
C ASN A 18 -40.43 4.09 -13.37
N ALA A 19 -39.88 3.83 -12.18
CA ALA A 19 -38.59 4.40 -11.85
C ALA A 19 -37.45 3.69 -12.57
N CYS A 20 -37.66 2.45 -13.01
CA CYS A 20 -36.64 1.77 -13.79
C CYS A 20 -36.59 2.32 -15.21
N TRP A 21 -37.74 2.35 -15.89
CA TRP A 21 -37.77 2.80 -17.28
C TRP A 21 -37.53 4.30 -17.43
N GLU A 22 -37.69 5.07 -16.35
CA GLU A 22 -37.28 6.46 -16.38
C GLU A 22 -35.77 6.57 -16.54
N LEU A 23 -35.02 5.65 -15.93
CA LEU A 23 -33.58 5.71 -16.01
C LEU A 23 -33.06 5.26 -17.38
N TYR A 24 -33.75 4.29 -18.00
CA TYR A 24 -33.35 3.85 -19.33
C TYR A 24 -33.62 4.91 -20.39
N CYS A 25 -34.62 5.76 -20.18
CA CYS A 25 -34.88 6.82 -21.14
C CYS A 25 -33.79 7.88 -21.11
N LEU A 26 -33.25 8.16 -19.93
CA LEU A 26 -32.25 9.22 -19.78
C LEU A 26 -30.87 8.80 -20.26
N GLU A 27 -30.64 7.52 -20.53
CA GLU A 27 -29.31 7.08 -20.91
C GLU A 27 -29.12 7.05 -22.42
N HIS A 28 -30.08 6.48 -23.15
CA HIS A 28 -29.95 6.36 -24.60
C HIS A 28 -30.56 7.54 -25.33
N GLY A 29 -30.65 8.70 -24.69
CA GLY A 29 -31.18 9.88 -25.34
C GLY A 29 -32.66 9.82 -25.65
N ILE A 30 -33.40 8.96 -24.96
CA ILE A 30 -34.80 8.72 -25.28
C ILE A 30 -35.65 9.78 -24.60
N GLN A 31 -36.39 10.52 -25.41
CA GLN A 31 -37.34 11.51 -24.93
C GLN A 31 -38.54 10.80 -24.29
N PRO A 32 -39.41 11.52 -23.59
CA PRO A 32 -40.69 10.90 -23.17
C PRO A 32 -41.67 10.59 -24.29
N ASP A 33 -41.33 10.84 -25.56
CA ASP A 33 -42.14 10.40 -26.68
C ASP A 33 -41.35 9.50 -27.63
N GLY A 34 -40.28 8.87 -27.12
CA GLY A 34 -39.58 7.85 -27.86
C GLY A 34 -38.57 8.32 -28.88
N GLN A 35 -38.67 9.56 -29.35
CA GLN A 35 -37.75 10.06 -30.35
C GLN A 35 -36.37 10.33 -29.74
N MET A 36 -35.37 10.41 -30.60
CA MET A 36 -34.00 10.73 -30.20
C MET A 36 -33.41 11.81 -31.12
N PRO A 37 -33.73 13.10 -30.86
CA PRO A 37 -33.28 14.20 -31.73
C PRO A 37 -31.76 14.45 -31.68
N ASP A 38 -26.90 1.16 -33.55
CA ASP A 38 -26.62 1.72 -32.22
C ASP A 38 -26.31 0.61 -31.23
N SER A 39 -26.78 0.78 -29.99
CA SER A 39 -26.52 -0.19 -28.94
C SER A 39 -27.75 -0.58 -28.13
N PHE A 40 -28.88 0.10 -28.28
CA PHE A 40 -30.06 -0.19 -27.48
C PHE A 40 -31.00 -1.19 -28.11
N ASN A 41 -30.47 -2.12 -28.90
CA ASN A 41 -31.27 -3.23 -29.43
C ASN A 41 -31.68 -4.22 -28.34
N THR A 42 -31.06 -4.14 -27.17
CA THR A 42 -31.38 -5.05 -26.07
C THR A 42 -32.79 -4.82 -25.55
N PHE A 43 -33.07 -3.59 -25.10
CA PHE A 43 -34.31 -3.30 -24.39
C PHE A 43 -35.29 -2.47 -25.20
N PHE A 44 -34.98 -2.12 -26.44
CA PHE A 44 -35.84 -1.23 -27.22
C PHE A 44 -35.87 -1.71 -28.68
N SER A 45 -37.00 -2.27 -29.09
CA SER A 45 -37.20 -2.54 -30.50
C SER A 45 -37.58 -1.26 -31.23
N GLU A 46 -37.55 -1.33 -32.56
CA GLU A 46 -37.73 -0.17 -33.42
C GLU A 46 -38.92 -0.38 -34.34
N THR A 47 -39.72 0.67 -34.52
CA THR A 47 -40.82 0.62 -35.47
C THR A 47 -40.31 0.87 -36.88
N GLY A 48 -41.25 0.98 -37.83
CA GLY A 48 -40.89 1.30 -39.19
C GLY A 48 -40.38 2.72 -39.35
N ALA A 49 -40.93 3.65 -38.59
CA ALA A 49 -40.42 5.01 -38.54
C ALA A 49 -39.34 5.09 -37.46
N GLY A 50 -38.94 6.31 -37.11
CA GLY A 50 -37.92 6.50 -36.10
C GLY A 50 -38.45 6.61 -34.70
N LYS A 51 -39.31 5.67 -34.29
CA LYS A 51 -39.83 5.63 -32.94
C LYS A 51 -39.54 4.26 -32.34
N HIS A 52 -39.12 4.25 -31.07
CA HIS A 52 -38.78 3.02 -30.37
C HIS A 52 -39.77 2.80 -29.24
N VAL A 53 -39.88 1.54 -28.81
CA VAL A 53 -40.79 1.17 -27.72
C VAL A 53 -40.07 0.34 -26.67
N PRO A 54 -40.46 0.44 -25.41
CA PRO A 54 -39.87 -0.42 -24.37
C PRO A 54 -40.41 -1.84 -24.45
N ARG A 55 -39.61 -2.76 -23.93
CA ARG A 55 -39.98 -4.17 -23.90
C ARG A 55 -40.59 -4.55 -22.55
N ALA A 56 -41.68 -3.85 -22.21
CA ALA A 56 -42.30 -3.99 -20.90
C ALA A 56 -43.63 -4.73 -21.02
N VAL A 57 -43.92 -5.57 -20.03
CA VAL A 57 -45.21 -6.24 -19.90
C VAL A 57 -45.71 -5.90 -18.50
N PHE A 58 -46.53 -4.88 -18.38
CA PHE A 58 -47.06 -4.47 -17.10
C PHE A 58 -48.39 -5.16 -16.86
N VAL A 59 -48.53 -5.77 -15.68
CA VAL A 59 -49.72 -6.55 -15.36
C VAL A 59 -50.06 -6.32 -13.89
N ASP A 60 -51.36 -6.21 -13.60
CA ASP A 60 -51.87 -6.11 -12.25
C ASP A 60 -53.34 -6.49 -12.29
N LEU A 61 -53.86 -6.91 -11.14
CA LEU A 61 -55.26 -7.29 -11.01
C LEU A 61 -56.16 -6.11 -10.65
N GLU A 62 -55.60 -4.92 -10.47
CA GLU A 62 -56.36 -3.72 -10.18
C GLU A 62 -55.96 -2.62 -11.15
N PRO A 63 -56.93 -1.83 -11.62
CA PRO A 63 -56.63 -0.85 -12.67
C PRO A 63 -56.20 0.53 -12.18
N THR A 64 -56.03 0.73 -10.87
CA THR A 64 -55.76 2.08 -10.36
C THR A 64 -54.34 2.52 -10.69
N VAL A 65 -53.36 1.66 -10.40
CA VAL A 65 -51.97 2.05 -10.56
C VAL A 65 -51.53 1.98 -12.02
N ILE A 66 -52.27 1.27 -12.87
CA ILE A 66 -51.91 1.19 -14.29
C ILE A 66 -52.25 2.49 -14.99
N ASP A 67 -53.42 3.07 -14.66
CA ASP A 67 -53.91 4.25 -15.37
C ASP A 67 -53.06 5.49 -15.15
N GLU A 68 -52.23 5.50 -14.09
CA GLU A 68 -51.29 6.59 -13.92
C GLU A 68 -50.16 6.54 -14.94
N VAL A 69 -49.89 5.37 -15.51
CA VAL A 69 -49.01 5.30 -16.67
C VAL A 69 -49.78 5.69 -17.93
N ARG A 70 -51.07 5.34 -17.99
CA ARG A 70 -51.88 5.64 -19.16
C ARG A 70 -52.17 7.13 -19.32
N THR A 71 -52.09 7.91 -18.25
CA THR A 71 -52.34 9.33 -18.33
C THR A 71 -51.15 10.18 -17.89
N GLY A 72 -50.05 9.57 -17.48
CA GLY A 72 -48.93 10.29 -16.94
C GLY A 72 -48.00 10.83 -18.01
N THR A 73 -46.76 11.08 -17.61
CA THR A 73 -45.77 11.65 -18.51
C THR A 73 -45.36 10.65 -19.59
N TYR A 74 -45.24 9.37 -19.21
CA TYR A 74 -44.96 8.32 -20.19
C TYR A 74 -46.24 7.77 -20.81
N ARG A 75 -47.07 8.67 -21.34
CA ARG A 75 -48.33 8.25 -21.93
C ARG A 75 -48.12 7.59 -23.28
N GLN A 76 -47.52 8.31 -24.22
CA GLN A 76 -47.38 7.85 -25.59
C GLN A 76 -46.09 7.08 -25.83
N LEU A 77 -45.54 6.43 -24.80
CA LEU A 77 -44.36 5.62 -24.98
C LEU A 77 -44.66 4.13 -25.05
N PHE A 78 -45.55 3.64 -24.19
CA PHE A 78 -45.82 2.22 -24.07
C PHE A 78 -46.97 1.82 -24.98
N HIS A 79 -46.86 0.64 -25.57
CA HIS A 79 -47.89 0.08 -26.44
C HIS A 79 -49.10 -0.28 -25.59
N PRO A 80 -50.29 0.26 -25.88
CA PRO A 80 -51.47 -0.02 -25.03
C PRO A 80 -51.98 -1.45 -25.10
N GLU A 81 -51.41 -2.32 -25.92
CA GLU A 81 -51.68 -3.75 -25.85
C GLU A 81 -50.89 -4.45 -24.76
N GLN A 82 -50.14 -3.71 -23.94
CA GLN A 82 -49.27 -4.28 -22.94
C GLN A 82 -49.65 -3.91 -21.51
N LEU A 83 -50.64 -3.06 -21.33
CA LEU A 83 -51.06 -2.63 -20.00
C LEU A 83 -52.28 -3.44 -19.57
N ILE A 84 -52.02 -4.72 -19.28
CA ILE A 84 -53.10 -5.66 -19.01
C ILE A 84 -53.65 -5.44 -17.61
N THR A 85 -54.94 -5.13 -17.53
CA THR A 85 -55.63 -4.89 -16.27
C THR A 85 -56.75 -5.90 -16.09
N GLY A 86 -57.51 -5.73 -15.02
CA GLY A 86 -58.62 -6.60 -14.71
C GLY A 86 -59.67 -5.87 -13.91
N LYS A 87 -60.72 -6.60 -13.54
CA LYS A 87 -61.82 -5.99 -12.80
C LYS A 87 -61.51 -5.92 -11.31
N GLU A 88 -61.34 -7.06 -10.66
CA GLU A 88 -61.20 -7.13 -9.22
C GLU A 88 -59.78 -7.54 -8.85
N ASP A 89 -59.26 -6.92 -7.79
CA ASP A 89 -57.91 -7.19 -7.33
C ASP A 89 -57.87 -8.43 -6.44
N ALA A 90 -56.65 -8.90 -6.17
CA ALA A 90 -56.48 -10.03 -5.25
C ALA A 90 -56.77 -9.62 -3.83
N ALA A 91 -56.42 -8.38 -3.47
CA ALA A 91 -56.65 -7.77 -2.16
C ALA A 91 -56.00 -8.58 -1.04
N ASN A 92 -54.70 -8.83 -1.21
CA ASN A 92 -53.84 -9.55 -0.25
C ASN A 92 -54.39 -10.95 0.03
N ASN A 93 -54.43 -11.76 -1.03
CA ASN A 93 -55.03 -13.09 -0.94
C ASN A 93 -54.34 -13.97 -1.97
N TYR A 94 -53.75 -15.07 -1.52
CA TYR A 94 -53.13 -16.01 -2.46
C TYR A 94 -54.20 -16.78 -3.24
N ALA A 95 -55.39 -16.96 -2.65
CA ALA A 95 -56.45 -17.68 -3.33
C ALA A 95 -57.03 -16.85 -4.46
N ARG A 96 -57.15 -15.54 -4.26
CA ARG A 96 -57.57 -14.64 -5.32
C ARG A 96 -56.41 -14.15 -6.18
N GLY A 97 -55.26 -14.79 -6.06
CA GLY A 97 -54.13 -14.47 -6.91
C GLY A 97 -53.64 -15.67 -7.70
N HIS A 98 -53.96 -16.87 -7.22
CA HIS A 98 -53.46 -18.09 -7.83
C HIS A 98 -54.55 -19.08 -8.22
N TYR A 99 -55.70 -19.08 -7.55
CA TYR A 99 -56.73 -20.07 -7.83
C TYR A 99 -58.04 -19.51 -8.37
N THR A 100 -58.33 -18.23 -8.15
CA THR A 100 -59.63 -17.68 -8.54
C THR A 100 -59.52 -16.62 -9.61
N ILE A 101 -58.77 -15.55 -9.36
CA ILE A 101 -58.68 -14.46 -10.33
C ILE A 101 -57.51 -14.66 -11.28
N GLY A 102 -56.40 -15.20 -10.77
CA GLY A 102 -55.22 -15.42 -11.58
C GLY A 102 -55.38 -16.51 -12.62
N LYS A 103 -56.40 -17.36 -12.49
CA LYS A 103 -56.67 -18.36 -13.51
C LYS A 103 -57.20 -17.76 -14.80
N GLU A 104 -57.76 -16.54 -14.74
CA GLU A 104 -58.40 -15.97 -15.91
C GLU A 104 -57.38 -15.42 -16.90
N ILE A 105 -56.61 -14.42 -16.48
CA ILE A 105 -55.76 -13.67 -17.40
C ILE A 105 -54.34 -14.24 -17.44
N ILE A 106 -54.14 -15.47 -16.95
CA ILE A 106 -52.84 -16.10 -17.14
C ILE A 106 -52.68 -16.55 -18.58
N ASP A 107 -53.80 -16.79 -19.28
CA ASP A 107 -53.78 -17.14 -20.69
C ASP A 107 -54.03 -15.92 -21.57
N LEU A 108 -53.69 -14.72 -21.08
CA LEU A 108 -53.84 -13.48 -21.82
C LEU A 108 -52.52 -12.72 -21.83
N VAL A 109 -51.76 -12.84 -20.75
CA VAL A 109 -50.45 -12.22 -20.67
C VAL A 109 -49.47 -12.96 -21.58
N LEU A 110 -49.60 -14.29 -21.67
CA LEU A 110 -48.72 -15.13 -22.46
C LEU A 110 -48.84 -14.87 -23.96
N ASP A 111 -49.92 -14.23 -24.41
CA ASP A 111 -50.04 -13.89 -25.81
C ASP A 111 -49.09 -12.76 -26.19
N ARG A 112 -49.00 -11.72 -25.35
CA ARG A 112 -48.15 -10.57 -25.67
C ARG A 112 -46.68 -10.89 -25.48
N ILE A 113 -46.37 -11.84 -24.60
CA ILE A 113 -44.96 -12.17 -24.36
C ILE A 113 -44.38 -12.91 -25.55
N ARG A 114 -45.14 -13.84 -26.13
CA ARG A 114 -44.63 -14.60 -27.26
C ARG A 114 -44.53 -13.72 -28.51
N LYS A 115 -45.39 -12.71 -28.63
CA LYS A 115 -45.26 -11.77 -29.73
C LYS A 115 -44.04 -10.87 -29.58
N LEU A 116 -43.55 -10.66 -28.36
CA LEU A 116 -42.28 -9.98 -28.19
C LEU A 116 -41.11 -10.87 -28.61
N ALA A 117 -41.21 -12.16 -28.30
CA ALA A 117 -40.15 -13.08 -28.69
C ALA A 117 -40.12 -13.35 -30.18
N ASP A 118 -41.25 -13.16 -30.88
CA ASP A 118 -41.30 -13.40 -32.31
C ASP A 118 -40.51 -12.34 -33.09
N GLN A 119 -40.36 -11.14 -32.55
CA GLN A 119 -39.53 -10.11 -33.18
C GLN A 119 -38.15 -10.01 -32.55
N CYS A 120 -37.68 -11.08 -31.91
CA CYS A 120 -36.36 -11.10 -31.30
C CYS A 120 -35.70 -12.45 -31.56
N THR A 121 -34.37 -12.43 -31.55
CA THR A 121 -33.60 -13.66 -31.70
C THR A 121 -32.62 -13.91 -30.57
N GLY A 122 -32.05 -12.87 -29.96
CA GLY A 122 -31.17 -13.04 -28.84
C GLY A 122 -31.88 -12.90 -27.50
N LEU A 123 -32.97 -13.63 -27.34
CA LEU A 123 -33.75 -13.58 -26.09
C LEU A 123 -32.99 -14.35 -25.03
N GLN A 124 -32.28 -13.62 -24.17
CA GLN A 124 -31.48 -14.28 -23.14
C GLN A 124 -32.32 -14.68 -21.94
N GLY A 125 -32.99 -13.73 -21.31
CA GLY A 125 -33.71 -14.03 -20.10
C GLY A 125 -34.90 -13.14 -19.81
N PHE A 126 -35.46 -13.30 -18.63
CA PHE A 126 -36.64 -12.56 -18.19
C PHE A 126 -36.27 -11.69 -16.99
N LEU A 127 -37.17 -10.78 -16.65
CA LEU A 127 -37.03 -9.97 -15.44
C LEU A 127 -38.40 -9.89 -14.78
N VAL A 128 -38.62 -10.70 -13.76
CA VAL A 128 -39.89 -10.76 -13.05
C VAL A 128 -39.75 -9.93 -11.78
N PHE A 129 -40.43 -8.79 -11.73
CA PHE A 129 -40.30 -7.86 -10.62
C PHE A 129 -41.62 -7.88 -9.85
N HIS A 130 -41.59 -8.37 -8.62
CA HIS A 130 -42.81 -8.44 -7.82
C HIS A 130 -42.43 -8.33 -6.35
N SER A 131 -43.39 -8.61 -5.47
CA SER A 131 -43.19 -8.58 -4.03
C SER A 131 -43.68 -9.88 -3.42
N PHE A 132 -43.31 -10.07 -2.15
CA PHE A 132 -43.75 -11.22 -1.38
C PHE A 132 -44.90 -10.92 -0.44
N GLY A 133 -45.12 -9.65 -0.09
CA GLY A 133 -46.13 -9.33 0.90
C GLY A 133 -47.54 -9.40 0.33
N GLY A 134 -47.76 -8.76 -0.81
CA GLY A 134 -49.08 -8.70 -1.38
C GLY A 134 -49.51 -10.02 -2.00
N GLY A 135 -50.80 -10.06 -2.37
CA GLY A 135 -51.33 -11.28 -2.96
C GLY A 135 -50.99 -11.42 -4.42
N THR A 136 -51.08 -10.31 -5.18
CA THR A 136 -50.88 -10.37 -6.62
C THR A 136 -49.43 -10.66 -6.97
N GLY A 137 -48.49 -10.01 -6.26
CA GLY A 137 -47.08 -10.29 -6.47
C GLY A 137 -46.65 -11.66 -5.99
N SER A 138 -47.46 -12.32 -5.17
CA SER A 138 -47.20 -13.68 -4.73
C SER A 138 -48.01 -14.71 -5.49
N GLY A 139 -49.29 -14.45 -5.70
CA GLY A 139 -50.15 -15.46 -6.31
C GLY A 139 -50.03 -15.49 -7.82
N PHE A 140 -50.18 -14.33 -8.46
CA PHE A 140 -50.13 -14.26 -9.92
C PHE A 140 -48.73 -14.52 -10.46
N THR A 141 -47.70 -14.28 -9.64
CA THR A 141 -46.34 -14.63 -10.04
C THR A 141 -46.17 -16.15 -10.03
N SER A 142 -46.68 -16.82 -9.00
CA SER A 142 -46.43 -18.23 -8.81
C SER A 142 -47.10 -19.09 -9.88
N LEU A 143 -48.27 -18.68 -10.37
CA LEU A 143 -48.85 -19.36 -11.51
C LEU A 143 -48.10 -19.01 -12.79
N LEU A 144 -47.55 -17.80 -12.88
CA LEU A 144 -46.80 -17.40 -14.07
C LEU A 144 -45.48 -18.15 -14.18
N MET A 145 -44.89 -18.54 -13.04
CA MET A 145 -43.62 -19.24 -13.08
C MET A 145 -43.75 -20.67 -13.62
N GLU A 146 -44.95 -21.24 -13.59
CA GLU A 146 -45.16 -22.52 -14.27
C GLU A 146 -45.10 -22.33 -15.78
N ARG A 147 -45.95 -21.46 -16.32
CA ARG A 147 -46.14 -21.34 -17.75
C ARG A 147 -44.93 -20.77 -18.48
N LEU A 148 -44.08 -20.02 -17.79
CA LEU A 148 -42.84 -19.59 -18.41
C LEU A 148 -41.86 -20.76 -18.52
N SER A 149 -41.83 -21.62 -17.51
CA SER A 149 -40.97 -22.80 -17.57
C SER A 149 -41.49 -23.85 -18.53
N VAL A 150 -42.81 -23.88 -18.76
CA VAL A 150 -43.36 -24.80 -19.75
C VAL A 150 -42.98 -24.36 -21.15
N ASP A 151 -43.12 -23.07 -21.44
CA ASP A 151 -42.98 -22.61 -22.82
C ASP A 151 -41.51 -22.45 -23.20
N TYR A 152 -40.77 -21.61 -22.47
CA TYR A 152 -39.40 -21.30 -22.83
C TYR A 152 -38.38 -22.17 -22.10
N GLY A 153 -38.38 -22.14 -20.78
CA GLY A 153 -37.54 -23.05 -20.02
C GLY A 153 -36.07 -22.71 -19.94
N LYS A 154 -35.39 -22.70 -21.08
CA LYS A 154 -33.94 -22.49 -21.09
C LYS A 154 -33.55 -21.06 -20.79
N LYS A 155 -34.47 -20.12 -20.89
CA LYS A 155 -34.13 -18.71 -20.77
C LYS A 155 -34.05 -18.35 -19.30
N SER A 156 -32.93 -17.72 -18.91
CA SER A 156 -32.60 -17.57 -17.49
C SER A 156 -33.49 -16.52 -16.85
N LYS A 157 -34.44 -16.99 -16.04
CA LYS A 157 -35.36 -16.11 -15.34
C LYS A 157 -34.69 -15.52 -14.11
N LEU A 158 -35.14 -14.33 -13.71
CA LEU A 158 -34.60 -13.63 -12.55
C LEU A 158 -35.74 -12.99 -11.77
N GLU A 159 -35.45 -12.65 -10.51
CA GLU A 159 -36.42 -12.02 -9.64
C GLU A 159 -35.74 -10.95 -8.79
N PHE A 160 -36.21 -9.71 -8.90
CA PHE A 160 -35.91 -8.69 -7.90
C PHE A 160 -37.05 -8.57 -6.90
N SER A 161 -37.36 -9.69 -6.26
CA SER A 161 -38.54 -9.80 -5.43
C SER A 161 -38.33 -9.07 -4.11
N ILE A 162 -39.35 -8.35 -3.67
CA ILE A 162 -39.28 -7.60 -2.43
C ILE A 162 -39.40 -8.55 -1.26
N TYR A 163 -38.35 -8.65 -0.46
CA TYR A 163 -38.35 -9.51 0.71
C TYR A 163 -39.20 -8.86 1.81
N PRO A 164 -40.00 -9.64 2.54
CA PRO A 164 -40.82 -9.05 3.59
C PRO A 164 -39.97 -8.64 4.79
N ALA A 165 -40.26 -7.45 5.31
CA ALA A 165 -39.43 -6.87 6.35
C ALA A 165 -39.66 -7.60 7.67
N PRO A 166 -38.60 -7.82 8.46
CA PRO A 166 -38.78 -8.53 9.73
C PRO A 166 -39.47 -7.71 10.80
N GLN A 167 -39.27 -6.39 10.83
CA GLN A 167 -39.86 -5.55 11.88
C GLN A 167 -40.68 -4.40 11.31
N VAL A 168 -41.06 -4.48 10.03
CA VAL A 168 -42.00 -3.54 9.43
C VAL A 168 -43.09 -4.35 8.75
N SER A 169 -44.32 -4.24 9.24
CA SER A 169 -45.44 -5.02 8.74
C SER A 169 -46.43 -4.11 8.06
N THR A 170 -46.63 -4.31 6.75
CA THR A 170 -47.63 -3.57 5.99
C THR A 170 -48.89 -4.39 5.73
N ALA A 171 -48.85 -5.69 5.99
CA ALA A 171 -50.00 -6.55 5.84
C ALA A 171 -49.94 -7.67 6.86
N VAL A 172 -51.13 -8.10 7.31
CA VAL A 172 -51.22 -9.15 8.30
C VAL A 172 -50.91 -10.50 7.67
N VAL A 173 -51.16 -10.64 6.37
CA VAL A 173 -51.09 -11.93 5.70
C VAL A 173 -49.72 -12.15 5.05
N GLU A 174 -48.71 -11.39 5.51
CA GLU A 174 -47.37 -11.60 5.00
C GLU A 174 -46.74 -12.95 5.34
N PRO A 175 -46.90 -13.56 6.54
CA PRO A 175 -46.36 -14.92 6.72
C PRO A 175 -47.10 -16.01 5.97
N TYR A 176 -48.25 -15.72 5.36
CA TYR A 176 -48.89 -16.68 4.48
C TYR A 176 -48.52 -16.48 3.03
N ASN A 177 -48.43 -15.23 2.57
CA ASN A 177 -48.07 -14.96 1.20
C ASN A 177 -46.57 -14.97 0.96
N SER A 178 -45.76 -15.29 1.96
CA SER A 178 -44.35 -15.51 1.72
C SER A 178 -44.02 -17.00 1.65
N ILE A 179 -44.60 -17.78 2.56
CA ILE A 179 -44.28 -19.21 2.63
C ILE A 179 -44.92 -19.96 1.47
N LEU A 180 -46.19 -19.65 1.18
CA LEU A 180 -46.91 -20.40 0.16
C LEU A 180 -46.41 -20.09 -1.25
N THR A 181 -45.84 -18.90 -1.46
CA THR A 181 -45.23 -18.61 -2.74
C THR A 181 -43.79 -19.10 -2.83
N THR A 182 -43.20 -19.49 -1.71
CA THR A 182 -41.83 -19.99 -1.73
C THR A 182 -41.79 -21.43 -2.22
N HIS A 183 -42.80 -22.22 -1.86
CA HIS A 183 -42.88 -23.60 -2.32
C HIS A 183 -43.09 -23.69 -3.81
N THR A 184 -43.81 -22.76 -4.41
CA THR A 184 -44.09 -22.84 -5.83
C THR A 184 -42.89 -22.39 -6.66
N THR A 185 -42.28 -21.27 -6.29
CA THR A 185 -41.19 -20.72 -7.09
C THR A 185 -39.89 -21.48 -6.93
N LEU A 186 -39.79 -22.36 -5.94
CA LEU A 186 -38.58 -23.16 -5.76
C LEU A 186 -38.45 -24.21 -6.85
N GLU A 187 -39.57 -24.62 -7.45
CA GLU A 187 -39.53 -25.61 -8.52
C GLU A 187 -39.16 -24.99 -9.87
N HIS A 188 -39.37 -23.69 -10.03
CA HIS A 188 -39.28 -23.10 -11.37
C HIS A 188 -38.19 -22.06 -11.53
N SER A 189 -37.96 -21.21 -10.52
CA SER A 189 -37.10 -20.06 -10.69
C SER A 189 -35.63 -20.47 -10.72
N ASP A 190 -34.77 -19.51 -11.01
CA ASP A 190 -33.34 -19.77 -11.11
C ASP A 190 -32.51 -18.93 -10.16
N CYS A 191 -32.85 -17.66 -9.97
CA CYS A 191 -32.07 -16.81 -9.08
C CYS A 191 -32.97 -15.67 -8.61
N ALA A 192 -33.23 -15.61 -7.31
CA ALA A 192 -34.13 -14.62 -6.72
C ALA A 192 -33.31 -13.66 -5.88
N PHE A 193 -33.28 -12.40 -6.30
CA PHE A 193 -32.57 -11.36 -5.58
C PHE A 193 -33.50 -10.69 -4.58
N MET A 194 -33.00 -10.44 -3.38
CA MET A 194 -33.81 -9.89 -2.30
C MET A 194 -33.42 -8.43 -2.05
N VAL A 195 -34.43 -7.57 -1.98
CA VAL A 195 -34.29 -6.18 -1.56
C VAL A 195 -35.39 -5.90 -0.56
N ASP A 196 -35.02 -5.45 0.64
CA ASP A 196 -35.98 -5.24 1.71
C ASP A 196 -36.13 -3.74 1.98
N ASN A 197 -37.31 -3.37 2.48
CA ASN A 197 -37.61 -1.96 2.67
C ASN A 197 -36.90 -1.39 3.89
N GLU A 198 -36.78 -2.18 4.96
CA GLU A 198 -36.33 -1.65 6.26
C GLU A 198 -34.88 -1.18 6.19
N ALA A 199 -34.03 -1.90 5.47
CA ALA A 199 -32.64 -1.49 5.37
C ALA A 199 -32.45 -0.29 4.47
N ILE A 200 -33.39 -0.02 3.56
CA ILE A 200 -33.28 1.17 2.71
C ILE A 200 -33.59 2.42 3.53
N TYR A 201 -34.55 2.33 4.45
CA TYR A 201 -34.80 3.45 5.36
C TYR A 201 -33.63 3.67 6.31
N ASP A 202 -32.85 2.62 6.57
CA ASP A 202 -31.63 2.78 7.37
C ASP A 202 -30.57 3.55 6.57
N ILE A 203 -30.46 3.26 5.28
CA ILE A 203 -29.44 3.91 4.46
C ILE A 203 -29.84 5.33 4.11
N CYS A 204 -31.06 5.52 3.61
CA CYS A 204 -31.47 6.82 3.05
C CYS A 204 -31.64 7.89 4.12
N ARG A 205 -31.82 7.51 5.39
CA ARG A 205 -31.78 8.49 6.45
C ARG A 205 -30.35 8.80 6.84
N ARG A 206 -29.49 7.78 6.92
CA ARG A 206 -28.14 7.98 7.42
C ARG A 206 -27.20 8.47 6.32
N ASN A 207 -27.30 7.91 5.11
CA ASN A 207 -26.33 8.19 4.07
C ASN A 207 -26.83 9.16 3.00
N LEU A 208 -28.12 9.51 3.01
CA LEU A 208 -28.64 10.55 2.13
C LEU A 208 -29.19 11.74 2.90
N ASP A 209 -29.21 11.66 4.24
CA ASP A 209 -29.63 12.75 5.13
C ASP A 209 -31.06 13.20 4.89
N ILE A 210 -31.93 12.27 4.48
CA ILE A 210 -33.34 12.53 4.26
C ILE A 210 -34.12 11.64 5.21
N GLU A 211 -34.79 12.25 6.18
CA GLU A 211 -35.48 11.47 7.20
C GLU A 211 -36.89 11.05 6.77
N ARG A 212 -37.45 11.70 5.75
CA ARG A 212 -38.79 11.36 5.27
C ARG A 212 -38.74 11.10 3.77
N PRO A 213 -38.45 9.87 3.36
CA PRO A 213 -38.54 9.52 1.95
C PRO A 213 -39.94 9.02 1.59
N THR A 214 -40.16 8.90 0.29
CA THR A 214 -41.39 8.32 -0.24
C THR A 214 -41.05 7.05 -1.01
N TYR A 215 -42.10 6.30 -1.35
CA TYR A 215 -41.95 5.05 -2.09
C TYR A 215 -41.40 5.29 -3.48
N THR A 216 -41.68 6.46 -4.07
CA THR A 216 -41.02 6.85 -5.31
C THR A 216 -39.54 7.09 -5.06
N ASN A 217 -39.19 7.67 -3.91
CA ASN A 217 -37.80 7.94 -3.61
C ASN A 217 -37.05 6.67 -3.20
N LEU A 218 -37.74 5.67 -2.67
CA LEU A 218 -37.09 4.38 -2.45
C LEU A 218 -36.87 3.64 -3.75
N ASN A 219 -37.72 3.87 -4.75
CA ASN A 219 -37.55 3.22 -6.04
C ASN A 219 -36.42 3.81 -6.86
N ARG A 220 -35.91 4.98 -6.49
CA ARG A 220 -34.80 5.57 -7.22
C ARG A 220 -33.50 4.81 -6.97
N LEU A 221 -33.31 4.28 -5.78
CA LEU A 221 -32.11 3.50 -5.49
C LEU A 221 -32.20 2.09 -6.02
N ILE A 222 -33.41 1.56 -6.18
CA ILE A 222 -33.57 0.20 -6.69
C ILE A 222 -33.21 0.16 -8.17
N SER A 223 -33.44 1.25 -8.89
CA SER A 223 -33.10 1.33 -10.30
C SER A 223 -31.59 1.36 -10.53
N GLN A 224 -30.80 1.67 -9.50
CA GLN A 224 -29.35 1.58 -9.64
C GLN A 224 -28.90 0.13 -9.77
N ILE A 225 -29.60 -0.79 -9.10
CA ILE A 225 -29.24 -2.20 -9.19
C ILE A 225 -29.66 -2.77 -10.54
N VAL A 226 -30.81 -2.32 -11.05
CA VAL A 226 -31.35 -2.83 -12.30
C VAL A 226 -30.47 -2.42 -13.46
N SER A 227 -29.95 -1.20 -13.44
CA SER A 227 -29.09 -0.74 -14.53
C SER A 227 -27.69 -1.33 -14.42
N SER A 228 -27.23 -1.64 -13.21
CA SER A 228 -25.87 -2.12 -13.02
C SER A 228 -25.71 -3.61 -13.27
N ILE A 229 -26.79 -4.38 -13.18
CA ILE A 229 -26.72 -5.79 -13.57
C ILE A 229 -26.87 -5.93 -15.09
N THR A 230 -27.75 -5.14 -15.69
CA THR A 230 -27.93 -5.11 -17.12
C THR A 230 -26.99 -4.12 -17.81
N ALA A 231 -25.88 -3.78 -17.17
CA ALA A 231 -24.93 -2.85 -17.76
C ALA A 231 -24.06 -3.50 -18.82
N SER A 232 -23.81 -4.80 -18.70
CA SER A 232 -22.97 -5.50 -19.65
C SER A 232 -23.71 -5.89 -20.93
N LEU A 233 -24.99 -5.58 -21.03
CA LEU A 233 -25.75 -5.84 -22.24
C LEU A 233 -25.91 -4.59 -23.10
N ARG A 234 -26.30 -3.47 -22.47
CA ARG A 234 -26.54 -2.25 -23.23
C ARG A 234 -25.22 -1.61 -23.64
N PHE A 235 -24.41 -1.22 -22.67
CA PHE A 235 -23.10 -0.70 -22.99
C PHE A 235 -22.10 -1.84 -23.14
N ASP A 236 -20.90 -1.52 -23.59
CA ASP A 236 -19.81 -2.47 -23.66
C ASP A 236 -18.77 -2.14 -22.60
N GLY A 237 -18.26 -3.19 -21.93
CA GLY A 237 -17.29 -3.03 -20.87
C GLY A 237 -16.01 -3.80 -21.15
N ALA A 238 -14.99 -3.51 -20.34
CA ALA A 238 -13.71 -4.17 -20.48
C ALA A 238 -13.78 -5.63 -20.06
N LEU A 239 -14.70 -5.95 -19.16
CA LEU A 239 -14.92 -7.34 -18.75
C LEU A 239 -16.39 -7.48 -18.42
N ASN A 240 -17.14 -8.13 -19.31
CA ASN A 240 -18.59 -8.16 -19.25
C ASN A 240 -19.08 -9.38 -18.49
N VAL A 241 -20.40 -9.56 -18.46
CA VAL A 241 -21.05 -10.62 -17.72
C VAL A 241 -22.40 -10.88 -18.38
N ASP A 242 -22.76 -12.16 -18.50
CA ASP A 242 -24.00 -12.54 -19.15
C ASP A 242 -25.04 -12.93 -18.10
N LEU A 243 -26.32 -12.86 -18.50
CA LEU A 243 -27.39 -13.27 -17.60
C LEU A 243 -27.45 -14.78 -17.43
N THR A 244 -26.86 -15.54 -18.34
CA THR A 244 -26.75 -16.97 -18.11
C THR A 244 -25.68 -17.26 -17.07
N GLU A 245 -24.71 -16.36 -16.90
CA GLU A 245 -23.60 -16.58 -15.99
C GLU A 245 -24.00 -16.46 -14.52
N PHE A 246 -25.07 -15.71 -14.22
CA PHE A 246 -25.43 -15.48 -12.81
C PHE A 246 -25.96 -16.74 -12.15
N GLN A 247 -26.66 -17.58 -12.90
CA GLN A 247 -27.17 -18.82 -12.31
C GLN A 247 -26.10 -19.90 -12.24
N THR A 248 -24.90 -19.65 -12.74
CA THR A 248 -23.80 -20.58 -12.57
C THR A 248 -22.79 -20.07 -11.56
N ASN A 249 -22.54 -18.75 -11.56
CA ASN A 249 -21.57 -18.19 -10.63
C ASN A 249 -22.09 -18.09 -9.20
N LEU A 250 -23.40 -18.08 -8.99
CA LEU A 250 -23.96 -17.80 -7.68
C LEU A 250 -24.88 -18.88 -7.14
N VAL A 251 -25.05 -19.98 -7.85
CA VAL A 251 -25.95 -21.07 -7.44
C VAL A 251 -25.10 -22.32 -7.24
N PRO A 252 -24.70 -22.61 -6.01
CA PRO A 252 -23.93 -23.83 -5.76
C PRO A 252 -24.80 -25.06 -5.62
N TYR A 253 -26.04 -24.88 -5.16
CA TYR A 253 -26.98 -25.95 -4.92
C TYR A 253 -28.31 -25.54 -5.52
N PRO A 254 -29.04 -26.49 -6.13
CA PRO A 254 -30.26 -26.10 -6.88
C PRO A 254 -31.40 -25.69 -5.99
N ARG A 255 -31.41 -26.10 -4.72
CA ARG A 255 -32.47 -25.75 -3.80
C ARG A 255 -32.20 -24.44 -3.06
N ILE A 256 -31.05 -23.81 -3.30
CA ILE A 256 -30.71 -22.53 -2.68
C ILE A 256 -30.39 -21.56 -3.81
N HIS A 257 -31.28 -20.59 -4.01
CA HIS A 257 -31.07 -19.57 -5.03
C HIS A 257 -31.43 -18.19 -4.50
N PHE A 258 -30.99 -17.90 -3.27
CA PHE A 258 -31.28 -16.60 -2.64
C PHE A 258 -29.99 -15.83 -2.39
N PRO A 259 -29.50 -15.05 -3.35
CA PRO A 259 -28.48 -14.05 -3.01
C PRO A 259 -29.12 -12.75 -2.57
N LEU A 260 -28.32 -11.73 -2.32
CA LEU A 260 -28.84 -10.41 -2.00
C LEU A 260 -27.98 -9.35 -2.65
N ALA A 261 -28.48 -8.12 -2.65
CA ALA A 261 -27.88 -7.02 -3.40
C ALA A 261 -27.36 -5.96 -2.45
N THR A 262 -26.31 -5.26 -2.89
CA THR A 262 -25.67 -4.20 -2.12
C THR A 262 -25.15 -3.16 -3.09
N TYR A 263 -25.44 -1.89 -2.83
CA TYR A 263 -25.05 -0.81 -3.71
C TYR A 263 -24.22 0.21 -2.95
N ALA A 264 -23.19 0.74 -3.62
CA ALA A 264 -22.28 1.70 -3.03
C ALA A 264 -21.56 2.45 -4.13
N PRO A 265 -21.29 3.76 -3.99
CA PRO A 265 -21.58 4.64 -2.85
C PRO A 265 -22.98 5.23 -2.90
N VAL A 266 -23.50 5.60 -1.74
CA VAL A 266 -24.80 6.26 -1.62
C VAL A 266 -24.54 7.52 -0.79
N ILE A 267 -24.25 8.63 -1.46
CA ILE A 267 -23.94 9.90 -0.80
C ILE A 267 -24.74 11.01 -1.45
N SER A 268 -25.02 12.05 -0.66
CA SER A 268 -25.84 13.14 -1.16
C SER A 268 -25.02 14.08 -2.03
N ALA A 269 -25.69 15.09 -2.58
CA ALA A 269 -25.04 15.99 -3.53
C ALA A 269 -24.10 16.95 -2.83
N GLU A 270 -24.50 17.47 -1.67
CA GLU A 270 -23.62 18.35 -0.92
C GLU A 270 -22.52 17.60 -0.19
N LYS A 271 -22.67 16.29 -0.02
CA LYS A 271 -21.64 15.45 0.56
C LYS A 271 -20.80 14.78 -0.53
N ALA A 272 -21.14 15.02 -1.80
CA ALA A 272 -20.41 14.41 -2.91
C ALA A 272 -18.98 14.93 -3.03
N TYR A 273 -18.70 16.11 -2.47
CA TYR A 273 -17.35 16.60 -2.35
C TYR A 273 -16.65 15.96 -1.17
N HIS A 274 -15.50 16.51 -0.78
CA HIS A 274 -14.74 16.22 0.44
C HIS A 274 -14.14 14.82 0.47
N GLU A 275 -14.31 14.00 -0.57
CA GLU A 275 -13.67 12.71 -0.66
C GLU A 275 -13.54 12.34 -2.13
N GLN A 276 -12.57 11.48 -2.42
CA GLN A 276 -12.24 11.13 -3.80
C GLN A 276 -12.92 9.86 -4.28
N LEU A 277 -13.55 9.10 -3.38
CA LEU A 277 -14.18 7.81 -3.65
C LEU A 277 -13.18 6.84 -4.28
N SER A 278 -12.17 6.50 -3.49
CA SER A 278 -11.17 5.53 -3.93
C SER A 278 -11.81 4.14 -4.02
N VAL A 279 -11.14 3.26 -4.78
CA VAL A 279 -11.71 1.97 -5.14
C VAL A 279 -11.84 1.05 -3.92
N ALA A 280 -11.00 1.23 -2.90
CA ALA A 280 -11.13 0.43 -1.70
C ALA A 280 -12.13 1.04 -0.73
N GLU A 281 -12.31 2.36 -0.76
CA GLU A 281 -13.30 3.00 0.08
C GLU A 281 -14.72 2.64 -0.39
N ILE A 282 -14.88 2.42 -1.69
CA ILE A 282 -16.20 2.11 -2.26
C ILE A 282 -16.39 0.61 -2.33
N THR A 283 -15.45 -0.16 -1.81
CA THR A 283 -15.57 -1.60 -1.76
C THR A 283 -15.60 -2.15 -0.34
N ASN A 284 -14.84 -1.56 0.58
CA ASN A 284 -15.04 -1.87 1.99
C ASN A 284 -16.38 -1.37 2.50
N ALA A 285 -16.97 -0.37 1.85
CA ALA A 285 -18.34 0.02 2.17
C ALA A 285 -19.35 -1.03 1.72
N CYS A 286 -19.01 -1.85 0.73
CA CYS A 286 -19.92 -2.89 0.29
C CYS A 286 -20.01 -4.02 1.30
N PHE A 287 -18.87 -4.60 1.67
CA PHE A 287 -18.84 -5.71 2.62
C PHE A 287 -19.09 -5.28 4.06
N GLU A 288 -19.18 -3.99 4.33
CA GLU A 288 -19.62 -3.51 5.63
C GLU A 288 -21.09 -3.89 5.83
N PRO A 289 -21.46 -4.45 6.99
CA PRO A 289 -22.86 -4.84 7.20
C PRO A 289 -23.80 -3.67 7.40
N ALA A 290 -23.30 -2.45 7.57
CA ALA A 290 -24.15 -1.28 7.79
C ALA A 290 -24.53 -0.58 6.50
N ASN A 291 -24.37 -1.23 5.34
CA ASN A 291 -24.71 -0.59 4.08
C ASN A 291 -25.49 -1.51 3.15
N GLN A 292 -26.02 -2.63 3.65
CA GLN A 292 -26.76 -3.53 2.80
C GLN A 292 -28.22 -3.12 2.71
N MET A 293 -28.88 -3.59 1.65
CA MET A 293 -30.30 -3.30 1.44
C MET A 293 -31.20 -4.43 1.92
N VAL A 294 -30.68 -5.38 2.68
CA VAL A 294 -31.48 -6.37 3.39
C VAL A 294 -30.98 -6.42 4.81
N LYS A 295 -31.87 -6.16 5.77
CA LYS A 295 -31.48 -6.10 7.18
C LYS A 295 -31.25 -7.52 7.69
N CYS A 296 -30.09 -8.06 7.35
CA CYS A 296 -29.62 -9.36 7.85
C CYS A 296 -28.11 -9.24 8.00
N ASP A 297 -27.63 -9.35 9.23
CA ASP A 297 -26.21 -9.16 9.49
C ASP A 297 -25.43 -10.39 9.00
N PRO A 298 -24.54 -10.24 8.02
CA PRO A 298 -23.86 -11.42 7.45
C PRO A 298 -22.74 -11.96 8.31
N ARG A 299 -22.31 -11.22 9.34
CA ARG A 299 -21.22 -11.68 10.19
C ARG A 299 -21.61 -12.86 11.07
N HIS A 300 -22.90 -13.17 11.18
CA HIS A 300 -23.37 -14.38 11.83
C HIS A 300 -23.54 -15.52 10.84
N GLY A 301 -23.08 -15.35 9.60
CA GLY A 301 -23.10 -16.41 8.61
C GLY A 301 -21.86 -16.39 7.74
N LYS A 302 -21.89 -17.10 6.64
CA LYS A 302 -20.77 -17.17 5.71
C LYS A 302 -21.26 -16.86 4.30
N TYR A 303 -20.31 -16.56 3.42
CA TYR A 303 -20.60 -16.29 2.01
C TYR A 303 -20.20 -17.52 1.19
N MET A 304 -21.17 -18.08 0.47
CA MET A 304 -20.86 -19.17 -0.43
C MET A 304 -20.13 -18.66 -1.67
N ALA A 305 -20.70 -17.66 -2.34
CA ALA A 305 -20.06 -17.07 -3.50
C ALA A 305 -20.53 -15.63 -3.62
N CYS A 306 -19.60 -14.73 -3.91
CA CYS A 306 -19.89 -13.31 -4.06
C CYS A 306 -19.70 -12.89 -5.51
N CYS A 307 -20.27 -11.73 -5.84
CA CYS A 307 -20.17 -11.18 -7.18
C CYS A 307 -19.91 -9.68 -7.07
N LEU A 308 -19.06 -9.17 -7.95
CA LEU A 308 -18.68 -7.76 -7.93
C LEU A 308 -18.90 -7.17 -9.31
N LEU A 309 -19.74 -6.15 -9.39
CA LEU A 309 -19.99 -5.42 -10.62
C LEU A 309 -19.43 -4.01 -10.48
N TYR A 310 -18.62 -3.60 -11.44
CA TYR A 310 -17.98 -2.29 -11.41
C TYR A 310 -18.37 -1.51 -12.65
N ARG A 311 -18.79 -0.27 -12.47
CA ARG A 311 -19.04 0.63 -13.58
C ARG A 311 -18.45 2.00 -13.27
N GLY A 312 -17.98 2.67 -14.31
CA GLY A 312 -17.29 3.94 -14.15
C GLY A 312 -15.83 3.83 -14.50
N ASP A 313 -15.00 4.72 -13.97
CA ASP A 313 -13.56 4.64 -14.19
C ASP A 313 -13.00 3.53 -13.33
N VAL A 314 -12.64 2.41 -13.96
CA VAL A 314 -12.25 1.19 -13.27
C VAL A 314 -10.93 0.70 -13.86
N VAL A 315 -9.93 0.58 -13.01
CA VAL A 315 -8.62 0.03 -13.38
C VAL A 315 -8.53 -1.37 -12.79
N PRO A 316 -8.11 -2.38 -13.57
CA PRO A 316 -8.08 -3.75 -13.04
C PRO A 316 -7.03 -3.98 -11.97
N LYS A 317 -5.95 -3.19 -11.95
CA LYS A 317 -5.02 -3.26 -10.82
C LYS A 317 -5.68 -2.74 -9.55
N ASP A 318 -6.60 -1.78 -9.70
CA ASP A 318 -7.30 -1.26 -8.54
C ASP A 318 -8.31 -2.26 -8.01
N VAL A 319 -8.94 -3.04 -8.91
CA VAL A 319 -9.87 -4.07 -8.46
C VAL A 319 -9.14 -5.22 -7.78
N ASN A 320 -7.98 -5.60 -8.35
CA ASN A 320 -7.17 -6.66 -7.77
C ASN A 320 -6.63 -6.25 -6.40
N ALA A 321 -6.27 -4.98 -6.24
CA ALA A 321 -5.86 -4.49 -4.94
C ALA A 321 -7.03 -4.43 -3.97
N ALA A 322 -8.25 -4.26 -4.49
CA ALA A 322 -9.40 -4.12 -3.61
C ALA A 322 -9.84 -5.45 -3.04
N ILE A 323 -9.80 -6.51 -3.85
CA ILE A 323 -10.33 -7.79 -3.42
C ILE A 323 -9.40 -8.46 -2.43
N ALA A 324 -8.08 -8.40 -2.68
CA ALA A 324 -7.13 -9.17 -1.90
C ALA A 324 -7.01 -8.66 -0.47
N THR A 325 -7.30 -7.39 -0.23
CA THR A 325 -7.29 -6.89 1.14
C THR A 325 -8.51 -7.37 1.92
N ILE A 326 -9.61 -7.62 1.22
CA ILE A 326 -10.83 -8.08 1.90
C ILE A 326 -10.67 -9.52 2.36
N LYS A 327 -10.03 -10.35 1.53
CA LYS A 327 -9.77 -11.73 1.91
C LYS A 327 -8.70 -11.87 2.99
N THR A 328 -7.98 -10.81 3.34
CA THR A 328 -7.08 -10.81 4.47
C THR A 328 -7.72 -10.24 5.74
N LYS A 329 -9.03 -10.42 5.88
CA LYS A 329 -9.77 -9.93 7.04
C LYS A 329 -10.50 -11.09 7.68
N ARG A 330 -11.12 -10.83 8.83
CA ARG A 330 -11.84 -11.86 9.55
C ARG A 330 -13.30 -11.52 9.84
N SER A 331 -13.73 -10.29 9.61
CA SER A 331 -15.16 -9.97 9.72
C SER A 331 -15.94 -10.63 8.59
N ILE A 332 -15.29 -10.87 7.45
CA ILE A 332 -15.85 -11.67 6.38
C ILE A 332 -15.17 -13.03 6.42
N GLN A 333 -15.96 -14.07 6.59
CA GLN A 333 -15.45 -15.45 6.62
C GLN A 333 -16.25 -16.28 5.62
N PHE A 334 -15.54 -16.90 4.68
CA PHE A 334 -16.20 -17.63 3.61
C PHE A 334 -16.47 -19.07 4.06
N VAL A 335 -17.16 -19.81 3.19
CA VAL A 335 -17.38 -21.23 3.43
C VAL A 335 -16.09 -21.95 3.04
N ASP A 336 -15.80 -23.03 3.76
CA ASP A 336 -14.48 -23.64 3.73
C ASP A 336 -14.12 -24.25 2.38
N TRP A 337 -15.11 -24.72 1.63
CA TRP A 337 -14.81 -25.38 0.36
C TRP A 337 -14.67 -24.43 -0.82
N CYS A 338 -14.93 -23.13 -0.66
CA CYS A 338 -14.93 -22.20 -1.78
C CYS A 338 -13.90 -21.09 -1.58
N PRO A 339 -12.65 -21.31 -1.99
CA PRO A 339 -11.69 -20.20 -1.96
C PRO A 339 -11.90 -19.22 -3.10
N THR A 340 -12.38 -19.68 -4.25
CA THR A 340 -12.51 -18.84 -5.43
C THR A 340 -13.98 -18.48 -5.62
N GLY A 341 -14.40 -17.45 -4.89
CA GLY A 341 -15.82 -17.10 -4.85
C GLY A 341 -16.15 -15.72 -5.37
N PHE A 342 -15.55 -15.32 -6.48
CA PHE A 342 -15.81 -13.99 -7.01
C PHE A 342 -15.98 -14.03 -8.52
N LYS A 343 -16.97 -13.27 -9.00
CA LYS A 343 -17.21 -13.04 -10.42
C LYS A 343 -17.18 -11.54 -10.63
N VAL A 344 -16.12 -11.05 -11.27
CA VAL A 344 -15.83 -9.62 -11.34
C VAL A 344 -16.18 -9.11 -12.73
N GLY A 345 -17.01 -8.07 -12.78
CA GLY A 345 -17.40 -7.46 -14.05
C GLY A 345 -17.06 -5.99 -14.07
N ILE A 346 -16.65 -5.50 -15.23
CA ILE A 346 -16.18 -4.13 -15.41
C ILE A 346 -16.88 -3.53 -16.62
N ASN A 347 -17.56 -2.40 -16.42
CA ASN A 347 -18.13 -1.64 -17.52
C ASN A 347 -17.57 -0.21 -17.48
N TYR A 348 -17.45 0.40 -18.65
CA TYR A 348 -16.82 1.70 -18.75
C TYR A 348 -17.73 2.82 -18.27
N GLN A 349 -19.00 2.76 -18.62
CA GLN A 349 -19.87 3.92 -18.51
C GLN A 349 -20.31 4.15 -17.06
N PRO A 350 -20.23 5.38 -16.56
CA PRO A 350 -20.64 5.65 -15.19
C PRO A 350 -22.15 5.68 -15.07
N PRO A 351 -22.71 5.54 -13.88
CA PRO A 351 -24.15 5.71 -13.72
C PRO A 351 -24.52 7.19 -13.75
N THR A 352 -25.60 7.49 -14.45
CA THR A 352 -26.13 8.84 -14.51
C THR A 352 -27.25 9.02 -13.51
N VAL A 353 -27.59 10.28 -13.25
CA VAL A 353 -28.57 10.63 -12.23
C VAL A 353 -29.78 11.23 -12.91
N VAL A 354 -30.95 10.99 -12.31
CA VAL A 354 -32.21 11.58 -12.76
C VAL A 354 -32.22 13.04 -12.30
N PRO A 355 -32.72 13.96 -13.12
CA PRO A 355 -32.93 15.33 -12.64
C PRO A 355 -34.01 15.38 -11.57
N GLY A 356 -33.76 16.16 -10.52
CA GLY A 356 -34.66 16.17 -9.38
C GLY A 356 -34.54 14.97 -8.48
N GLY A 357 -33.50 14.16 -8.63
CA GLY A 357 -33.32 12.97 -7.83
C GLY A 357 -32.67 13.25 -6.49
N ASP A 358 -31.94 12.28 -5.99
CA ASP A 358 -31.36 12.41 -4.67
C ASP A 358 -29.87 12.11 -4.60
N LEU A 359 -29.37 11.18 -5.40
CA LEU A 359 -27.94 10.90 -5.39
C LEU A 359 -27.21 11.89 -6.29
N ALA A 360 -25.90 11.74 -6.39
CA ALA A 360 -25.06 12.72 -7.08
C ALA A 360 -24.26 12.04 -8.19
N LYS A 361 -23.90 12.84 -9.20
CA LYS A 361 -23.14 12.36 -10.34
C LYS A 361 -21.70 12.10 -9.91
N VAL A 362 -21.35 10.83 -9.78
CA VAL A 362 -20.02 10.43 -9.31
C VAL A 362 -19.24 9.87 -10.50
N GLN A 363 -17.97 9.52 -10.27
CA GLN A 363 -17.17 8.93 -11.33
C GLN A 363 -17.39 7.44 -11.48
N ARG A 364 -17.66 6.73 -10.39
CA ARG A 364 -17.70 5.28 -10.43
C ARG A 364 -18.61 4.77 -9.32
N ALA A 365 -19.14 3.57 -9.51
CA ALA A 365 -20.07 3.00 -8.55
C ALA A 365 -20.00 1.48 -8.63
N VAL A 366 -20.38 0.85 -7.51
CA VAL A 366 -20.27 -0.59 -7.34
C VAL A 366 -21.65 -1.15 -6.98
N CYS A 367 -22.03 -2.24 -7.61
CA CYS A 367 -23.20 -3.00 -7.19
C CYS A 367 -22.72 -4.40 -6.83
N MET A 368 -22.76 -4.74 -5.55
CA MET A 368 -22.26 -6.01 -5.05
C MET A 368 -23.40 -7.01 -4.92
N LEU A 369 -23.17 -8.22 -5.40
CA LEU A 369 -24.07 -9.34 -5.20
C LEU A 369 -23.35 -10.41 -4.37
N SER A 370 -24.06 -11.00 -3.42
CA SER A 370 -23.44 -12.00 -2.57
C SER A 370 -24.50 -13.00 -2.13
N ASN A 371 -24.09 -14.25 -2.04
CA ASN A 371 -24.97 -15.36 -1.65
C ASN A 371 -24.59 -15.77 -0.23
N THR A 372 -25.17 -15.10 0.75
CA THR A 372 -24.81 -15.33 2.13
C THR A 372 -25.52 -16.57 2.68
N THR A 373 -25.13 -16.94 3.89
CA THR A 373 -25.83 -17.99 4.64
C THR A 373 -26.55 -17.46 5.87
N ALA A 374 -26.31 -16.21 6.26
CA ALA A 374 -26.95 -15.65 7.43
C ALA A 374 -28.40 -15.23 7.17
N ILE A 375 -28.86 -15.30 5.92
CA ILE A 375 -30.25 -14.98 5.62
C ILE A 375 -31.19 -16.06 6.14
N ALA A 376 -30.67 -17.27 6.41
CA ALA A 376 -31.50 -18.36 6.93
C ALA A 376 -31.98 -18.08 8.35
N GLU A 377 -31.27 -17.21 9.08
CA GLU A 377 -31.75 -16.80 10.40
C GLU A 377 -33.03 -15.98 10.28
N ALA A 378 -33.18 -15.22 9.19
CA ALA A 378 -34.43 -14.51 8.96
C ALA A 378 -35.53 -15.47 8.54
N TRP A 379 -35.18 -16.60 7.92
CA TRP A 379 -36.19 -17.58 7.55
C TRP A 379 -36.74 -18.31 8.76
N ALA A 380 -35.94 -18.47 9.81
CA ALA A 380 -36.45 -19.06 11.04
C ALA A 380 -37.43 -18.13 11.71
N ARG A 381 -37.15 -16.83 11.73
CA ARG A 381 -38.07 -15.88 12.34
C ARG A 381 -39.31 -15.67 11.48
N LEU A 382 -39.20 -15.88 10.17
CA LEU A 382 -40.39 -15.88 9.34
C LEU A 382 -41.26 -17.10 9.63
N ASP A 383 -40.63 -18.26 9.81
CA ASP A 383 -41.38 -19.45 10.22
C ASP A 383 -41.86 -19.35 11.65
N HIS A 384 -41.13 -18.59 12.48
CA HIS A 384 -41.62 -18.26 13.81
C HIS A 384 -42.85 -17.38 13.74
N LYS A 385 -42.97 -16.55 12.70
CA LYS A 385 -44.19 -15.82 12.43
C LYS A 385 -45.24 -16.67 11.73
N PHE A 386 -44.89 -17.89 11.34
CA PHE A 386 -45.86 -18.77 10.69
C PHE A 386 -46.46 -19.78 11.65
N ASP A 387 -45.71 -20.19 12.67
CA ASP A 387 -46.16 -21.25 13.56
C ASP A 387 -47.31 -20.78 14.43
N LEU A 388 -47.19 -19.59 15.01
CA LEU A 388 -48.23 -19.09 15.90
C LEU A 388 -49.47 -18.65 15.14
N MET A 389 -49.31 -18.24 13.88
CA MET A 389 -50.46 -17.81 13.10
C MET A 389 -51.20 -18.96 12.45
N TYR A 390 -50.62 -20.16 12.45
CA TYR A 390 -51.26 -21.32 11.83
C TYR A 390 -51.78 -22.32 12.83
N ALA A 391 -51.11 -22.49 13.98
CA ALA A 391 -51.58 -23.39 15.01
C ALA A 391 -52.84 -22.86 15.68
N LYS A 392 -53.02 -21.55 15.69
CA LYS A 392 -54.28 -20.95 16.14
C LYS A 392 -55.34 -20.94 15.06
N ARG A 393 -54.99 -21.39 13.83
CA ARG A 393 -55.86 -21.33 12.65
C ARG A 393 -56.34 -19.92 12.38
N ALA A 394 -55.43 -18.96 12.48
CA ALA A 394 -55.79 -17.55 12.37
C ALA A 394 -55.89 -17.15 10.90
N PHE A 395 -57.09 -16.67 10.52
CA PHE A 395 -57.40 -16.20 9.17
C PHE A 395 -57.13 -17.27 8.11
N VAL A 396 -57.74 -18.43 8.30
CA VAL A 396 -57.60 -19.53 7.35
C VAL A 396 -58.82 -19.62 6.44
N HIS A 397 -60.01 -19.31 6.98
CA HIS A 397 -61.26 -19.44 6.24
C HIS A 397 -61.37 -18.47 5.07
N TRP A 398 -60.55 -17.42 5.03
CA TRP A 398 -60.46 -16.62 3.82
C TRP A 398 -59.71 -17.32 2.70
N TYR A 399 -58.94 -18.37 3.01
CA TYR A 399 -58.20 -19.10 1.98
C TYR A 399 -58.93 -20.37 1.52
N VAL A 400 -59.40 -21.19 2.46
CA VAL A 400 -59.99 -22.47 2.12
C VAL A 400 -61.32 -22.27 1.39
N GLY A 401 -62.08 -21.26 1.79
CA GLY A 401 -63.34 -20.95 1.14
C GLY A 401 -63.23 -20.36 -0.25
N GLU A 402 -62.02 -20.14 -0.77
CA GLU A 402 -61.82 -19.61 -2.11
C GLU A 402 -60.87 -20.50 -2.91
N GLY A 403 -61.13 -21.80 -2.87
CA GLY A 403 -60.44 -22.72 -3.76
C GLY A 403 -59.01 -23.05 -3.38
N MET A 404 -58.75 -23.23 -2.09
CA MET A 404 -57.44 -23.66 -1.61
C MET A 404 -57.64 -24.87 -0.71
N GLU A 405 -57.01 -25.98 -1.07
CA GLU A 405 -57.06 -27.16 -0.23
C GLU A 405 -56.25 -26.93 1.03
N GLU A 406 -56.80 -27.35 2.18
CA GLU A 406 -56.18 -27.05 3.46
C GLU A 406 -54.90 -27.86 3.68
N GLY A 407 -54.81 -29.04 3.07
CA GLY A 407 -53.60 -29.85 3.18
C GLY A 407 -52.40 -29.27 2.47
N GLU A 408 -52.61 -28.25 1.62
CA GLU A 408 -51.52 -27.59 0.92
C GLU A 408 -50.61 -26.81 1.86
N PHE A 409 -51.11 -26.41 3.03
CA PHE A 409 -50.26 -25.79 4.04
C PHE A 409 -49.25 -26.77 4.60
N SER A 410 -49.62 -28.04 4.70
CA SER A 410 -48.65 -29.06 5.10
C SER A 410 -47.61 -29.31 4.01
N GLU A 411 -47.95 -29.00 2.75
CA GLU A 411 -46.99 -29.20 1.66
C GLU A 411 -45.90 -28.15 1.71
N ALA A 412 -46.26 -26.88 1.91
CA ALA A 412 -45.28 -25.81 1.90
C ALA A 412 -44.45 -25.78 3.18
N ARG A 413 -45.08 -26.08 4.32
CA ARG A 413 -44.39 -25.94 5.60
C ARG A 413 -43.36 -27.04 5.80
N GLU A 414 -43.66 -28.27 5.38
CA GLU A 414 -42.70 -29.36 5.50
C GLU A 414 -41.53 -29.19 4.54
N ASP A 415 -41.77 -28.58 3.38
CA ASP A 415 -40.66 -28.23 2.50
C ASP A 415 -39.86 -27.07 3.06
N MET A 416 -40.51 -26.17 3.78
CA MET A 416 -39.82 -25.05 4.40
C MET A 416 -38.92 -25.52 5.53
N ALA A 417 -39.34 -26.55 6.27
CA ALA A 417 -38.47 -27.13 7.30
C ALA A 417 -37.26 -27.82 6.69
N ALA A 418 -37.40 -28.33 5.47
CA ALA A 418 -36.25 -28.90 4.76
C ALA A 418 -35.25 -27.82 4.38
N LEU A 419 -35.73 -26.75 3.74
CA LEU A 419 -34.85 -25.68 3.29
C LEU A 419 -34.33 -24.85 4.46
N GLU A 420 -35.01 -24.89 5.61
CA GLU A 420 -34.47 -24.23 6.80
C GLU A 420 -33.19 -24.90 7.27
N LYS A 421 -33.13 -26.23 7.19
CA LYS A 421 -31.95 -26.97 7.59
C LYS A 421 -31.08 -27.37 6.41
N ASP A 422 -31.43 -26.96 5.19
CA ASP A 422 -30.50 -27.11 4.07
C ASP A 422 -29.34 -26.13 4.20
N TYR A 423 -29.57 -24.98 4.84
CA TYR A 423 -28.47 -24.09 5.17
C TYR A 423 -27.60 -24.64 6.29
N GLU A 424 -28.15 -25.51 7.14
CA GLU A 424 -27.33 -26.17 8.16
C GLU A 424 -26.37 -27.17 7.53
N GLU A 425 -26.79 -27.83 6.45
CA GLU A 425 -25.93 -28.78 5.76
C GLU A 425 -24.78 -28.07 5.05
N VAL A 426 -25.04 -26.89 4.50
CA VAL A 426 -24.02 -26.16 3.76
C VAL A 426 -23.15 -25.32 4.69
N GLY A 427 -23.77 -24.73 5.72
CA GLY A 427 -23.05 -23.81 6.58
C GLY A 427 -21.99 -24.47 7.44
N VAL A 428 -22.16 -25.74 7.77
CA VAL A 428 -21.09 -26.46 8.46
C VAL A 428 -19.98 -26.79 7.48
N ASP A 429 -18.79 -26.99 8.04
CA ASP A 429 -17.63 -27.34 7.23
C ASP A 429 -17.56 -28.85 7.04
N SER A 430 -16.57 -29.30 6.28
CA SER A 430 -16.41 -30.71 6.00
C SER A 430 -15.82 -31.44 7.19
N VAL A 431 -15.93 -32.76 7.16
CA VAL A 431 -15.34 -33.64 8.17
C VAL A 431 -14.14 -34.30 7.50
N GLU A 432 -12.96 -33.75 7.73
CA GLU A 432 -11.68 -34.16 7.12
C GLU A 432 -11.74 -34.18 5.60
N MET B 1 38.77 0.27 -14.35
CA MET B 1 38.72 -0.71 -13.29
C MET B 1 38.76 -0.04 -11.92
N ARG B 2 38.78 -0.86 -10.88
CA ARG B 2 38.80 -0.44 -9.48
C ARG B 2 37.61 0.46 -9.14
N GLU B 3 36.42 -0.10 -9.31
CA GLU B 3 35.19 0.63 -8.99
C GLU B 3 34.93 0.60 -7.49
N ILE B 4 34.26 1.65 -7.01
CA ILE B 4 33.89 1.78 -5.61
C ILE B 4 32.41 2.10 -5.53
N VAL B 5 31.65 1.24 -4.85
CA VAL B 5 30.21 1.45 -4.69
C VAL B 5 29.99 2.34 -3.47
N HIS B 6 29.28 3.45 -3.67
CA HIS B 6 29.03 4.43 -2.63
C HIS B 6 27.67 4.18 -1.99
N ILE B 7 27.64 4.03 -0.67
CA ILE B 7 26.41 3.74 0.07
C ILE B 7 26.21 4.83 1.10
N GLN B 8 24.97 5.31 1.24
CA GLN B 8 24.62 6.33 2.21
C GLN B 8 23.51 5.82 3.12
N ALA B 9 23.44 6.40 4.32
CA ALA B 9 22.44 5.98 5.30
C ALA B 9 22.24 7.10 6.31
N GLY B 10 20.97 7.42 6.60
CA GLY B 10 20.65 8.41 7.59
C GLY B 10 20.36 9.78 6.97
N GLN B 11 19.75 10.65 7.78
CA GLN B 11 19.49 12.01 7.34
C GLN B 11 20.79 12.79 7.14
N CYS B 12 21.77 12.55 8.02
CA CYS B 12 23.09 13.11 7.80
C CYS B 12 23.79 12.45 6.63
N GLY B 13 23.56 11.16 6.43
CA GLY B 13 24.23 10.44 5.35
C GLY B 13 23.75 10.80 3.97
N ASN B 14 22.58 11.42 3.84
CA ASN B 14 22.06 11.79 2.54
C ASN B 14 22.56 13.15 2.09
N GLN B 15 22.44 14.16 2.95
CA GLN B 15 22.76 15.52 2.55
C GLN B 15 24.25 15.78 2.41
N ILE B 16 25.09 14.88 2.93
CA ILE B 16 26.52 14.96 2.64
C ILE B 16 26.78 14.65 1.18
N GLY B 17 26.09 13.64 0.65
CA GLY B 17 26.30 13.28 -0.74
C GLY B 17 25.78 14.33 -1.71
N ALA B 18 24.76 15.09 -1.29
CA ALA B 18 24.31 16.22 -2.10
C ALA B 18 25.37 17.30 -2.20
N LYS B 19 26.25 17.39 -1.21
CA LYS B 19 27.44 18.21 -1.33
C LYS B 19 28.60 17.43 -1.92
N PHE B 20 28.71 16.14 -1.60
CA PHE B 20 29.84 15.34 -2.06
C PHE B 20 29.78 15.10 -3.57
N TRP B 21 28.62 14.70 -4.09
CA TRP B 21 28.52 14.43 -5.52
C TRP B 21 28.53 15.68 -6.37
N GLU B 22 28.24 16.84 -5.77
CA GLU B 22 28.43 18.09 -6.50
C GLU B 22 29.90 18.37 -6.74
N VAL B 23 30.76 18.02 -5.78
CA VAL B 23 32.19 18.29 -5.90
C VAL B 23 32.85 17.33 -6.89
N ILE B 24 32.46 16.05 -6.85
CA ILE B 24 33.11 15.04 -7.70
C ILE B 24 32.74 15.28 -9.16
N SER B 25 31.48 15.61 -9.43
CA SER B 25 31.06 15.85 -10.80
C SER B 25 31.67 17.13 -11.37
N ASP B 26 31.99 18.10 -10.52
CA ASP B 26 32.67 19.30 -10.98
C ASP B 26 34.16 19.09 -11.18
N GLU B 27 34.71 17.96 -10.74
CA GLU B 27 36.07 17.60 -11.10
C GLU B 27 36.16 16.95 -12.47
N HIS B 28 35.02 16.74 -13.15
CA HIS B 28 35.05 16.14 -14.48
C HIS B 28 34.14 16.88 -15.45
N GLY B 29 33.55 18.00 -15.04
CA GLY B 29 32.73 18.80 -15.93
C GLY B 29 31.40 18.18 -16.26
N ILE B 30 30.57 17.95 -15.24
CA ILE B 30 29.29 17.26 -15.40
C ILE B 30 28.20 18.20 -14.94
N ASP B 31 27.21 18.44 -15.81
CA ASP B 31 26.04 19.20 -15.45
C ASP B 31 25.13 18.38 -14.54
N PRO B 32 24.18 19.01 -13.85
CA PRO B 32 23.18 18.22 -13.10
C PRO B 32 22.23 17.40 -13.99
N THR B 33 22.22 17.63 -15.30
CA THR B 33 21.49 16.73 -16.18
C THR B 33 22.18 15.37 -16.25
N GLY B 34 23.47 15.36 -16.58
CA GLY B 34 24.21 14.11 -16.58
C GLY B 34 25.01 13.88 -17.85
N SER B 35 25.19 14.90 -18.66
CA SER B 35 26.00 14.79 -19.85
C SER B 35 27.43 15.24 -19.54
N TYR B 36 28.22 15.46 -20.57
CA TYR B 36 29.62 15.85 -20.43
C TYR B 36 29.84 17.24 -21.02
N HIS B 37 30.65 18.03 -20.32
CA HIS B 37 30.98 19.37 -20.80
C HIS B 37 32.44 19.74 -20.57
N GLY B 38 33.30 18.77 -20.28
CA GLY B 38 34.69 19.08 -20.01
C GLY B 38 35.47 19.45 -21.25
N ASP B 39 36.71 19.84 -21.03
CA ASP B 39 37.60 20.28 -22.09
C ASP B 39 38.84 19.42 -22.26
N SER B 40 39.40 18.87 -21.19
CA SER B 40 40.59 18.05 -21.26
C SER B 40 40.20 16.58 -21.28
N ASP B 41 40.98 15.78 -21.99
CA ASP B 41 40.74 14.34 -22.08
C ASP B 41 41.29 13.58 -20.89
N LEU B 42 41.94 14.24 -19.93
CA LEU B 42 42.41 13.54 -18.74
C LEU B 42 41.26 13.21 -17.80
N GLN B 43 40.17 13.97 -17.88
CA GLN B 43 39.07 13.81 -16.93
C GLN B 43 38.30 12.51 -17.15
N LEU B 44 38.33 11.97 -18.36
CA LEU B 44 37.64 10.72 -18.67
C LEU B 44 38.60 9.53 -18.69
N GLU B 45 39.71 9.62 -17.97
CA GLU B 45 40.68 8.53 -17.95
C GLU B 45 40.31 7.47 -16.91
N ARG B 46 39.81 7.91 -15.76
CA ARG B 46 39.36 7.02 -14.71
C ARG B 46 37.96 7.39 -14.26
N ILE B 47 37.08 7.69 -15.22
CA ILE B 47 35.74 8.15 -14.88
C ILE B 47 34.86 7.02 -14.37
N ASN B 48 35.22 5.77 -14.65
CA ASN B 48 34.37 4.63 -14.35
C ASN B 48 34.37 4.23 -12.88
N VAL B 49 35.13 4.91 -12.01
CA VAL B 49 35.15 4.53 -10.60
C VAL B 49 33.88 4.99 -9.89
N TYR B 50 33.37 6.17 -10.24
CA TYR B 50 32.14 6.68 -9.64
C TYR B 50 31.03 6.83 -10.67
N TYR B 51 31.20 6.25 -11.86
CA TYR B 51 30.21 6.43 -12.91
C TYR B 51 30.09 5.16 -13.75
N ASN B 52 28.91 4.55 -13.72
CA ASN B 52 28.55 3.57 -14.72
C ASN B 52 28.10 4.30 -15.98
N GLU B 53 28.75 4.00 -17.09
CA GLU B 53 28.48 4.68 -18.35
C GLU B 53 27.22 4.10 -18.98
N ALA B 54 26.13 4.86 -18.93
CA ALA B 54 24.87 4.42 -19.49
C ALA B 54 24.79 4.81 -20.96
N ALA B 55 23.64 4.53 -21.58
CA ALA B 55 23.43 4.84 -22.98
C ALA B 55 23.19 6.34 -23.16
N GLY B 56 23.26 6.79 -24.41
CA GLY B 56 23.09 8.20 -24.72
C GLY B 56 24.23 9.08 -24.28
N ASN B 57 25.40 8.49 -24.02
CA ASN B 57 26.60 9.18 -23.52
C ASN B 57 26.32 9.93 -22.22
N LYS B 58 25.53 9.32 -21.35
CA LYS B 58 25.25 9.87 -20.02
C LYS B 58 26.07 9.13 -18.98
N TYR B 59 26.02 9.64 -17.75
CA TYR B 59 26.76 9.04 -16.64
C TYR B 59 25.91 9.11 -15.39
N VAL B 60 25.87 7.99 -14.66
CA VAL B 60 25.11 7.93 -13.41
C VAL B 60 26.06 7.65 -12.26
N PRO B 61 25.83 8.24 -11.09
CA PRO B 61 26.71 7.95 -9.95
C PRO B 61 26.35 6.58 -9.37
N ARG B 62 27.36 5.76 -9.16
CA ARG B 62 27.15 4.42 -8.59
C ARG B 62 26.91 4.61 -7.09
N ALA B 63 25.67 4.98 -6.76
CA ALA B 63 25.34 5.42 -5.42
C ALA B 63 24.00 4.83 -4.99
N ILE B 64 23.91 4.42 -3.73
CA ILE B 64 22.70 3.86 -3.15
C ILE B 64 22.38 4.66 -1.90
N LEU B 65 21.16 5.15 -1.79
CA LEU B 65 20.74 6.00 -0.68
C LEU B 65 19.68 5.30 0.14
N VAL B 66 19.83 5.38 1.47
CA VAL B 66 18.99 4.64 2.41
C VAL B 66 18.49 5.59 3.49
N ASP B 67 17.17 5.61 3.69
CA ASP B 67 16.56 6.26 4.85
C ASP B 67 15.39 5.39 5.28
N LEU B 68 14.84 5.68 6.46
CA LEU B 68 13.65 5.01 6.94
C LEU B 68 12.39 5.84 6.76
N GLU B 69 12.50 6.99 6.10
CA GLU B 69 11.36 7.83 5.79
C GLU B 69 11.69 8.62 4.53
N PRO B 70 10.69 8.96 3.72
CA PRO B 70 10.96 9.75 2.50
C PRO B 70 11.01 11.25 2.72
N GLY B 71 11.12 11.71 3.97
CA GLY B 71 11.19 13.13 4.25
C GLY B 71 12.49 13.80 3.84
N THR B 72 13.52 13.01 3.52
CA THR B 72 14.80 13.54 3.06
C THR B 72 15.10 13.20 1.62
N MET B 73 14.55 12.10 1.11
CA MET B 73 14.88 11.64 -0.24
C MET B 73 14.29 12.56 -1.29
N ASP B 74 13.08 13.07 -1.06
CA ASP B 74 12.48 14.02 -1.98
C ASP B 74 13.19 15.38 -1.94
N SER B 75 13.86 15.69 -0.83
CA SER B 75 14.64 16.92 -0.74
C SER B 75 15.97 16.83 -1.48
N VAL B 76 16.39 15.64 -1.89
CA VAL B 76 17.62 15.52 -2.65
C VAL B 76 17.37 15.79 -4.13
N ARG B 77 16.30 15.22 -4.68
CA ARG B 77 16.00 15.37 -6.10
C ARG B 77 15.49 16.76 -6.43
N SER B 78 14.99 17.51 -5.45
CA SER B 78 14.49 18.85 -5.68
C SER B 78 15.56 19.92 -5.46
N GLY B 79 16.83 19.53 -5.44
CA GLY B 79 17.90 20.48 -5.35
C GLY B 79 18.84 20.36 -6.53
N PRO B 80 19.99 21.02 -6.46
CA PRO B 80 20.98 20.88 -7.53
C PRO B 80 21.64 19.52 -7.48
N PHE B 81 21.92 18.97 -8.68
CA PHE B 81 22.49 17.63 -8.87
C PHE B 81 21.62 16.54 -8.24
N GLY B 82 20.31 16.74 -8.21
CA GLY B 82 19.39 15.70 -7.79
C GLY B 82 18.83 14.89 -8.92
N GLN B 83 18.96 15.39 -10.15
CA GLN B 83 18.53 14.67 -11.32
C GLN B 83 19.53 13.61 -11.76
N ILE B 84 20.75 13.64 -11.22
CA ILE B 84 21.80 12.77 -11.71
C ILE B 84 21.62 11.33 -11.23
N PHE B 85 20.93 11.13 -10.11
CA PHE B 85 20.80 9.79 -9.53
C PHE B 85 19.73 9.00 -10.26
N ARG B 86 19.94 7.69 -10.32
CA ARG B 86 18.94 6.81 -10.90
C ARG B 86 17.78 6.65 -9.92
N PRO B 87 16.53 6.74 -10.38
CA PRO B 87 15.39 6.69 -9.44
C PRO B 87 15.14 5.32 -8.84
N ASP B 88 15.84 4.28 -9.28
CA ASP B 88 15.68 2.94 -8.76
C ASP B 88 16.51 2.70 -7.50
N ASN B 89 17.51 3.53 -7.23
CA ASN B 89 18.41 3.29 -6.11
C ASN B 89 17.91 3.87 -4.79
N PHE B 90 16.93 4.76 -4.83
CA PHE B 90 16.39 5.32 -3.59
C PHE B 90 15.51 4.30 -2.88
N VAL B 91 16.11 3.47 -2.04
CA VAL B 91 15.36 2.48 -1.28
C VAL B 91 15.11 3.06 0.10
N PHE B 92 13.84 3.12 0.50
CA PHE B 92 13.48 3.77 1.74
C PHE B 92 12.22 3.15 2.33
N GLY B 93 12.13 3.20 3.65
CA GLY B 93 10.94 2.76 4.35
C GLY B 93 9.90 3.86 4.42
N GLN B 94 8.91 3.67 5.30
CA GLN B 94 7.83 4.61 5.45
C GLN B 94 7.60 5.11 6.87
N SER B 95 8.01 4.36 7.89
CA SER B 95 7.70 4.74 9.27
C SER B 95 8.68 5.80 9.78
N GLY B 96 9.96 5.48 9.84
CA GLY B 96 10.93 6.38 10.42
C GLY B 96 11.75 5.69 11.50
N ALA B 97 12.91 6.25 11.83
CA ALA B 97 13.82 5.58 12.76
C ALA B 97 13.32 5.68 14.19
N GLY B 98 12.81 6.83 14.58
CA GLY B 98 12.53 7.08 15.99
C GLY B 98 13.77 7.42 16.80
N ASN B 99 14.91 7.62 16.14
CA ASN B 99 16.20 7.90 16.76
C ASN B 99 16.57 6.81 17.76
N ASN B 100 16.39 5.57 17.34
CA ASN B 100 16.55 4.40 18.19
C ASN B 100 17.48 3.42 17.48
N TRP B 101 18.52 2.99 18.19
CA TRP B 101 19.44 2.02 17.59
C TRP B 101 18.79 0.65 17.46
N ALA B 102 17.92 0.29 18.41
CA ALA B 102 17.25 -1.01 18.35
C ALA B 102 16.27 -1.06 17.19
N LYS B 103 15.53 0.02 16.97
CA LYS B 103 14.65 0.08 15.81
C LYS B 103 15.43 0.26 14.51
N GLY B 104 16.63 0.82 14.58
CA GLY B 104 17.48 0.94 13.42
C GLY B 104 18.28 -0.30 13.10
N HIS B 105 18.13 -1.36 13.90
CA HIS B 105 18.90 -2.58 13.69
C HIS B 105 18.08 -3.85 13.74
N TYR B 106 16.91 -3.86 14.39
CA TYR B 106 16.12 -5.07 14.49
C TYR B 106 14.70 -4.90 13.98
N THR B 107 14.06 -3.77 14.24
CA THR B 107 12.63 -3.63 13.95
C THR B 107 12.37 -3.33 12.49
N GLU B 108 12.81 -2.15 12.03
CA GLU B 108 12.64 -1.78 10.63
C GLU B 108 13.83 -2.16 9.77
N GLY B 109 14.97 -2.44 10.40
CA GLY B 109 16.17 -2.75 9.64
C GLY B 109 16.13 -4.11 8.97
N ALA B 110 15.41 -5.06 9.56
CA ALA B 110 15.33 -6.39 8.97
C ALA B 110 14.49 -6.40 7.70
N GLU B 111 13.57 -5.45 7.58
CA GLU B 111 12.69 -5.43 6.41
C GLU B 111 13.35 -4.75 5.22
N LEU B 112 13.99 -3.62 5.45
CA LEU B 112 14.49 -2.82 4.33
C LEU B 112 15.80 -3.35 3.77
N VAL B 113 16.51 -4.21 4.50
CA VAL B 113 17.86 -4.60 4.10
C VAL B 113 17.84 -5.54 2.89
N ASP B 114 16.77 -6.31 2.69
CA ASP B 114 16.71 -7.19 1.53
C ASP B 114 16.45 -6.40 0.26
N SER B 115 15.78 -5.27 0.37
CA SER B 115 15.59 -4.38 -0.77
C SER B 115 16.81 -3.51 -1.05
N VAL B 116 17.86 -3.62 -0.23
CA VAL B 116 19.11 -2.92 -0.48
C VAL B 116 20.19 -3.89 -0.97
N LEU B 117 20.30 -5.06 -0.33
CA LEU B 117 21.37 -6.00 -0.64
C LEU B 117 21.26 -6.62 -2.01
N ASP B 118 20.07 -6.63 -2.61
CA ASP B 118 19.98 -7.01 -4.01
C ASP B 118 20.43 -5.88 -4.92
N VAL B 119 20.23 -4.63 -4.48
CA VAL B 119 20.62 -3.49 -5.30
C VAL B 119 22.13 -3.33 -5.29
N VAL B 120 22.76 -3.59 -4.14
CA VAL B 120 24.23 -3.67 -4.07
C VAL B 120 24.73 -4.80 -4.97
N ARG B 121 24.04 -5.94 -4.93
CA ARG B 121 24.41 -7.07 -5.76
C ARG B 121 24.17 -6.78 -7.24
N LYS B 122 23.12 -6.01 -7.55
CA LYS B 122 22.88 -5.60 -8.92
C LYS B 122 23.95 -4.62 -9.40
N GLU B 123 24.49 -3.82 -8.47
CA GLU B 123 25.66 -3.03 -8.82
C GLU B 123 26.92 -3.88 -8.79
N SER B 124 26.95 -4.93 -7.97
CA SER B 124 28.13 -5.79 -7.88
C SER B 124 28.35 -6.59 -9.16
N GLU B 125 27.27 -6.98 -9.83
CA GLU B 125 27.42 -7.61 -11.14
C GLU B 125 27.89 -6.59 -12.17
N SER B 126 27.53 -5.32 -11.99
CA SER B 126 28.01 -4.26 -12.85
C SER B 126 29.43 -3.83 -12.52
N CYS B 127 29.97 -4.27 -11.38
CA CYS B 127 31.36 -3.97 -11.04
C CYS B 127 32.28 -4.77 -11.96
N ASP B 128 33.07 -4.06 -12.77
CA ASP B 128 34.05 -4.74 -13.61
C ASP B 128 35.18 -5.30 -12.77
N CYS B 129 35.63 -4.53 -11.77
CA CYS B 129 36.61 -5.01 -10.80
C CYS B 129 36.41 -4.21 -9.52
N LEU B 130 35.74 -4.82 -8.54
CA LEU B 130 35.34 -4.12 -7.33
C LEU B 130 36.54 -3.87 -6.42
N GLN B 131 36.67 -2.62 -5.97
CA GLN B 131 37.75 -2.24 -5.05
C GLN B 131 37.30 -2.34 -3.60
N GLY B 132 36.24 -1.62 -3.24
CA GLY B 132 35.71 -1.66 -1.90
C GLY B 132 34.52 -0.72 -1.80
N PHE B 133 33.90 -0.72 -0.64
CA PHE B 133 32.70 0.08 -0.40
C PHE B 133 33.02 1.20 0.58
N GLN B 134 32.42 2.37 0.36
CA GLN B 134 32.51 3.46 1.32
C GLN B 134 31.11 3.84 1.79
N LEU B 135 31.02 4.24 3.06
CA LEU B 135 29.75 4.50 3.72
C LEU B 135 29.81 5.85 4.40
N THR B 136 28.69 6.57 4.37
CA THR B 136 28.58 7.89 4.99
C THR B 136 27.35 7.88 5.89
N HIS B 137 27.56 8.05 7.19
CA HIS B 137 26.46 8.01 8.15
C HIS B 137 26.89 8.77 9.40
N SER B 138 26.12 8.62 10.47
CA SER B 138 26.45 9.16 11.78
C SER B 138 26.48 8.05 12.81
N LEU B 139 26.78 8.43 14.05
CA LEU B 139 26.87 7.49 15.15
C LEU B 139 25.95 7.83 16.30
N GLY B 140 25.19 8.92 16.20
CA GLY B 140 24.34 9.33 17.29
C GLY B 140 22.86 9.18 16.98
N GLY B 141 22.51 9.22 15.70
CA GLY B 141 21.12 9.14 15.29
C GLY B 141 20.54 7.73 15.35
N GLY B 142 19.43 7.53 14.65
CA GLY B 142 18.82 6.22 14.63
C GLY B 142 19.17 5.42 13.39
N THR B 143 19.04 6.03 12.22
CA THR B 143 19.24 5.31 10.97
C THR B 143 20.72 5.07 10.70
N GLY B 144 21.51 6.15 10.67
CA GLY B 144 22.92 6.02 10.35
C GLY B 144 23.74 5.28 11.39
N SER B 145 23.23 5.17 12.61
CA SER B 145 23.93 4.41 13.63
C SER B 145 23.67 2.91 13.48
N GLY B 146 22.42 2.55 13.20
CA GLY B 146 22.05 1.15 13.16
C GLY B 146 21.99 0.53 11.78
N MET B 147 21.28 1.19 10.86
CA MET B 147 21.05 0.61 9.53
C MET B 147 22.33 0.56 8.72
N GLY B 148 23.27 1.48 8.98
CA GLY B 148 24.57 1.37 8.35
C GLY B 148 25.34 0.17 8.83
N THR B 149 25.34 -0.07 10.14
CA THR B 149 26.07 -1.20 10.70
C THR B 149 25.41 -2.53 10.37
N LEU B 150 24.10 -2.53 10.12
CA LEU B 150 23.44 -3.76 9.70
C LEU B 150 23.82 -4.14 8.28
N LEU B 151 24.19 -3.16 7.45
CA LEU B 151 24.70 -3.48 6.13
C LEU B 151 26.11 -4.06 6.20
N ILE B 152 26.94 -3.51 7.10
CA ILE B 152 28.36 -3.87 7.13
C ILE B 152 28.55 -5.30 7.58
N SER B 153 27.75 -5.76 8.53
CA SER B 153 27.84 -7.15 8.99
C SER B 153 27.37 -8.12 7.93
N LYS B 154 26.54 -7.68 6.98
CA LYS B 154 26.11 -8.52 5.88
C LYS B 154 26.98 -8.37 4.65
N ILE B 155 27.60 -7.20 4.47
CA ILE B 155 28.52 -7.00 3.35
C ILE B 155 29.81 -7.78 3.58
N ARG B 156 30.35 -7.74 4.80
CA ARG B 156 31.62 -8.39 5.10
C ARG B 156 31.52 -9.91 5.00
N GLU B 157 30.34 -10.46 5.29
CA GLU B 157 30.13 -11.88 5.02
C GLU B 157 30.08 -12.16 3.52
N GLU B 158 29.65 -11.19 2.72
CA GLU B 158 29.66 -11.38 1.27
C GLU B 158 31.01 -11.03 0.65
N TYR B 159 31.79 -10.16 1.28
CA TYR B 159 33.04 -9.70 0.70
C TYR B 159 34.09 -9.56 1.79
N PRO B 160 34.83 -10.63 2.08
CA PRO B 160 35.89 -10.53 3.11
C PRO B 160 37.15 -9.86 2.59
N ASP B 161 37.44 -10.02 1.30
CA ASP B 161 38.67 -9.46 0.74
C ASP B 161 38.54 -7.98 0.42
N ARG B 162 37.32 -7.52 0.17
CA ARG B 162 37.10 -6.13 -0.20
C ARG B 162 37.25 -5.21 1.00
N ILE B 163 37.81 -4.02 0.76
CA ILE B 163 38.04 -3.07 1.84
C ILE B 163 36.74 -2.35 2.17
N MET B 164 36.71 -1.67 3.31
CA MET B 164 35.49 -1.04 3.81
C MET B 164 35.88 0.14 4.68
N ASN B 165 35.33 1.30 4.39
CA ASN B 165 35.63 2.51 5.16
C ASN B 165 34.39 3.37 5.34
N THR B 166 34.23 3.92 6.54
CA THR B 166 33.04 4.68 6.90
C THR B 166 33.45 6.10 7.28
N PHE B 167 32.90 7.09 6.59
CA PHE B 167 33.06 8.50 6.97
C PHE B 167 31.94 8.84 7.94
N SER B 168 32.06 8.30 9.16
CA SER B 168 31.03 8.50 10.16
C SER B 168 31.17 9.90 10.78
N VAL B 169 30.14 10.27 11.55
CA VAL B 169 30.11 11.56 12.24
C VAL B 169 30.10 11.25 13.73
N VAL B 170 31.26 11.32 14.36
CA VAL B 170 31.36 11.14 15.81
C VAL B 170 30.70 12.33 16.50
N PRO B 171 29.86 12.13 17.51
CA PRO B 171 29.18 13.26 18.15
C PRO B 171 30.12 14.13 18.95
N SER B 172 29.69 15.38 19.15
CA SER B 172 30.50 16.44 19.72
C SER B 172 30.79 16.17 21.19
N PRO B 173 31.91 16.73 21.72
CA PRO B 173 32.20 16.57 23.15
C PRO B 173 31.22 17.26 24.08
N LYS B 174 31.02 18.56 23.92
CA LYS B 174 30.33 19.37 24.91
C LYS B 174 28.86 19.56 24.61
N VAL B 175 28.53 20.13 23.44
CA VAL B 175 27.13 20.26 23.07
C VAL B 175 26.59 18.89 22.65
N SER B 176 25.29 18.70 22.84
CA SER B 176 24.65 17.41 22.59
C SER B 176 23.54 17.60 21.57
N ASP B 177 23.69 16.98 20.41
CA ASP B 177 22.63 17.03 19.41
C ASP B 177 21.55 15.99 19.71
N THR B 178 21.94 14.85 20.26
CA THR B 178 21.04 13.73 20.47
C THR B 178 21.06 13.35 21.95
N VAL B 179 19.87 13.10 22.50
CA VAL B 179 19.76 12.75 23.91
C VAL B 179 20.40 11.39 24.16
N VAL B 180 20.14 10.43 23.29
CA VAL B 180 20.57 9.05 23.50
C VAL B 180 21.86 8.73 22.73
N GLU B 181 22.63 9.76 22.38
CA GLU B 181 23.89 9.54 21.67
C GLU B 181 24.99 8.75 22.41
N PRO B 182 25.05 8.65 23.76
CA PRO B 182 26.01 7.66 24.30
C PRO B 182 25.58 6.23 24.08
N TYR B 183 24.28 5.94 24.06
CA TYR B 183 23.85 4.59 23.74
C TYR B 183 24.05 4.27 22.27
N ASN B 184 23.82 5.27 21.40
CA ASN B 184 24.03 5.04 19.98
C ASN B 184 25.51 4.96 19.62
N ALA B 185 26.39 5.52 20.44
CA ALA B 185 27.81 5.44 20.15
C ALA B 185 28.35 4.04 20.45
N THR B 186 28.22 3.61 21.71
CA THR B 186 28.89 2.40 22.17
C THR B 186 28.31 1.15 21.51
N LEU B 187 27.01 1.12 21.31
CA LEU B 187 26.40 -0.02 20.62
C LEU B 187 26.72 -0.06 19.13
N SER B 188 27.25 1.02 18.56
CA SER B 188 27.70 1.00 17.18
C SER B 188 29.21 0.88 17.05
N VAL B 189 29.98 1.44 17.99
CA VAL B 189 31.43 1.31 17.98
C VAL B 189 31.83 -0.14 18.20
N HIS B 190 31.03 -0.90 18.95
CA HIS B 190 31.23 -2.34 19.07
C HIS B 190 31.08 -3.06 17.73
N GLN B 191 30.26 -2.52 16.82
CA GLN B 191 30.07 -3.13 15.51
C GLN B 191 31.04 -2.62 14.47
N LEU B 192 31.66 -1.45 14.68
CA LEU B 192 32.57 -0.90 13.69
C LEU B 192 33.88 -1.67 13.66
N VAL B 193 34.43 -1.97 14.84
CA VAL B 193 35.72 -2.65 14.92
C VAL B 193 35.66 -4.10 14.51
N GLU B 194 34.47 -4.66 14.34
CA GLU B 194 34.36 -6.03 13.88
C GLU B 194 34.62 -6.15 12.39
N ASN B 195 34.05 -5.25 11.58
CA ASN B 195 34.01 -5.48 10.15
C ASN B 195 34.32 -4.24 9.32
N THR B 196 35.15 -3.32 9.84
CA THR B 196 35.60 -2.17 9.07
C THR B 196 37.11 -2.11 9.09
N ASP B 197 37.71 -1.87 7.92
CA ASP B 197 39.17 -1.82 7.84
C ASP B 197 39.72 -0.48 8.29
N GLU B 198 38.97 0.60 8.10
CA GLU B 198 39.39 1.91 8.57
C GLU B 198 38.15 2.79 8.73
N THR B 199 38.32 3.86 9.52
CA THR B 199 37.23 4.77 9.82
C THR B 199 37.81 6.17 9.96
N TYR B 200 37.15 7.14 9.33
CA TYR B 200 37.59 8.53 9.37
C TYR B 200 36.62 9.31 10.24
N CYS B 201 37.01 9.59 11.48
CA CYS B 201 36.12 10.20 12.45
C CYS B 201 36.04 11.71 12.22
N ILE B 202 34.82 12.22 12.12
CA ILE B 202 34.58 13.65 11.94
C ILE B 202 33.64 14.13 13.03
N ASP B 203 34.05 15.16 13.76
CA ASP B 203 33.21 15.80 14.76
C ASP B 203 32.48 16.99 14.15
N ASN B 204 31.29 17.25 14.66
CA ASN B 204 30.61 18.49 14.30
C ASN B 204 31.29 19.68 14.94
N GLU B 205 31.71 19.54 16.20
CA GLU B 205 32.14 20.69 17.00
C GLU B 205 33.44 21.29 16.48
N ALA B 206 34.35 20.44 16.01
CA ALA B 206 35.61 20.96 15.48
C ALA B 206 35.42 21.67 14.15
N LEU B 207 34.43 21.25 13.36
CA LEU B 207 34.19 21.90 12.08
C LEU B 207 33.56 23.28 12.21
N TYR B 208 32.96 23.60 13.36
CA TYR B 208 32.52 24.98 13.57
C TYR B 208 33.70 25.92 13.70
N ASP B 209 34.68 25.54 14.51
CA ASP B 209 35.79 26.43 14.80
C ASP B 209 36.75 26.52 13.62
N ILE B 210 36.80 25.49 12.78
CA ILE B 210 37.55 25.61 11.53
C ILE B 210 36.90 26.63 10.62
N CYS B 211 35.57 26.61 10.54
CA CYS B 211 34.84 27.58 9.73
C CYS B 211 34.68 28.93 10.39
N PHE B 212 35.15 29.10 11.63
CA PHE B 212 35.04 30.37 12.32
C PHE B 212 36.39 31.00 12.62
N ARG B 213 37.32 30.25 13.20
CA ARG B 213 38.62 30.81 13.53
C ARG B 213 39.50 30.96 12.30
N THR B 214 39.35 30.07 11.32
CA THR B 214 40.22 30.08 10.15
C THR B 214 39.55 30.67 8.90
N LEU B 215 38.38 30.17 8.51
CA LEU B 215 37.72 30.72 7.34
C LEU B 215 37.06 32.06 7.60
N LYS B 216 36.78 32.38 8.87
CA LYS B 216 36.13 33.64 9.29
C LYS B 216 34.77 33.82 8.63
N LEU B 217 34.03 32.72 8.49
CA LEU B 217 32.69 32.80 7.91
C LEU B 217 31.72 33.38 8.93
N THR B 218 30.93 34.36 8.50
CA THR B 218 29.96 34.98 9.39
C THR B 218 28.77 34.05 9.64
N THR B 219 28.24 33.46 8.58
CA THR B 219 27.07 32.60 8.67
C THR B 219 27.36 31.22 8.07
N PRO B 220 28.04 30.34 8.83
CA PRO B 220 28.35 29.00 8.30
C PRO B 220 27.14 28.09 8.32
N THR B 221 26.59 27.84 7.14
CA THR B 221 25.50 26.89 6.98
C THR B 221 26.06 25.56 6.48
N TYR B 222 25.15 24.60 6.25
CA TYR B 222 25.58 23.27 5.86
C TYR B 222 26.12 23.21 4.44
N GLY B 223 25.87 24.25 3.63
CA GLY B 223 26.51 24.34 2.33
C GLY B 223 28.00 24.62 2.37
N ASP B 224 28.54 24.89 3.56
CA ASP B 224 29.97 25.10 3.72
C ASP B 224 30.60 24.12 4.70
N LEU B 225 29.85 23.63 5.70
CA LEU B 225 30.41 22.63 6.60
C LEU B 225 30.56 21.28 5.90
N ASN B 226 29.56 20.87 5.13
CA ASN B 226 29.66 19.63 4.39
C ASN B 226 30.63 19.74 3.22
N HIS B 227 30.99 20.97 2.83
CA HIS B 227 31.98 21.16 1.78
C HIS B 227 33.36 20.70 2.22
N LEU B 228 33.68 20.84 3.51
CA LEU B 228 34.94 20.33 4.02
C LEU B 228 34.91 18.82 4.19
N VAL B 229 33.72 18.22 4.32
CA VAL B 229 33.63 16.77 4.32
C VAL B 229 33.92 16.24 2.93
N SER B 230 33.47 16.96 1.90
CA SER B 230 33.71 16.53 0.52
C SER B 230 35.16 16.71 0.13
N ALA B 231 35.83 17.74 0.67
CA ALA B 231 37.24 17.93 0.39
C ALA B 231 38.10 16.86 1.05
N THR B 232 37.62 16.24 2.13
CA THR B 232 38.35 15.13 2.72
C THR B 232 38.23 13.87 1.87
N MET B 233 36.99 13.52 1.49
CA MET B 233 36.75 12.29 0.75
C MET B 233 37.32 12.35 -0.65
N SER B 234 37.27 13.52 -1.30
CA SER B 234 37.92 13.66 -2.59
C SER B 234 39.43 13.73 -2.45
N GLY B 235 39.93 14.15 -1.28
CA GLY B 235 41.35 14.21 -1.05
C GLY B 235 42.01 12.86 -0.83
N VAL B 236 41.23 11.81 -0.60
CA VAL B 236 41.80 10.48 -0.45
C VAL B 236 41.87 9.75 -1.78
N THR B 237 40.78 9.75 -2.53
CA THR B 237 40.72 8.99 -3.78
C THR B 237 41.32 9.73 -4.96
N THR B 238 42.02 10.85 -4.74
CA THR B 238 42.56 11.62 -5.84
C THR B 238 43.81 10.99 -6.46
N CYS B 239 44.40 9.98 -5.83
CA CYS B 239 45.47 9.25 -6.47
C CYS B 239 44.97 8.06 -7.27
N LEU B 240 43.81 7.51 -6.89
CA LEU B 240 43.23 6.40 -7.62
C LEU B 240 42.63 6.84 -8.95
N ARG B 241 42.34 8.12 -9.11
CA ARG B 241 41.53 8.58 -10.21
C ARG B 241 42.30 9.42 -11.23
N PHE B 242 43.57 9.70 -10.99
CA PHE B 242 44.34 10.56 -11.87
C PHE B 242 45.77 10.08 -11.91
N PRO B 243 46.49 10.30 -13.01
CA PRO B 243 47.90 9.89 -13.06
C PRO B 243 48.79 10.79 -12.23
N GLY B 244 49.38 10.21 -11.17
CA GLY B 244 50.37 10.89 -10.36
C GLY B 244 51.70 10.15 -10.44
N GLN B 245 52.73 10.81 -9.92
CA GLN B 245 54.06 10.21 -9.96
C GLN B 245 54.18 9.07 -8.97
N LEU B 246 53.59 9.20 -7.80
CA LEU B 246 53.56 8.17 -6.77
C LEU B 246 52.11 7.90 -6.43
N ASN B 247 51.57 6.79 -6.92
CA ASN B 247 50.16 6.51 -6.78
C ASN B 247 49.81 6.06 -5.36
N ALA B 248 48.52 6.07 -5.07
CA ALA B 248 47.98 5.60 -3.81
C ALA B 248 46.53 5.20 -4.03
N ASP B 249 46.01 4.40 -3.12
CA ASP B 249 44.61 4.00 -3.15
C ASP B 249 44.18 3.63 -1.74
N LEU B 250 42.96 3.11 -1.61
CA LEU B 250 42.49 2.66 -0.31
C LEU B 250 43.16 1.37 0.12
N ARG B 251 43.74 0.62 -0.81
CA ARG B 251 44.51 -0.56 -0.43
C ARG B 251 45.83 -0.17 0.22
N LYS B 252 46.54 0.79 -0.38
CA LYS B 252 47.80 1.24 0.22
C LYS B 252 47.56 2.03 1.49
N LEU B 253 46.44 2.73 1.59
CA LEU B 253 46.11 3.49 2.78
C LEU B 253 45.42 2.66 3.85
N ALA B 254 45.55 1.34 3.81
CA ALA B 254 44.98 0.48 4.83
C ALA B 254 46.05 -0.29 5.60
N VAL B 255 46.92 -1.02 4.92
CA VAL B 255 47.94 -1.78 5.63
C VAL B 255 49.08 -0.86 6.07
N ASN B 256 49.42 0.14 5.25
CA ASN B 256 50.43 1.12 5.66
C ASN B 256 49.92 2.12 6.69
N MET B 257 48.62 2.12 6.98
CA MET B 257 48.04 3.01 7.98
C MET B 257 47.62 2.31 9.27
N VAL B 258 47.26 1.04 9.21
CA VAL B 258 46.77 0.32 10.37
C VAL B 258 47.75 -0.82 10.66
N PRO B 259 48.69 -0.64 11.61
CA PRO B 259 49.63 -1.72 11.91
C PRO B 259 49.05 -2.81 12.79
N PHE B 260 48.10 -2.49 13.67
CA PHE B 260 47.41 -3.49 14.47
C PHE B 260 45.93 -3.45 14.10
N PRO B 261 45.33 -4.58 13.73
CA PRO B 261 44.10 -4.56 12.93
C PRO B 261 42.86 -4.06 13.66
N ARG B 262 42.91 -3.84 14.97
CA ARG B 262 41.78 -3.26 15.67
C ARG B 262 41.95 -1.78 15.92
N LEU B 263 43.10 -1.19 15.56
CA LEU B 263 43.38 0.22 15.83
C LEU B 263 43.25 0.98 14.51
N HIS B 264 42.01 1.35 14.17
CA HIS B 264 41.73 1.92 12.87
C HIS B 264 40.75 3.09 12.98
N PHE B 265 40.96 3.94 13.97
CA PHE B 265 40.24 5.20 14.08
C PHE B 265 41.18 6.34 13.74
N PHE B 266 40.83 7.10 12.72
CA PHE B 266 41.70 8.12 12.16
C PHE B 266 41.20 9.52 12.52
N MET B 267 41.91 10.51 11.99
CA MET B 267 41.52 11.89 12.08
C MET B 267 41.97 12.60 10.82
N PRO B 268 41.07 13.27 10.12
CA PRO B 268 41.44 13.92 8.86
C PRO B 268 41.80 15.38 9.04
N GLY B 269 42.56 15.92 8.09
CA GLY B 269 42.84 17.34 8.05
C GLY B 269 42.90 17.82 6.61
N PHE B 270 42.63 19.10 6.43
CA PHE B 270 42.62 19.69 5.10
C PHE B 270 43.43 20.98 5.11
N ALA B 271 44.11 21.23 3.99
CA ALA B 271 44.97 22.39 3.84
C ALA B 271 45.14 22.68 2.36
N PRO B 272 45.23 23.95 1.95
CA PRO B 272 45.17 25.18 2.75
C PRO B 272 43.75 25.64 2.97
N LEU B 273 43.58 26.65 3.82
CA LEU B 273 42.28 27.25 4.10
C LEU B 273 42.46 28.77 4.05
N THR B 274 42.14 29.35 2.89
CA THR B 274 42.27 30.78 2.69
C THR B 274 40.89 31.43 2.81
N SER B 275 40.79 32.42 3.68
CA SER B 275 39.55 33.19 3.78
C SER B 275 39.44 34.13 2.59
N ARG B 276 38.21 34.60 2.35
CA ARG B 276 37.97 35.51 1.23
C ARG B 276 38.59 36.88 1.46
N GLY B 277 38.74 37.28 2.73
CA GLY B 277 39.44 38.49 3.07
C GLY B 277 40.88 38.28 3.50
N SER B 278 41.42 37.08 3.30
CA SER B 278 42.79 36.80 3.72
C SER B 278 43.57 35.99 2.69
N GLN B 279 43.03 35.76 1.50
CA GLN B 279 43.72 34.93 0.52
C GLN B 279 44.83 35.67 -0.20
N GLN B 280 44.78 37.00 -0.26
CA GLN B 280 45.75 37.78 -1.00
C GLN B 280 46.96 38.20 -0.16
N TYR B 281 47.20 37.51 0.96
CA TYR B 281 48.35 37.84 1.79
C TYR B 281 49.11 36.61 2.22
N ARG B 282 48.95 35.48 1.53
CA ARG B 282 49.54 34.22 1.93
C ARG B 282 50.46 33.71 0.83
N ALA B 283 51.64 33.24 1.23
CA ALA B 283 52.56 32.61 0.30
C ALA B 283 52.08 31.21 -0.04
N LEU B 284 52.05 30.90 -1.33
CA LEU B 284 51.60 29.59 -1.81
C LEU B 284 52.80 28.68 -2.03
N THR B 285 53.47 28.36 -0.93
CA THR B 285 54.64 27.49 -0.97
C THR B 285 54.31 26.13 -0.38
N VAL B 286 55.14 25.14 -0.73
CA VAL B 286 54.94 23.79 -0.21
C VAL B 286 55.21 23.67 1.29
N PRO B 287 56.26 24.27 1.88
CA PRO B 287 56.36 24.22 3.35
C PRO B 287 55.32 25.06 4.08
N GLU B 288 54.56 25.91 3.40
CA GLU B 288 53.45 26.59 4.06
C GLU B 288 52.34 25.61 4.41
N LEU B 289 52.15 24.57 3.60
CA LEU B 289 51.07 23.62 3.83
C LEU B 289 51.36 22.70 5.01
N THR B 290 52.62 22.46 5.31
CA THR B 290 52.96 21.50 6.35
C THR B 290 52.67 22.07 7.74
N GLN B 291 53.11 23.30 7.99
CA GLN B 291 52.94 23.90 9.32
C GLN B 291 51.49 24.27 9.63
N GLN B 292 50.60 24.24 8.64
CA GLN B 292 49.19 24.48 8.88
C GLN B 292 48.45 23.21 9.27
N MET B 293 48.97 22.05 8.88
CA MET B 293 48.27 20.81 9.19
C MET B 293 48.47 20.37 10.64
N PHE B 294 49.71 20.41 11.12
CA PHE B 294 50.07 19.69 12.33
C PHE B 294 49.73 20.43 13.62
N ASP B 295 48.77 21.35 13.62
CA ASP B 295 48.33 21.98 14.85
C ASP B 295 47.01 21.38 15.30
N ALA B 296 46.41 21.99 16.34
CA ALA B 296 45.17 21.45 16.89
C ALA B 296 43.94 21.96 16.15
N LYS B 297 43.99 23.20 15.68
CA LYS B 297 42.79 23.84 15.14
C LYS B 297 42.51 23.50 13.68
N ASN B 298 43.29 22.61 13.08
CA ASN B 298 43.01 22.13 11.73
C ASN B 298 42.51 20.69 11.74
N MET B 299 42.55 20.01 12.88
CA MET B 299 42.01 18.67 12.99
C MET B 299 40.50 18.70 12.88
N MET B 300 39.94 17.67 12.23
CA MET B 300 38.50 17.55 12.07
C MET B 300 37.89 16.66 13.15
N ALA B 301 38.50 16.61 14.32
CA ALA B 301 37.96 15.86 15.45
C ALA B 301 38.41 16.53 16.73
N ALA B 302 37.61 16.39 17.79
CA ALA B 302 37.92 16.99 19.08
C ALA B 302 39.03 16.18 19.74
N CYS B 303 40.26 16.48 19.36
CA CYS B 303 41.43 15.75 19.79
C CYS B 303 42.56 16.72 20.09
N ASP B 304 43.44 16.30 21.00
CA ASP B 304 44.59 17.08 21.42
C ASP B 304 45.83 16.26 21.04
N PRO B 305 46.41 16.49 19.86
CA PRO B 305 47.61 15.74 19.46
C PRO B 305 48.84 16.06 20.30
N ARG B 306 48.81 17.14 21.09
CA ARG B 306 49.87 17.38 22.05
C ARG B 306 49.86 16.36 23.18
N HIS B 307 48.70 15.77 23.47
CA HIS B 307 48.59 14.68 24.42
C HIS B 307 48.31 13.40 23.61
N GLY B 308 49.38 12.73 23.22
CA GLY B 308 49.30 11.55 22.40
C GLY B 308 50.36 11.57 21.33
N ARG B 309 50.64 10.40 20.78
CA ARG B 309 51.64 10.25 19.73
C ARG B 309 50.99 9.70 18.47
N TYR B 310 51.46 10.17 17.33
CA TYR B 310 51.00 9.61 16.07
C TYR B 310 51.62 8.23 15.86
N LEU B 311 50.97 7.44 15.02
CA LEU B 311 51.53 6.17 14.56
C LEU B 311 51.77 6.17 13.06
N THR B 312 50.75 6.47 12.27
CA THR B 312 50.87 6.54 10.82
C THR B 312 50.31 7.87 10.34
N VAL B 313 51.04 8.52 9.44
CA VAL B 313 50.66 9.83 8.90
C VAL B 313 50.65 9.73 7.38
N ALA B 314 49.49 9.98 6.79
CA ALA B 314 49.33 10.00 5.34
C ALA B 314 48.98 11.41 4.89
N ALA B 315 49.82 11.98 4.04
CA ALA B 315 49.58 13.30 3.46
C ALA B 315 49.48 13.12 1.96
N VAL B 316 48.28 13.28 1.43
CA VAL B 316 48.02 13.10 0.01
C VAL B 316 48.06 14.45 -0.68
N PHE B 317 49.01 14.63 -1.58
CA PHE B 317 49.26 15.93 -2.20
C PHE B 317 48.69 15.98 -3.62
N ARG B 318 48.25 17.18 -4.00
CA ARG B 318 47.74 17.44 -5.34
C ARG B 318 48.44 18.67 -5.90
N GLY B 319 48.72 18.65 -7.20
CA GLY B 319 49.39 19.77 -7.83
C GLY B 319 50.70 19.37 -8.47
N ARG B 320 51.61 20.35 -8.64
CA ARG B 320 52.91 20.11 -9.25
C ARG B 320 53.99 20.69 -8.35
N MET B 321 54.82 19.82 -7.79
CA MET B 321 55.82 20.22 -6.80
C MET B 321 56.90 19.15 -6.74
N SER B 322 58.05 19.53 -6.20
CA SER B 322 59.22 18.66 -6.21
C SER B 322 59.08 17.55 -5.17
N MET B 323 59.61 16.37 -5.51
CA MET B 323 59.53 15.23 -4.61
C MET B 323 60.48 15.38 -3.43
N LYS B 324 61.69 15.86 -3.70
CA LYS B 324 62.68 16.07 -2.64
C LYS B 324 62.27 17.21 -1.72
N GLU B 325 61.55 18.21 -2.25
CA GLU B 325 61.15 19.36 -1.44
C GLU B 325 60.09 18.98 -0.42
N VAL B 326 59.19 18.07 -0.76
CA VAL B 326 58.17 17.64 0.19
C VAL B 326 58.78 16.76 1.28
N ASP B 327 59.63 15.81 0.87
CA ASP B 327 60.16 14.82 1.79
C ASP B 327 61.16 15.41 2.78
N GLU B 328 61.77 16.55 2.44
CA GLU B 328 62.58 17.27 3.42
C GLU B 328 61.71 17.86 4.51
N GLN B 329 60.51 18.33 4.17
CA GLN B 329 59.60 18.85 5.17
C GLN B 329 59.01 17.74 6.01
N MET B 330 58.72 16.59 5.40
CA MET B 330 58.16 15.47 6.15
C MET B 330 59.19 14.85 7.08
N LEU B 331 60.47 14.95 6.73
CA LEU B 331 61.50 14.45 7.63
C LEU B 331 61.76 15.42 8.76
N ASN B 332 61.67 16.73 8.48
CA ASN B 332 62.02 17.74 9.48
C ASN B 332 60.99 17.78 10.60
N VAL B 333 59.72 17.57 10.28
CA VAL B 333 58.69 17.56 11.32
C VAL B 333 58.78 16.31 12.19
N GLN B 334 59.44 15.26 11.68
CA GLN B 334 59.70 14.11 12.53
C GLN B 334 60.84 14.39 13.51
N ASN B 335 61.80 15.23 13.11
CA ASN B 335 62.94 15.50 13.97
C ASN B 335 62.58 16.43 15.11
N LYS B 336 61.97 17.57 14.80
CA LYS B 336 61.71 18.57 15.84
C LYS B 336 60.56 18.15 16.75
N ASN B 337 59.55 17.47 16.22
CA ASN B 337 58.42 17.00 17.02
C ASN B 337 58.63 15.55 17.47
N SER B 338 59.78 15.26 18.08
CA SER B 338 60.13 13.88 18.38
C SER B 338 59.31 13.31 19.52
N SER B 339 58.82 14.14 20.45
CA SER B 339 57.92 13.66 21.48
C SER B 339 56.53 13.38 20.92
N TYR B 340 56.19 14.03 19.81
CA TYR B 340 54.85 13.91 19.24
C TYR B 340 54.65 12.63 18.43
N PHE B 341 55.71 11.87 18.16
CA PHE B 341 55.58 10.61 17.44
C PHE B 341 56.03 9.45 18.32
N VAL B 342 55.60 8.25 17.94
CA VAL B 342 55.96 7.06 18.69
C VAL B 342 57.40 6.67 18.35
N GLU B 343 58.07 6.01 19.30
CA GLU B 343 59.51 5.78 19.18
C GLU B 343 59.83 4.63 18.26
N TRP B 344 59.10 3.52 18.36
CA TRP B 344 59.48 2.26 17.75
C TRP B 344 58.98 2.09 16.32
N ILE B 345 58.58 3.18 15.66
CA ILE B 345 58.18 3.13 14.25
C ILE B 345 59.03 4.11 13.44
N PRO B 346 59.96 3.63 12.62
CA PRO B 346 60.64 4.50 11.65
C PRO B 346 59.81 4.63 10.37
N ASN B 347 60.02 5.78 9.71
CA ASN B 347 59.30 6.18 8.49
C ASN B 347 57.79 6.16 8.71
N ASN B 348 57.36 6.95 9.68
CA ASN B 348 55.97 7.05 10.08
C ASN B 348 55.17 8.04 9.26
N VAL B 349 55.70 8.51 8.14
CA VAL B 349 55.06 9.51 7.30
C VAL B 349 54.90 8.91 5.91
N LYS B 350 53.67 8.89 5.41
CA LYS B 350 53.38 8.36 4.09
C LYS B 350 53.14 9.51 3.11
N THR B 351 53.81 9.46 1.97
CA THR B 351 53.75 10.51 0.97
C THR B 351 52.93 10.01 -0.21
N ALA B 352 51.95 10.82 -0.62
CA ALA B 352 51.13 10.53 -1.80
C ALA B 352 51.06 11.78 -2.65
N VAL B 353 51.64 11.73 -3.84
CA VAL B 353 51.74 12.88 -4.73
C VAL B 353 50.91 12.59 -5.98
N CYS B 354 49.90 13.42 -6.20
CA CYS B 354 49.11 13.40 -7.42
C CYS B 354 49.52 14.57 -8.31
N ASP B 355 48.91 14.63 -9.49
CA ASP B 355 49.24 15.66 -10.47
C ASP B 355 48.04 16.45 -10.93
N ILE B 356 46.87 16.28 -10.31
CA ILE B 356 45.71 17.07 -10.65
C ILE B 356 45.26 17.87 -9.43
N PRO B 357 45.38 19.18 -9.45
CA PRO B 357 45.00 19.99 -8.28
C PRO B 357 43.50 20.11 -8.19
N PRO B 358 42.98 20.51 -7.02
CA PRO B 358 41.55 20.83 -6.93
C PRO B 358 41.20 22.05 -7.76
N ARG B 359 39.99 22.04 -8.31
CA ARG B 359 39.55 23.12 -9.19
C ARG B 359 39.27 24.38 -8.37
N GLY B 360 39.89 25.48 -8.77
CA GLY B 360 39.80 26.73 -8.04
C GLY B 360 41.06 27.10 -7.29
N LEU B 361 41.98 26.16 -7.11
CA LEU B 361 43.24 26.41 -6.43
C LEU B 361 44.39 26.03 -7.37
N LYS B 362 45.61 26.20 -6.88
CA LYS B 362 46.79 25.81 -7.63
C LYS B 362 47.51 24.62 -7.02
N MET B 363 47.68 24.59 -5.70
CA MET B 363 48.23 23.44 -5.01
C MET B 363 47.45 23.23 -3.72
N SER B 364 47.39 21.97 -3.28
CA SER B 364 46.63 21.62 -2.07
C SER B 364 47.17 20.31 -1.51
N ALA B 365 46.57 19.87 -0.42
CA ALA B 365 46.94 18.61 0.22
C ALA B 365 45.73 18.10 1.01
N THR B 366 45.92 16.94 1.63
CA THR B 366 44.89 16.36 2.50
C THR B 366 45.58 15.54 3.57
N PHE B 367 45.31 15.85 4.82
CA PHE B 367 45.99 15.24 5.95
C PHE B 367 45.17 14.07 6.49
N ILE B 368 45.83 12.95 6.73
CA ILE B 368 45.26 11.80 7.42
C ILE B 368 46.10 11.50 8.63
N GLY B 369 45.52 11.63 9.82
CA GLY B 369 46.23 11.43 11.07
C GLY B 369 45.74 10.19 11.79
N ASN B 370 46.66 9.54 12.50
CA ASN B 370 46.36 8.37 13.32
C ASN B 370 47.16 8.52 14.61
N SER B 371 46.54 9.08 15.64
CA SER B 371 47.20 9.31 16.91
C SER B 371 46.44 8.62 18.03
N THR B 372 47.10 8.54 19.19
CA THR B 372 46.49 8.01 20.40
C THR B 372 45.77 9.09 21.19
N ALA B 373 45.44 10.21 20.58
CA ALA B 373 44.68 11.27 21.22
C ALA B 373 43.18 11.01 21.19
N ILE B 374 42.72 9.99 20.46
CA ILE B 374 41.31 9.64 20.42
C ILE B 374 40.86 8.85 21.65
N GLN B 375 41.78 8.54 22.57
CA GLN B 375 41.37 7.91 23.81
C GLN B 375 40.59 8.87 24.70
N GLU B 376 40.80 10.18 24.52
CA GLU B 376 39.91 11.15 25.15
C GLU B 376 38.54 11.17 24.47
N LEU B 377 38.49 10.81 23.19
CA LEU B 377 37.22 10.85 22.46
C LEU B 377 36.31 9.70 22.88
N PHE B 378 36.86 8.57 23.31
CA PHE B 378 36.03 7.43 23.67
C PHE B 378 35.81 7.29 25.17
N LYS B 379 36.81 7.64 26.00
CA LYS B 379 36.61 7.58 27.45
C LYS B 379 35.60 8.60 27.91
N ARG B 380 35.48 9.73 27.21
CA ARG B 380 34.42 10.67 27.50
C ARG B 380 33.06 10.11 27.13
N ILE B 381 33.00 9.27 26.10
CA ILE B 381 31.76 8.58 25.78
C ILE B 381 31.47 7.51 26.83
N SER B 382 32.49 6.75 27.22
CA SER B 382 32.29 5.68 28.21
C SER B 382 32.01 6.23 29.59
N GLU B 383 32.48 7.44 29.90
CA GLU B 383 32.11 8.09 31.16
C GLU B 383 30.64 8.51 31.13
N GLN B 384 30.17 9.01 29.99
CA GLN B 384 28.75 9.28 29.82
C GLN B 384 27.93 8.02 29.73
N PHE B 385 28.54 6.90 29.33
CA PHE B 385 27.80 5.66 29.18
C PHE B 385 27.49 5.04 30.53
N THR B 386 28.50 4.94 31.41
CA THR B 386 28.32 4.30 32.70
C THR B 386 27.45 5.11 33.65
N ALA B 387 27.32 6.42 33.43
CA ALA B 387 26.42 7.21 34.25
C ALA B 387 24.97 6.96 33.87
N MET B 388 24.68 6.86 32.57
CA MET B 388 23.30 6.66 32.14
C MET B 388 22.86 5.22 32.37
N PHE B 389 23.78 4.27 32.23
CA PHE B 389 23.41 2.86 32.27
C PHE B 389 23.22 2.36 33.70
N ARG B 390 23.89 2.97 34.68
CA ARG B 390 23.78 2.51 36.06
C ARG B 390 22.43 2.82 36.68
N ARG B 391 21.70 3.77 36.10
CA ARG B 391 20.36 4.10 36.55
C ARG B 391 19.29 3.35 35.75
N LYS B 392 19.71 2.50 34.81
CA LYS B 392 18.86 1.87 33.80
C LYS B 392 18.01 2.90 33.06
N ALA B 393 18.64 4.03 32.78
CA ALA B 393 17.93 5.17 32.21
C ALA B 393 17.90 5.04 30.69
N PHE B 394 16.74 5.37 30.11
CA PHE B 394 16.45 5.20 28.69
C PHE B 394 16.67 3.78 28.22
N LEU B 395 16.36 2.81 29.08
CA LEU B 395 16.55 1.41 28.76
C LEU B 395 15.25 0.74 28.32
N HIS B 396 14.10 1.29 28.69
CA HIS B 396 12.81 0.69 28.41
C HIS B 396 12.32 0.96 26.99
N TRP B 397 13.17 1.47 26.12
CA TRP B 397 12.91 1.47 24.69
C TRP B 397 13.79 0.50 23.92
N TYR B 398 15.05 0.38 24.33
CA TYR B 398 15.91 -0.64 23.73
C TYR B 398 15.49 -2.03 24.16
N THR B 399 15.21 -2.22 25.46
CA THR B 399 14.75 -3.50 25.95
C THR B 399 13.35 -3.81 25.43
N GLY B 400 12.54 -2.78 25.22
CA GLY B 400 11.24 -2.97 24.60
C GLY B 400 11.28 -3.40 23.14
N GLU B 401 12.45 -3.33 22.49
CA GLU B 401 12.61 -3.76 21.12
C GLU B 401 13.55 -4.95 21.01
N GLY B 402 13.51 -5.84 21.99
CA GLY B 402 14.29 -7.07 21.93
C GLY B 402 15.78 -6.91 22.18
N MET B 403 16.15 -6.54 23.40
CA MET B 403 17.55 -6.37 23.75
C MET B 403 17.74 -6.68 25.22
N ASP B 404 18.85 -7.34 25.54
CA ASP B 404 19.15 -7.74 26.90
C ASP B 404 20.31 -6.92 27.48
N GLU B 405 20.54 -7.12 28.78
CA GLU B 405 21.61 -6.39 29.46
C GLU B 405 22.99 -6.86 29.04
N MET B 406 23.12 -8.13 28.66
CA MET B 406 24.40 -8.69 28.26
C MET B 406 24.90 -8.12 26.95
N GLU B 407 23.99 -7.60 26.11
CA GLU B 407 24.39 -6.84 24.94
C GLU B 407 25.16 -5.58 25.32
N PHE B 408 24.78 -4.95 26.44
CA PHE B 408 25.48 -3.75 26.89
C PHE B 408 26.81 -4.11 27.54
N THR B 409 26.83 -5.19 28.32
CA THR B 409 27.98 -5.49 29.17
C THR B 409 29.20 -5.88 28.35
N GLU B 410 29.00 -6.66 27.30
CA GLU B 410 30.10 -7.00 26.40
C GLU B 410 30.54 -5.78 25.61
N ALA B 411 29.58 -4.96 25.18
CA ALA B 411 29.91 -3.78 24.39
C ALA B 411 30.54 -2.69 25.25
N GLU B 412 30.27 -2.67 26.55
CA GLU B 412 30.90 -1.68 27.42
C GLU B 412 32.38 -1.99 27.61
N SER B 413 32.70 -3.24 27.95
CA SER B 413 34.09 -3.60 28.23
C SER B 413 34.92 -3.69 26.96
N ASN B 414 34.29 -3.89 25.79
CA ASN B 414 35.06 -3.93 24.55
C ASN B 414 35.58 -2.55 24.18
N MET B 415 34.84 -1.50 24.54
CA MET B 415 35.40 -0.16 24.40
C MET B 415 36.51 0.08 25.41
N ASN B 416 36.36 -0.45 26.62
CA ASN B 416 37.43 -0.37 27.61
C ASN B 416 38.61 -1.23 27.20
N ASP B 417 38.36 -2.36 26.53
CA ASP B 417 39.46 -3.12 25.95
C ASP B 417 40.07 -2.44 24.74
N LEU B 418 39.30 -1.55 24.09
CA LEU B 418 39.85 -0.78 22.98
C LEU B 418 40.80 0.32 23.48
N VAL B 419 40.38 1.08 24.49
CA VAL B 419 41.16 2.23 24.93
C VAL B 419 42.40 1.78 25.68
N SER B 420 42.30 0.66 26.41
CA SER B 420 43.45 0.11 27.14
C SER B 420 44.55 -0.38 26.21
N GLU B 421 44.23 -0.68 24.96
CA GLU B 421 45.26 -0.93 23.97
C GLU B 421 46.00 0.35 23.61
N TYR B 422 45.27 1.45 23.44
CA TYR B 422 45.90 2.72 23.01
C TYR B 422 46.83 3.27 24.07
N GLN B 423 46.44 3.15 25.34
CA GLN B 423 47.32 3.58 26.42
C GLN B 423 48.52 2.65 26.55
N GLN B 424 48.37 1.38 26.17
CA GLN B 424 49.47 0.44 26.23
C GLN B 424 50.53 0.74 25.18
N TYR B 425 50.10 1.07 23.96
CA TYR B 425 51.05 1.43 22.91
C TYR B 425 51.49 2.88 22.98
N GLN B 426 50.98 3.66 23.92
CA GLN B 426 51.32 5.08 23.94
C GLN B 426 52.72 5.32 24.47
N ASP B 427 53.07 4.67 25.59
CA ASP B 427 54.27 5.01 26.33
C ASP B 427 55.14 3.78 26.56
N ALA B 428 55.36 3.02 25.50
CA ALA B 428 56.26 1.87 25.54
C ALA B 428 57.63 2.26 24.97
N THR B 429 58.59 1.39 25.19
CA THR B 429 59.96 1.62 24.74
C THR B 429 60.73 0.32 24.56
N MET C 1 6.10 -18.91 -47.90
CA MET C 1 5.72 -20.20 -47.35
C MET C 1 5.65 -20.14 -45.84
N ARG C 2 5.37 -21.29 -45.23
CA ARG C 2 5.25 -21.47 -43.78
C ARG C 2 4.20 -20.54 -43.18
N GLU C 3 2.95 -20.71 -43.65
CA GLU C 3 1.85 -19.91 -43.15
C GLU C 3 1.35 -20.46 -41.83
N ILE C 4 0.81 -19.58 -40.99
CA ILE C 4 0.25 -19.92 -39.70
C ILE C 4 -1.15 -19.34 -39.60
N VAL C 5 -2.14 -20.20 -39.39
CA VAL C 5 -3.52 -19.76 -39.26
C VAL C 5 -3.77 -19.40 -37.80
N HIS C 6 -4.24 -18.17 -37.57
CA HIS C 6 -4.48 -17.65 -36.23
C HIS C 6 -5.94 -17.82 -35.86
N ILE C 7 -6.21 -18.47 -34.73
CA ILE C 7 -7.56 -18.74 -34.26
C ILE C 7 -7.73 -18.13 -32.88
N GLN C 8 -8.87 -17.49 -32.64
CA GLN C 8 -9.19 -16.88 -31.36
C GLN C 8 -10.49 -17.44 -30.84
N ALA C 9 -10.65 -17.39 -29.51
CA ALA C 9 -11.85 -17.92 -28.86
C ALA C 9 -12.01 -17.28 -27.50
N GLY C 10 -13.22 -16.84 -27.19
CA GLY C 10 -13.53 -16.25 -25.90
C GLY C 10 -13.47 -14.74 -25.92
N GLN C 11 -14.03 -14.14 -24.86
CA GLN C 11 -13.98 -12.68 -24.70
C GLN C 11 -12.55 -12.22 -24.46
N CYS C 12 -11.78 -12.98 -23.71
CA CYS C 12 -10.36 -12.70 -23.57
C CYS C 12 -9.61 -12.99 -24.86
N GLY C 13 -10.03 -14.01 -25.60
CA GLY C 13 -9.34 -14.37 -26.83
C GLY C 13 -9.52 -13.39 -27.96
N ASN C 14 -10.53 -12.53 -27.90
CA ASN C 14 -10.76 -11.57 -28.97
C ASN C 14 -9.98 -10.29 -28.77
N GLN C 15 -10.04 -9.70 -27.57
CA GLN C 15 -9.44 -8.40 -27.34
C GLN C 15 -7.92 -8.46 -27.26
N ILE C 16 -7.35 -9.65 -27.10
CA ILE C 16 -5.90 -9.78 -27.22
C ILE C 16 -5.46 -9.54 -28.66
N GLY C 17 -6.23 -10.08 -29.61
CA GLY C 17 -5.88 -9.89 -31.01
C GLY C 17 -6.05 -8.47 -31.49
N ALA C 18 -6.97 -7.72 -30.85
CA ALA C 18 -7.08 -6.30 -31.15
C ALA C 18 -5.84 -5.54 -30.72
N LYS C 19 -5.13 -6.04 -29.71
CA LYS C 19 -3.81 -5.52 -29.40
C LYS C 19 -2.72 -6.25 -30.18
N PHE C 20 -2.89 -7.55 -30.42
CA PHE C 20 -1.87 -8.34 -31.10
C PHE C 20 -1.73 -7.94 -32.57
N TRP C 21 -2.84 -7.83 -33.28
CA TRP C 21 -2.76 -7.50 -34.70
C TRP C 21 -2.40 -6.04 -34.94
N GLU C 22 -2.58 -5.17 -33.94
CA GLU C 22 -2.06 -3.81 -34.06
C GLU C 22 -0.54 -3.79 -34.05
N VAL C 23 0.08 -4.68 -33.28
CA VAL C 23 1.53 -4.72 -33.17
C VAL C 23 2.16 -5.33 -34.42
N ILE C 24 1.56 -6.40 -34.94
CA ILE C 24 2.14 -7.10 -36.10
C ILE C 24 2.06 -6.24 -37.35
N SER C 25 0.93 -5.55 -37.54
CA SER C 25 0.78 -4.70 -38.71
C SER C 25 1.69 -3.48 -38.65
N ASP C 26 2.02 -3.02 -37.44
CA ASP C 26 2.97 -1.92 -37.31
C ASP C 26 4.42 -2.37 -37.48
N GLU C 27 4.68 -3.68 -37.52
CA GLU C 27 6.01 -4.15 -37.90
C GLU C 27 6.19 -4.20 -39.41
N HIS C 28 5.16 -3.89 -40.19
CA HIS C 28 5.28 -3.88 -41.64
C HIS C 28 4.67 -2.65 -42.27
N GLY C 29 4.23 -1.67 -41.47
CA GLY C 29 3.72 -0.42 -42.01
C GLY C 29 2.37 -0.55 -42.65
N ILE C 30 1.37 -0.97 -41.89
CA ILE C 30 0.03 -1.24 -42.40
C ILE C 30 -0.95 -0.33 -41.67
N ASP C 31 -1.72 0.44 -42.43
CA ASP C 31 -2.79 1.24 -41.86
C ASP C 31 -3.96 0.34 -41.45
N PRO C 32 -4.88 0.86 -40.63
CA PRO C 32 -6.12 0.08 -40.36
C PRO C 32 -7.04 -0.08 -41.57
N THR C 33 -6.81 0.64 -42.67
CA THR C 33 -7.53 0.35 -43.89
C THR C 33 -7.08 -1.00 -44.47
N GLY C 34 -5.79 -1.16 -44.68
CA GLY C 34 -5.28 -2.44 -45.16
C GLY C 34 -4.34 -2.33 -46.34
N SER C 35 -3.88 -1.12 -46.64
CA SER C 35 -2.91 -0.93 -47.70
C SER C 35 -1.49 -0.98 -47.13
N TYR C 36 -0.52 -0.56 -47.92
CA TYR C 36 0.89 -0.59 -47.53
C TYR C 36 1.44 0.83 -47.47
N HIS C 37 2.26 1.10 -46.44
CA HIS C 37 2.88 2.40 -46.29
C HIS C 37 4.32 2.31 -45.84
N GLY C 38 4.95 1.14 -45.92
CA GLY C 38 6.31 0.99 -45.45
C GLY C 38 7.33 1.64 -46.36
N ASP C 39 8.57 1.62 -45.90
CA ASP C 39 9.68 2.23 -46.61
C ASP C 39 10.76 1.25 -47.06
N SER C 40 11.04 0.22 -46.26
CA SER C 40 12.06 -0.75 -46.59
C SER C 40 11.43 -1.97 -47.25
N ASP C 41 12.15 -2.57 -48.18
CA ASP C 41 11.69 -3.76 -48.88
C ASP C 41 11.91 -5.05 -48.08
N LEU C 42 12.49 -4.97 -46.89
CA LEU C 42 12.64 -6.17 -46.07
C LEU C 42 11.33 -6.58 -45.44
N GLN C 43 10.41 -5.63 -45.26
CA GLN C 43 9.17 -5.90 -44.55
C GLN C 43 8.22 -6.79 -45.34
N LEU C 44 8.35 -6.81 -46.67
CA LEU C 44 7.51 -7.65 -47.52
C LEU C 44 8.24 -8.91 -47.97
N GLU C 45 9.22 -9.37 -47.20
CA GLU C 45 9.97 -10.56 -47.57
C GLU C 45 9.26 -11.83 -47.09
N ARG C 46 8.67 -11.78 -45.91
CA ARG C 46 7.90 -12.89 -45.35
C ARG C 46 6.54 -12.42 -44.90
N ILE C 47 5.89 -11.58 -45.71
CA ILE C 47 4.62 -11.00 -45.29
C ILE C 47 3.48 -12.01 -45.36
N ASN C 48 3.66 -13.09 -46.12
CA ASN C 48 2.58 -14.04 -46.39
C ASN C 48 2.29 -14.99 -45.23
N VAL C 49 3.00 -14.89 -44.10
CA VAL C 49 2.74 -15.79 -42.99
C VAL C 49 1.48 -15.37 -42.23
N TYR C 50 1.24 -14.07 -42.08
CA TYR C 50 0.04 -13.58 -41.43
C TYR C 50 -0.84 -12.79 -42.37
N TYR C 51 -0.60 -12.87 -43.68
CA TYR C 51 -1.37 -12.07 -44.63
C TYR C 51 -1.57 -12.84 -45.92
N ASN C 52 -2.83 -13.14 -46.23
CA ASN C 52 -3.20 -13.55 -47.57
C ASN C 52 -3.32 -12.30 -48.44
N GLU C 53 -2.55 -12.27 -49.54
CA GLU C 53 -2.50 -11.09 -50.40
C GLU C 53 -3.73 -11.09 -51.30
N ALA C 54 -4.66 -10.19 -51.02
CA ALA C 54 -5.88 -10.08 -51.80
C ALA C 54 -5.67 -9.12 -52.97
N ALA C 55 -6.73 -8.88 -53.73
CA ALA C 55 -6.66 -7.99 -54.88
C ALA C 55 -6.60 -6.53 -54.42
N GLY C 56 -6.27 -5.66 -55.37
CA GLY C 56 -6.14 -4.24 -55.07
C GLY C 56 -4.94 -3.89 -54.23
N ASN C 57 -3.94 -4.79 -54.16
CA ASN C 57 -2.74 -4.64 -53.33
C ASN C 57 -3.08 -4.41 -51.86
N LYS C 58 -4.09 -5.13 -51.38
CA LYS C 58 -4.47 -5.09 -49.97
C LYS C 58 -3.97 -6.34 -49.28
N TYR C 59 -4.12 -6.37 -47.96
CA TYR C 59 -3.68 -7.49 -47.16
C TYR C 59 -4.69 -7.75 -46.05
N VAL C 60 -5.04 -9.02 -45.86
CA VAL C 60 -5.99 -9.40 -44.82
C VAL C 60 -5.29 -10.32 -43.82
N PRO C 61 -5.59 -10.20 -42.52
CA PRO C 61 -4.98 -11.11 -41.55
C PRO C 61 -5.66 -12.47 -41.62
N ARG C 62 -4.85 -13.52 -41.71
CA ARG C 62 -5.36 -14.88 -41.76
C ARG C 62 -5.81 -15.25 -40.35
N ALA C 63 -7.00 -14.78 -39.98
CA ALA C 63 -7.46 -14.85 -38.60
C ALA C 63 -8.93 -15.23 -38.56
N ILE C 64 -9.27 -16.08 -37.59
CA ILE C 64 -10.64 -16.52 -37.39
C ILE C 64 -11.01 -16.25 -35.94
N LEU C 65 -12.14 -15.57 -35.72
CA LEU C 65 -12.56 -15.16 -34.40
C LEU C 65 -13.84 -15.87 -34.01
N VAL C 66 -13.90 -16.36 -32.77
CA VAL C 66 -14.98 -17.21 -32.29
C VAL C 66 -15.47 -16.67 -30.95
N ASP C 67 -16.78 -16.43 -30.84
CA ASP C 67 -17.45 -16.18 -29.58
C ASP C 67 -18.81 -16.86 -29.63
N LEU C 68 -19.46 -16.95 -28.47
CA LEU C 68 -20.82 -17.47 -28.40
C LEU C 68 -21.86 -16.37 -28.30
N GLU C 69 -21.45 -15.11 -28.42
CA GLU C 69 -22.37 -13.98 -28.43
C GLU C 69 -21.72 -12.86 -29.22
N PRO C 70 -22.49 -12.00 -29.88
CA PRO C 70 -21.92 -10.88 -30.63
C PRO C 70 -21.63 -9.65 -29.81
N GLY C 71 -21.64 -9.76 -28.47
CA GLY C 71 -21.37 -8.61 -27.62
C GLY C 71 -19.92 -8.15 -27.63
N THR C 72 -19.01 -8.95 -28.16
CA THR C 72 -17.60 -8.58 -28.27
C THR C 72 -17.14 -8.39 -29.70
N MET C 73 -17.79 -9.05 -30.65
CA MET C 73 -17.34 -8.99 -32.04
C MET C 73 -17.59 -7.63 -32.66
N ASP C 74 -18.71 -6.99 -32.31
CA ASP C 74 -18.97 -5.65 -32.80
C ASP C 74 -18.06 -4.62 -32.15
N SER C 75 -17.53 -4.93 -30.97
CA SER C 75 -16.57 -4.05 -30.31
C SER C 75 -15.18 -4.12 -30.92
N VAL C 76 -14.92 -5.12 -31.76
CA VAL C 76 -13.61 -5.21 -32.41
C VAL C 76 -13.58 -4.32 -33.66
N ARG C 77 -14.63 -4.37 -34.47
CA ARG C 77 -14.68 -3.61 -35.71
C ARG C 77 -14.89 -2.12 -35.47
N SER C 78 -15.38 -1.73 -34.29
CA SER C 78 -15.60 -0.34 -33.98
C SER C 78 -14.42 0.29 -33.27
N GLY C 79 -13.25 -0.35 -33.31
CA GLY C 79 -12.05 0.21 -32.76
C GLY C 79 -10.98 0.36 -33.82
N PRO C 80 -9.75 0.67 -33.40
CA PRO C 80 -8.65 0.74 -34.36
C PRO C 80 -8.26 -0.64 -34.83
N PHE C 81 -7.89 -0.72 -36.12
CA PHE C 81 -7.55 -1.96 -36.82
C PHE C 81 -8.68 -2.98 -36.76
N GLY C 82 -9.92 -2.53 -36.74
CA GLY C 82 -11.06 -3.40 -36.86
C GLY C 82 -11.57 -3.56 -38.26
N GLN C 83 -11.16 -2.66 -39.16
CA GLN C 83 -11.54 -2.74 -40.56
C GLN C 83 -10.67 -3.74 -41.33
N ILE C 84 -9.57 -4.19 -40.74
CA ILE C 84 -8.62 -5.02 -41.49
C ILE C 84 -9.13 -6.45 -41.65
N PHE C 85 -10.01 -6.92 -40.78
CA PHE C 85 -10.45 -8.30 -40.82
C PHE C 85 -11.52 -8.49 -41.89
N ARG C 86 -11.54 -9.68 -42.47
CA ARG C 86 -12.58 -10.00 -43.44
C ARG C 86 -13.87 -10.28 -42.69
N PRO C 87 -15.01 -9.73 -43.16
CA PRO C 87 -16.27 -9.89 -42.42
C PRO C 87 -16.85 -11.30 -42.46
N ASP C 88 -16.28 -12.20 -43.25
CA ASP C 88 -16.76 -13.57 -43.34
C ASP C 88 -16.19 -14.46 -42.25
N ASN C 89 -15.11 -14.05 -41.59
CA ASN C 89 -14.45 -14.91 -40.61
C ASN C 89 -15.05 -14.81 -39.21
N PHE C 90 -15.83 -13.78 -38.94
CA PHE C 90 -16.45 -13.64 -37.62
C PHE C 90 -17.60 -14.63 -37.47
N VAL C 91 -17.30 -15.84 -37.01
CA VAL C 91 -18.32 -16.86 -36.79
C VAL C 91 -18.67 -16.83 -35.31
N PHE C 92 -19.96 -16.64 -35.02
CA PHE C 92 -20.38 -16.48 -33.64
C PHE C 92 -21.81 -16.97 -33.46
N GLY C 93 -22.10 -17.44 -32.25
CA GLY C 93 -23.44 -17.83 -31.89
C GLY C 93 -24.27 -16.65 -31.43
N GLN C 94 -25.40 -16.95 -30.79
CA GLN C 94 -26.32 -15.92 -30.33
C GLN C 94 -26.67 -16.00 -28.85
N SER C 95 -26.56 -17.16 -28.22
CA SER C 95 -27.01 -17.28 -26.83
C SER C 95 -25.96 -16.76 -25.86
N GLY C 96 -24.78 -17.36 -25.85
CA GLY C 96 -23.76 -17.01 -24.87
C GLY C 96 -23.26 -18.23 -24.13
N ALA C 97 -22.09 -18.11 -23.51
CA ALA C 97 -21.47 -19.28 -22.88
C ALA C 97 -22.16 -19.66 -21.58
N GLY C 98 -22.52 -18.66 -20.78
CA GLY C 98 -22.95 -18.93 -19.43
C GLY C 98 -21.83 -19.23 -18.47
N ASN C 99 -20.58 -19.05 -18.89
CA ASN C 99 -19.37 -19.33 -18.12
C ASN C 99 -19.36 -20.79 -17.65
N ASN C 100 -19.69 -21.68 -18.57
CA ASN C 100 -19.86 -23.10 -18.28
C ASN C 100 -19.03 -23.89 -19.26
N TRP C 101 -18.19 -24.79 -18.74
CA TRP C 101 -17.38 -25.63 -19.61
C TRP C 101 -18.24 -26.65 -20.35
N ALA C 102 -19.29 -27.16 -19.71
CA ALA C 102 -20.15 -28.14 -20.34
C ALA C 102 -20.94 -27.51 -21.48
N LYS C 103 -21.43 -26.29 -21.28
CA LYS C 103 -22.09 -25.58 -22.37
C LYS C 103 -21.10 -25.09 -23.41
N GLY C 104 -19.86 -24.87 -23.03
CA GLY C 104 -18.83 -24.51 -23.97
C GLY C 104 -18.22 -25.66 -24.74
N HIS C 105 -18.66 -26.89 -24.46
CA HIS C 105 -18.10 -28.07 -25.10
C HIS C 105 -19.14 -29.04 -25.64
N TYR C 106 -20.36 -29.03 -25.15
CA TYR C 106 -21.37 -29.98 -25.62
C TYR C 106 -22.64 -29.30 -26.11
N THR C 107 -23.11 -28.25 -25.44
CA THR C 107 -24.42 -27.70 -25.74
C THR C 107 -24.39 -26.78 -26.97
N GLU C 108 -23.68 -25.67 -26.86
CA GLU C 108 -23.58 -24.74 -27.98
C GLU C 108 -22.34 -25.00 -28.83
N GLY C 109 -21.38 -25.76 -28.31
CA GLY C 109 -20.15 -26.00 -29.04
C GLY C 109 -20.32 -26.94 -30.21
N ALA C 110 -21.29 -27.86 -30.13
CA ALA C 110 -21.49 -28.80 -31.22
C ALA C 110 -22.12 -28.12 -32.43
N GLU C 111 -22.83 -27.01 -32.22
CA GLU C 111 -23.50 -26.34 -33.32
C GLU C 111 -22.56 -25.42 -34.07
N LEU C 112 -21.77 -24.63 -33.35
CA LEU C 112 -20.97 -23.60 -33.99
C LEU C 112 -19.70 -24.13 -34.64
N VAL C 113 -19.28 -25.35 -34.28
CA VAL C 113 -17.97 -25.85 -34.70
C VAL C 113 -17.96 -26.20 -36.20
N ASP C 114 -19.10 -26.58 -36.77
CA ASP C 114 -19.13 -26.88 -38.20
C ASP C 114 -19.04 -25.62 -39.04
N SER C 115 -19.52 -24.50 -38.51
CA SER C 115 -19.37 -23.22 -39.19
C SER C 115 -18.00 -22.61 -38.98
N VAL C 116 -17.11 -23.26 -38.23
CA VAL C 116 -15.73 -22.83 -38.07
C VAL C 116 -14.78 -23.74 -38.83
N LEU C 117 -14.98 -25.06 -38.74
CA LEU C 117 -14.06 -26.01 -39.33
C LEU C 117 -14.06 -25.99 -40.85
N ASP C 118 -15.13 -25.51 -41.48
CA ASP C 118 -15.06 -25.27 -42.91
C ASP C 118 -14.28 -24.01 -43.22
N VAL C 119 -14.33 -23.02 -42.33
CA VAL C 119 -13.62 -21.76 -42.56
C VAL C 119 -12.12 -21.97 -42.38
N VAL C 120 -11.73 -22.81 -41.40
CA VAL C 120 -10.34 -23.23 -41.27
C VAL C 120 -9.90 -23.98 -42.51
N ARG C 121 -10.77 -24.86 -43.01
CA ARG C 121 -10.49 -25.62 -44.21
C ARG C 121 -10.45 -24.73 -45.44
N LYS C 122 -11.29 -23.69 -45.47
CA LYS C 122 -11.22 -22.72 -46.56
C LYS C 122 -9.95 -21.91 -46.50
N GLU C 123 -9.42 -21.67 -45.30
CA GLU C 123 -8.09 -21.10 -45.19
C GLU C 123 -7.02 -22.15 -45.44
N SER C 124 -7.31 -23.42 -45.14
CA SER C 124 -6.32 -24.49 -45.33
C SER C 124 -6.04 -24.73 -46.80
N GLU C 125 -7.05 -24.59 -47.66
CA GLU C 125 -6.82 -24.65 -49.10
C GLU C 125 -6.02 -23.45 -49.57
N SER C 126 -6.18 -22.31 -48.91
CA SER C 126 -5.38 -21.13 -49.20
C SER C 126 -3.98 -21.19 -48.62
N CYS C 127 -3.71 -22.15 -47.73
CA CYS C 127 -2.36 -22.34 -47.21
C CYS C 127 -1.47 -22.89 -48.30
N ASP C 128 -0.46 -22.12 -48.69
CA ASP C 128 0.51 -22.61 -49.67
C ASP C 128 1.38 -23.70 -49.06
N CYS C 129 1.80 -23.51 -47.80
CA CYS C 129 2.52 -24.54 -47.05
C CYS C 129 2.26 -24.28 -45.57
N LEU C 130 1.35 -25.06 -45.00
CA LEU C 130 0.90 -24.83 -43.63
C LEU C 130 1.97 -25.23 -42.62
N GLN C 131 2.25 -24.33 -41.67
CA GLN C 131 3.20 -24.59 -40.60
C GLN C 131 2.52 -25.16 -39.36
N GLY C 132 1.57 -24.42 -38.81
CA GLY C 132 0.84 -24.86 -37.65
C GLY C 132 -0.17 -23.80 -37.26
N PHE C 133 -0.96 -24.11 -36.23
CA PHE C 133 -2.01 -23.23 -35.78
C PHE C 133 -1.67 -22.69 -34.40
N GLN C 134 -2.01 -21.43 -34.15
CA GLN C 134 -1.89 -20.86 -32.82
C GLN C 134 -3.25 -20.38 -32.33
N LEU C 135 -3.46 -20.51 -31.03
CA LEU C 135 -4.75 -20.26 -30.41
C LEU C 135 -4.57 -19.33 -29.21
N THR C 136 -5.52 -18.42 -29.02
CA THR C 136 -5.50 -17.48 -27.92
C THR C 136 -6.83 -17.56 -27.20
N HIS C 137 -6.80 -17.97 -25.93
CA HIS C 137 -8.03 -18.14 -25.15
C HIS C 137 -7.67 -18.04 -23.67
N SER C 138 -8.62 -18.43 -22.82
CA SER C 138 -8.40 -18.54 -21.39
C SER C 138 -8.73 -19.94 -20.92
N LEU C 139 -8.57 -20.17 -19.62
CA LEU C 139 -8.82 -21.46 -19.01
C LEU C 139 -9.84 -21.40 -17.88
N GLY C 140 -10.37 -20.23 -17.57
CA GLY C 140 -11.30 -20.09 -16.48
C GLY C 140 -12.71 -19.78 -16.92
N GLY C 141 -12.84 -19.16 -18.09
CA GLY C 141 -14.14 -18.75 -18.60
C GLY C 141 -14.96 -19.90 -19.16
N GLY C 142 -15.97 -19.56 -19.97
CA GLY C 142 -16.79 -20.58 -20.57
C GLY C 142 -16.40 -20.88 -22.01
N THR C 143 -16.23 -19.84 -22.82
CA THR C 143 -15.97 -20.04 -24.24
C THR C 143 -14.53 -20.48 -24.49
N GLY C 144 -13.56 -19.68 -24.00
CA GLY C 144 -12.16 -19.98 -24.24
C GLY C 144 -11.66 -21.24 -23.56
N SER C 145 -12.37 -21.71 -22.52
CA SER C 145 -11.97 -22.95 -21.88
C SER C 145 -12.47 -24.16 -22.66
N GLY C 146 -13.71 -24.10 -23.15
CA GLY C 146 -14.30 -25.24 -23.80
C GLY C 146 -14.25 -25.23 -25.32
N MET C 147 -14.68 -24.13 -25.93
CA MET C 147 -14.80 -24.06 -27.38
C MET C 147 -13.44 -24.08 -28.05
N GLY C 148 -12.41 -23.58 -27.36
CA GLY C 148 -11.07 -23.70 -27.89
C GLY C 148 -10.59 -25.14 -27.91
N THR C 149 -10.86 -25.87 -26.82
CA THR C 149 -10.42 -27.26 -26.73
C THR C 149 -11.24 -28.17 -27.63
N LEU C 150 -12.47 -27.77 -27.95
CA LEU C 150 -13.27 -28.56 -28.89
C LEU C 150 -12.75 -28.42 -30.31
N LEU C 151 -12.09 -27.31 -30.63
CA LEU C 151 -11.43 -27.18 -31.92
C LEU C 151 -10.18 -28.05 -31.99
N ILE C 152 -9.42 -28.10 -30.90
CA ILE C 152 -8.11 -28.74 -30.91
C ILE C 152 -8.24 -30.25 -31.10
N SER C 153 -9.25 -30.85 -30.48
CA SER C 153 -9.47 -32.29 -30.64
C SER C 153 -9.95 -32.64 -32.05
N LYS C 154 -10.51 -31.67 -32.77
CA LYS C 154 -10.91 -31.90 -34.15
C LYS C 154 -9.85 -31.47 -35.14
N ILE C 155 -9.02 -30.49 -34.78
CA ILE C 155 -7.91 -30.09 -35.64
C ILE C 155 -6.82 -31.15 -35.67
N ARG C 156 -6.49 -31.71 -34.50
CA ARG C 156 -5.41 -32.70 -34.42
C ARG C 156 -5.76 -33.99 -35.16
N GLU C 157 -7.06 -34.34 -35.20
CA GLU C 157 -7.46 -35.45 -36.06
C GLU C 157 -7.32 -35.09 -37.53
N GLU C 158 -7.45 -33.82 -37.89
CA GLU C 158 -7.24 -33.43 -39.27
C GLU C 158 -5.78 -33.17 -39.60
N TYR C 159 -4.96 -32.81 -38.61
CA TYR C 159 -3.57 -32.45 -38.85
C TYR C 159 -2.70 -33.00 -37.73
N PRO C 160 -2.21 -34.23 -37.86
CA PRO C 160 -1.33 -34.78 -36.83
C PRO C 160 0.10 -34.26 -36.92
N ASP C 161 0.56 -33.96 -38.14
CA ASP C 161 1.93 -33.51 -38.32
C ASP C 161 2.12 -32.04 -38.01
N ARG C 162 1.05 -31.26 -38.12
CA ARG C 162 1.15 -29.82 -37.89
C ARG C 162 1.26 -29.52 -36.41
N ILE C 163 2.04 -28.49 -36.08
CA ILE C 163 2.26 -28.12 -34.70
C ILE C 163 1.07 -27.32 -34.18
N MET C 164 1.00 -27.15 -32.86
CA MET C 164 -0.15 -26.52 -32.24
C MET C 164 0.30 -25.90 -30.93
N ASN C 165 0.00 -24.61 -30.75
CA ASN C 165 0.38 -23.91 -29.52
C ASN C 165 -0.70 -22.94 -29.09
N THR C 166 -0.95 -22.89 -27.78
CA THR C 166 -2.02 -22.08 -27.22
C THR C 166 -1.43 -21.07 -26.25
N PHE C 167 -1.68 -19.78 -26.51
CA PHE C 167 -1.35 -18.72 -25.55
C PHE C 167 -2.52 -18.54 -24.61
N SER C 168 -2.69 -19.53 -23.73
CA SER C 168 -3.81 -19.51 -22.81
C SER C 168 -3.54 -18.54 -21.65
N VAL C 169 -4.58 -18.29 -20.87
CA VAL C 169 -4.50 -17.41 -19.71
C VAL C 169 -4.80 -18.27 -18.50
N VAL C 170 -3.76 -18.70 -17.81
CA VAL C 170 -3.92 -19.47 -16.57
C VAL C 170 -4.45 -18.53 -15.49
N PRO C 171 -5.47 -18.92 -14.73
CA PRO C 171 -6.03 -18.02 -13.72
C PRO C 171 -5.08 -17.76 -12.56
N SER C 172 -5.32 -16.64 -11.89
CA SER C 172 -4.43 -16.10 -10.88
C SER C 172 -4.42 -16.98 -9.63
N PRO C 173 -3.33 -16.94 -8.84
CA PRO C 173 -3.30 -17.72 -7.59
C PRO C 173 -4.28 -17.26 -6.52
N LYS C 174 -4.22 -15.98 -6.15
CA LYS C 174 -4.91 -15.50 -4.95
C LYS C 174 -6.27 -14.88 -5.25
N VAL C 175 -6.29 -13.84 -6.10
CA VAL C 175 -7.57 -13.26 -6.47
C VAL C 175 -8.27 -14.19 -7.47
N SER C 176 -9.60 -14.15 -7.46
CA SER C 176 -10.40 -15.06 -8.27
C SER C 176 -11.29 -14.23 -9.19
N ASP C 177 -11.07 -14.36 -10.50
CA ASP C 177 -11.94 -13.69 -11.45
C ASP C 177 -13.22 -14.49 -11.69
N THR C 178 -13.11 -15.80 -11.64
CA THR C 178 -14.22 -16.69 -11.99
C THR C 178 -14.50 -17.61 -10.81
N VAL C 179 -15.79 -17.79 -10.49
CA VAL C 179 -16.17 -18.64 -9.38
C VAL C 179 -15.84 -20.09 -9.67
N VAL C 180 -16.12 -20.54 -10.88
CA VAL C 180 -15.97 -21.95 -11.23
C VAL C 180 -14.66 -22.21 -11.96
N GLU C 181 -13.67 -21.34 -11.81
CA GLU C 181 -12.38 -21.54 -12.45
C GLU C 181 -11.57 -22.77 -12.04
N PRO C 182 -11.73 -23.41 -10.86
CA PRO C 182 -11.05 -24.71 -10.72
C PRO C 182 -11.69 -25.82 -11.55
N TYR C 183 -13.00 -25.77 -11.77
CA TYR C 183 -13.62 -26.75 -12.65
C TYR C 183 -13.24 -26.50 -14.11
N ASN C 184 -13.16 -25.23 -14.50
CA ASN C 184 -12.76 -24.90 -15.86
C ASN C 184 -11.29 -25.16 -16.12
N ALA C 185 -10.46 -25.19 -15.08
CA ALA C 185 -9.05 -25.47 -15.28
C ALA C 185 -8.81 -26.94 -15.55
N THR C 186 -9.21 -27.80 -14.60
CA THR C 186 -8.85 -29.22 -14.64
C THR C 186 -9.52 -29.94 -15.79
N LEU C 187 -10.77 -29.59 -16.10
CA LEU C 187 -11.45 -30.20 -17.23
C LEU C 187 -10.91 -29.73 -18.57
N SER C 188 -10.12 -28.66 -18.60
CA SER C 188 -9.47 -28.22 -19.83
C SER C 188 -8.00 -28.62 -19.89
N VAL C 189 -7.30 -28.66 -18.75
CA VAL C 189 -5.91 -29.10 -18.71
C VAL C 189 -5.81 -30.58 -19.10
N HIS C 190 -6.84 -31.36 -18.79
CA HIS C 190 -6.92 -32.74 -19.27
C HIS C 190 -6.98 -32.81 -20.79
N GLN C 191 -7.55 -31.79 -21.44
CA GLN C 191 -7.63 -31.78 -22.90
C GLN C 191 -6.42 -31.14 -23.56
N LEU C 192 -5.66 -30.30 -22.84
CA LEU C 192 -4.52 -29.63 -23.44
C LEU C 192 -3.38 -30.60 -23.70
N VAL C 193 -3.07 -31.46 -22.72
CA VAL C 193 -1.95 -32.38 -22.84
C VAL C 193 -2.20 -33.50 -23.82
N GLU C 194 -3.44 -33.66 -24.30
CA GLU C 194 -3.71 -34.69 -25.29
C GLU C 194 -3.25 -34.26 -26.67
N ASN C 195 -3.52 -33.01 -27.06
CA ASN C 195 -3.37 -32.64 -28.47
C ASN C 195 -2.71 -31.28 -28.67
N THR C 196 -1.83 -30.86 -27.76
CA THR C 196 -1.08 -29.62 -27.95
C THR C 196 0.41 -29.91 -27.80
N ASP C 197 1.20 -29.38 -28.71
CA ASP C 197 2.64 -29.63 -28.66
C ASP C 197 3.34 -28.73 -27.65
N GLU C 198 2.83 -27.53 -27.43
CA GLU C 198 3.40 -26.63 -26.42
C GLU C 198 2.33 -25.64 -25.98
N THR C 199 2.56 -25.04 -24.82
CA THR C 199 1.61 -24.09 -24.25
C THR C 199 2.39 -23.04 -23.49
N TYR C 200 2.03 -21.77 -23.70
CA TYR C 200 2.69 -20.64 -23.06
C TYR C 200 1.74 -20.08 -22.00
N CYS C 201 1.98 -20.42 -20.75
CA CYS C 201 1.07 -20.05 -19.67
C CYS C 201 1.29 -18.60 -19.25
N ILE C 202 0.21 -17.83 -19.20
CA ILE C 202 0.26 -16.43 -18.79
C ILE C 202 -0.75 -16.23 -17.67
N ASP C 203 -0.28 -15.69 -16.55
CA ASP C 203 -1.14 -15.32 -15.44
C ASP C 203 -1.55 -13.86 -15.54
N ASN C 204 -2.74 -13.56 -15.06
CA ASN C 204 -3.13 -12.16 -14.91
C ASN C 204 -2.35 -11.50 -13.78
N GLU C 205 -2.17 -12.22 -12.67
CA GLU C 205 -1.67 -11.61 -11.43
C GLU C 205 -0.23 -11.15 -11.56
N ALA C 206 0.59 -11.93 -12.28
CA ALA C 206 1.99 -11.55 -12.46
C ALA C 206 2.13 -10.34 -13.38
N LEU C 207 1.22 -10.18 -14.34
CA LEU C 207 1.30 -9.04 -15.25
C LEU C 207 0.91 -7.73 -14.59
N TYR C 208 0.21 -7.76 -13.46
CA TYR C 208 -0.02 -6.51 -12.73
C TYR C 208 1.27 -5.99 -12.13
N ASP C 209 2.04 -6.88 -11.47
CA ASP C 209 3.23 -6.44 -10.76
C ASP C 209 4.36 -6.11 -11.73
N ILE C 210 4.36 -6.69 -12.92
CA ILE C 210 5.30 -6.28 -13.95
C ILE C 210 4.98 -4.86 -14.39
N CYS C 211 3.70 -4.54 -14.56
CA CYS C 211 3.29 -3.21 -14.95
C CYS C 211 3.27 -2.22 -13.80
N PHE C 212 3.56 -2.66 -12.57
CA PHE C 212 3.57 -1.78 -11.41
C PHE C 212 4.95 -1.64 -10.79
N ARG C 213 5.63 -2.76 -10.51
CA ARG C 213 6.94 -2.67 -9.88
C ARG C 213 8.02 -2.25 -10.88
N THR C 214 7.87 -2.61 -12.15
CA THR C 214 8.89 -2.35 -13.14
C THR C 214 8.55 -1.18 -14.07
N LEU C 215 7.38 -1.21 -14.70
CA LEU C 215 7.02 -0.11 -15.59
C LEU C 215 6.58 1.13 -14.84
N LYS C 216 6.16 0.98 -13.58
CA LYS C 216 5.68 2.07 -12.72
C LYS C 216 4.49 2.81 -13.34
N LEU C 217 3.61 2.05 -13.97
CA LEU C 217 2.41 2.65 -14.55
C LEU C 217 1.40 2.98 -13.46
N THR C 218 0.88 4.21 -13.50
CA THR C 218 -0.10 4.62 -12.49
C THR C 218 -1.45 3.97 -12.74
N THR C 219 -1.91 3.98 -13.99
CA THR C 219 -3.23 3.43 -14.35
C THR C 219 -3.08 2.38 -15.46
N PRO C 220 -2.69 1.14 -15.09
CA PRO C 220 -2.54 0.09 -16.10
C PRO C 220 -3.87 -0.46 -16.55
N THR C 221 -4.28 -0.09 -17.77
CA THR C 221 -5.48 -0.64 -18.38
C THR C 221 -5.09 -1.75 -19.35
N TYR C 222 -6.10 -2.31 -20.03
CA TYR C 222 -5.85 -3.45 -20.91
C TYR C 222 -5.13 -3.05 -22.18
N GLY C 223 -5.05 -1.76 -22.49
CA GLY C 223 -4.21 -1.30 -23.58
C GLY C 223 -2.72 -1.40 -23.32
N ASP C 224 -2.33 -1.75 -22.10
CA ASP C 224 -0.93 -1.96 -21.77
C ASP C 224 -0.64 -3.35 -21.24
N LEU C 225 -1.61 -4.01 -20.60
CA LEU C 225 -1.39 -5.39 -20.16
C LEU C 225 -1.37 -6.34 -21.35
N ASN C 226 -2.30 -6.18 -22.29
CA ASN C 226 -2.30 -7.02 -23.48
C ASN C 226 -1.15 -6.68 -24.42
N HIS C 227 -0.53 -5.50 -24.23
CA HIS C 227 0.63 -5.14 -25.03
C HIS C 227 1.82 -6.04 -24.72
N LEU C 228 1.96 -6.48 -23.48
CA LEU C 228 3.02 -7.43 -23.15
C LEU C 228 2.69 -8.84 -23.62
N VAL C 229 1.42 -9.15 -23.84
CA VAL C 229 1.07 -10.42 -24.45
C VAL C 229 1.48 -10.42 -25.92
N SER C 230 1.32 -9.27 -26.58
CA SER C 230 1.70 -9.16 -27.98
C SER C 230 3.21 -9.18 -28.17
N ALA C 231 3.94 -8.62 -27.20
CA ALA C 231 5.40 -8.66 -27.28
C ALA C 231 5.95 -10.06 -27.06
N THR C 232 5.21 -10.93 -26.38
CA THR C 232 5.62 -12.32 -26.26
C THR C 232 5.41 -13.08 -27.56
N MET C 233 4.22 -12.96 -28.14
CA MET C 233 3.87 -13.71 -29.34
C MET C 233 4.66 -13.24 -30.55
N SER C 234 4.92 -11.93 -30.64
CA SER C 234 5.78 -11.43 -31.71
C SER C 234 7.24 -11.77 -31.44
N GLY C 235 7.60 -11.97 -30.18
CA GLY C 235 8.96 -12.33 -29.84
C GLY C 235 9.34 -13.76 -30.16
N VAL C 236 8.36 -14.61 -30.45
CA VAL C 236 8.65 -15.99 -30.82
C VAL C 236 8.81 -16.12 -32.34
N THR C 237 7.86 -15.59 -33.09
CA THR C 237 7.86 -15.75 -34.54
C THR C 237 8.77 -14.75 -35.26
N THR C 238 9.61 -14.01 -34.54
CA THR C 238 10.44 -13.01 -35.18
C THR C 238 11.64 -13.60 -35.92
N CYS C 239 11.93 -14.88 -35.73
CA CYS C 239 12.96 -15.53 -36.54
C CYS C 239 12.38 -16.16 -37.80
N LEU C 240 11.10 -16.54 -37.75
CA LEU C 240 10.45 -17.11 -38.92
C LEU C 240 10.15 -16.07 -39.99
N ARG C 241 10.12 -14.79 -39.62
CA ARG C 241 9.59 -13.75 -40.48
C ARG C 241 10.64 -12.78 -41.00
N PHE C 242 11.89 -12.91 -40.58
CA PHE C 242 12.93 -11.96 -40.96
C PHE C 242 14.24 -12.72 -41.10
N PRO C 243 15.15 -12.24 -41.94
CA PRO C 243 16.45 -12.90 -42.07
C PRO C 243 17.35 -12.63 -40.87
N GLY C 244 17.65 -13.69 -40.11
CA GLY C 244 18.60 -13.63 -39.03
C GLY C 244 19.78 -14.55 -39.32
N GLN C 245 20.83 -14.41 -38.50
CA GLN C 245 22.03 -15.21 -38.69
C GLN C 245 21.77 -16.66 -38.27
N LEU C 246 21.03 -16.86 -37.18
CA LEU C 246 20.67 -18.19 -36.70
C LEU C 246 19.16 -18.23 -36.60
N ASN C 247 18.52 -18.91 -37.55
CA ASN C 247 17.08 -18.90 -37.63
C ASN C 247 16.44 -19.78 -36.57
N ALA C 248 15.14 -19.59 -36.39
CA ALA C 248 14.33 -20.39 -35.48
C ALA C 248 12.89 -20.34 -35.95
N ASP C 249 12.10 -21.29 -35.49
CA ASP C 249 10.67 -21.33 -35.79
C ASP C 249 9.97 -22.11 -34.69
N LEU C 250 8.68 -22.35 -34.88
CA LEU C 250 7.93 -23.16 -33.93
C LEU C 250 8.29 -24.63 -34.03
N ARG C 251 8.88 -25.06 -35.15
CA ARG C 251 9.35 -26.44 -35.24
C ARG C 251 10.60 -26.63 -34.41
N LYS C 252 11.56 -25.71 -34.50
CA LYS C 252 12.76 -25.82 -33.68
C LYS C 252 12.48 -25.56 -32.21
N LEU C 253 11.49 -24.73 -31.91
CA LEU C 253 11.12 -24.45 -30.52
C LEU C 253 10.14 -25.45 -29.96
N ALA C 254 10.03 -26.65 -30.54
CA ALA C 254 9.16 -27.69 -30.02
C ALA C 254 9.96 -28.91 -29.56
N VAL C 255 10.78 -29.51 -30.43
CA VAL C 255 11.53 -30.68 -30.03
C VAL C 255 12.73 -30.29 -29.17
N ASN C 256 13.36 -29.15 -29.46
CA ASN C 256 14.45 -28.67 -28.62
C ASN C 256 13.97 -28.07 -27.30
N MET C 257 12.66 -27.90 -27.12
CA MET C 257 12.10 -27.37 -25.89
C MET C 257 11.37 -28.40 -25.04
N VAL C 258 10.80 -29.43 -25.66
CA VAL C 258 10.02 -30.43 -24.93
C VAL C 258 10.73 -31.77 -25.08
N PRO C 259 11.51 -32.19 -24.08
CA PRO C 259 12.20 -33.48 -24.20
C PRO C 259 11.31 -34.67 -23.89
N PHE C 260 10.30 -34.52 -23.04
CA PHE C 260 9.33 -35.57 -22.78
C PHE C 260 7.96 -35.06 -23.20
N PRO C 261 7.24 -35.80 -24.04
CA PRO C 261 6.16 -35.18 -24.85
C PRO C 261 4.93 -34.75 -24.07
N ARG C 262 4.81 -35.07 -22.79
CA ARG C 262 3.71 -34.58 -21.98
C ARG C 262 4.09 -33.39 -21.13
N LEU C 263 5.37 -33.00 -21.13
CA LEU C 263 5.85 -31.90 -20.28
C LEU C 263 6.06 -30.66 -21.15
N HIS C 264 4.98 -29.94 -21.40
CA HIS C 264 5.01 -28.85 -22.37
C HIS C 264 4.24 -27.64 -21.84
N PHE C 265 4.44 -27.31 -20.57
CA PHE C 265 3.94 -26.06 -19.99
C PHE C 265 5.11 -25.13 -19.77
N PHE C 266 5.06 -23.96 -20.39
CA PHE C 266 6.18 -23.04 -20.41
C PHE C 266 5.89 -21.83 -19.54
N MET C 267 6.83 -20.89 -19.54
CA MET C 267 6.67 -19.61 -18.91
C MET C 267 7.44 -18.57 -19.73
N PRO C 268 6.78 -17.51 -20.15
CA PRO C 268 7.45 -16.51 -20.98
C PRO C 268 8.03 -15.35 -20.18
N GLY C 269 9.02 -14.67 -20.77
CA GLY C 269 9.54 -13.45 -20.19
C GLY C 269 9.90 -12.48 -21.29
N PHE C 270 9.89 -11.20 -20.94
CA PHE C 270 10.20 -10.14 -21.89
C PHE C 270 11.21 -9.18 -21.29
N ALA C 271 12.09 -8.67 -22.15
CA ALA C 271 13.16 -7.77 -21.74
C ALA C 271 13.60 -6.97 -22.95
N PRO C 272 13.98 -5.70 -22.78
CA PRO C 272 14.01 -4.90 -21.54
C PRO C 272 12.67 -4.26 -21.25
N LEU C 273 12.55 -3.66 -20.07
CA LEU C 273 11.35 -2.94 -19.65
C LEU C 273 11.79 -1.60 -19.06
N THR C 274 11.77 -0.56 -19.88
CA THR C 274 12.17 0.77 -19.47
C THR C 274 10.93 1.60 -19.18
N SER C 275 10.87 2.16 -17.97
CA SER C 275 9.80 3.09 -17.65
C SER C 275 10.03 4.42 -18.35
N ARG C 276 8.97 5.22 -18.45
CA ARG C 276 9.06 6.51 -19.10
C ARG C 276 9.87 7.50 -18.27
N GLY C 277 9.88 7.33 -16.95
CA GLY C 277 10.72 8.11 -16.07
C GLY C 277 12.01 7.44 -15.68
N SER C 278 12.37 6.33 -16.33
CA SER C 278 13.58 5.61 -15.96
C SER C 278 14.36 5.11 -17.19
N GLN C 279 13.97 5.50 -18.40
CA GLN C 279 14.65 4.99 -19.58
C GLN C 279 15.98 5.69 -19.85
N GLN C 280 16.17 6.90 -19.34
CA GLN C 280 17.37 7.68 -19.62
C GLN C 280 18.48 7.45 -18.60
N TYR C 281 18.43 6.34 -17.86
CA TYR C 281 19.46 6.05 -16.89
C TYR C 281 19.92 4.61 -16.96
N ARG C 282 19.68 3.92 -18.07
CA ARG C 282 19.97 2.50 -18.20
C ARG C 282 20.95 2.27 -19.35
N ALA C 283 21.95 1.43 -19.09
CA ALA C 283 22.88 1.02 -20.13
C ALA C 283 22.21 0.03 -21.07
N LEU C 284 22.33 0.27 -22.36
CA LEU C 284 21.74 -0.61 -23.38
C LEU C 284 22.79 -1.61 -23.87
N THR C 285 23.21 -2.48 -22.97
CA THR C 285 24.20 -3.49 -23.28
C THR C 285 23.54 -4.87 -23.33
N VAL C 286 24.23 -5.79 -24.01
CA VAL C 286 23.72 -7.16 -24.12
C VAL C 286 23.72 -7.91 -22.79
N PRO C 287 24.77 -7.86 -21.93
CA PRO C 287 24.62 -8.50 -20.61
C PRO C 287 23.65 -7.81 -19.66
N GLU C 288 23.15 -6.61 -19.99
CA GLU C 288 22.10 -6.02 -19.18
C GLU C 288 20.79 -6.78 -19.35
N LEU C 289 20.55 -7.34 -20.55
CA LEU C 289 19.30 -8.03 -20.81
C LEU C 289 19.23 -9.39 -20.10
N THR C 290 20.38 -10.00 -19.84
CA THR C 290 20.38 -11.34 -19.28
C THR C 290 19.98 -11.33 -17.81
N GLN C 291 20.57 -10.42 -17.03
CA GLN C 291 20.30 -10.37 -15.58
C GLN C 291 18.92 -9.84 -15.25
N GLN C 292 18.20 -9.27 -16.23
CA GLN C 292 16.83 -8.84 -16.00
C GLN C 292 15.83 -9.97 -16.23
N MET C 293 16.19 -10.96 -17.03
CA MET C 293 15.25 -12.04 -17.33
C MET C 293 15.14 -13.04 -16.18
N PHE C 294 16.28 -13.48 -15.64
CA PHE C 294 16.30 -14.68 -14.82
C PHE C 294 15.90 -14.45 -13.37
N ASP C 295 15.14 -13.41 -13.05
CA ASP C 295 14.62 -13.23 -11.71
C ASP C 295 13.16 -13.65 -11.64
N ALA C 296 12.53 -13.39 -10.50
CA ALA C 296 11.14 -13.80 -10.30
C ALA C 296 10.16 -12.78 -10.85
N LYS C 297 10.49 -11.50 -10.76
CA LYS C 297 9.52 -10.45 -11.05
C LYS C 297 9.41 -10.12 -12.53
N ASN C 298 10.12 -10.84 -13.40
CA ASN C 298 9.96 -10.67 -14.84
C ASN C 298 9.22 -11.84 -15.47
N MET C 299 8.97 -12.91 -14.72
CA MET C 299 8.20 -14.04 -15.22
C MET C 299 6.74 -13.63 -15.42
N MET C 300 6.13 -14.15 -16.47
CA MET C 300 4.74 -13.89 -16.76
C MET C 300 3.82 -14.96 -16.20
N ALA C 301 4.22 -15.61 -15.11
CA ALA C 301 3.38 -16.60 -14.46
C ALA C 301 3.74 -16.62 -12.98
N ALA C 302 2.76 -16.97 -12.14
CA ALA C 302 2.97 -17.02 -10.69
C ALA C 302 3.80 -18.25 -10.36
N CYS C 303 5.11 -18.10 -10.50
CA CYS C 303 6.05 -19.19 -10.32
C CYS C 303 7.28 -18.69 -9.57
N ASP C 304 7.91 -19.62 -8.85
CA ASP C 304 9.11 -19.36 -8.07
C ASP C 304 10.23 -20.21 -8.67
N PRO C 305 11.01 -19.67 -9.60
CA PRO C 305 12.11 -20.45 -10.19
C PRO C 305 13.23 -20.77 -9.21
N ARG C 306 13.28 -20.11 -8.06
CA ARG C 306 14.20 -20.52 -7.01
C ARG C 306 13.82 -21.87 -6.41
N HIS C 307 12.55 -22.24 -6.47
CA HIS C 307 12.09 -23.58 -6.08
C HIS C 307 11.73 -24.33 -7.37
N GLY C 308 12.71 -25.01 -7.92
CA GLY C 308 12.55 -25.73 -9.17
C GLY C 308 13.77 -25.52 -10.05
N ARG C 309 13.91 -26.41 -11.03
CA ARG C 309 15.03 -26.36 -11.96
C ARG C 309 14.49 -26.20 -13.38
N TYR C 310 15.21 -25.43 -14.19
CA TYR C 310 14.86 -25.34 -15.59
C TYR C 310 15.26 -26.62 -16.32
N LEU C 311 14.62 -26.85 -17.45
CA LEU C 311 15.01 -27.92 -18.35
C LEU C 311 15.47 -27.39 -19.70
N THR C 312 14.66 -26.58 -20.37
CA THR C 312 15.02 -25.96 -21.64
C THR C 312 14.78 -24.47 -21.55
N VAL C 313 15.75 -23.70 -22.05
CA VAL C 313 15.70 -22.24 -22.01
C VAL C 313 15.90 -21.72 -23.43
N ALA C 314 14.91 -21.00 -23.95
CA ALA C 314 14.99 -20.39 -25.27
C ALA C 314 14.96 -18.87 -25.10
N ALA C 315 16.02 -18.22 -25.56
CA ALA C 315 16.10 -16.76 -25.56
C ALA C 315 16.21 -16.30 -27.00
N VAL C 316 15.14 -15.68 -27.51
CA VAL C 316 15.09 -15.23 -28.89
C VAL C 316 15.47 -13.76 -28.93
N PHE C 317 16.56 -13.45 -29.61
CA PHE C 317 17.14 -12.11 -29.62
C PHE C 317 16.81 -11.38 -30.91
N ARG C 318 16.65 -10.06 -30.79
CA ARG C 318 16.42 -9.18 -31.92
C ARG C 318 17.40 -8.03 -31.86
N GLY C 319 17.87 -7.59 -33.03
CA GLY C 319 18.81 -6.50 -33.09
C GLY C 319 20.13 -6.89 -33.74
N ARG C 320 21.20 -6.16 -33.43
CA ARG C 320 22.52 -6.42 -33.99
C ARG C 320 23.53 -6.49 -32.85
N MET C 321 24.10 -7.68 -32.66
CA MET C 321 24.98 -7.94 -31.53
C MET C 321 25.84 -9.16 -31.83
N SER C 322 26.94 -9.29 -31.11
CA SER C 322 27.92 -10.33 -31.40
C SER C 322 27.43 -11.69 -30.93
N MET C 323 27.79 -12.72 -31.70
CA MET C 323 27.37 -14.09 -31.37
C MET C 323 28.14 -14.63 -30.17
N LYS C 324 29.44 -14.36 -30.13
CA LYS C 324 30.27 -14.81 -29.01
C LYS C 324 29.93 -14.07 -27.73
N GLU C 325 29.49 -12.81 -27.84
CA GLU C 325 29.18 -12.02 -26.66
C GLU C 325 27.92 -12.52 -25.96
N VAL C 326 26.94 -13.00 -26.71
CA VAL C 326 25.72 -13.53 -26.10
C VAL C 326 26.00 -14.87 -25.45
N ASP C 327 26.72 -15.74 -26.16
CA ASP C 327 26.92 -17.12 -25.69
C ASP C 327 27.84 -17.19 -24.48
N GLU C 328 28.68 -16.19 -24.27
CA GLU C 328 29.44 -16.12 -23.03
C GLU C 328 28.53 -15.83 -21.85
N GLN C 329 27.51 -15.00 -22.05
CA GLN C 329 26.55 -14.72 -20.99
C GLN C 329 25.65 -15.91 -20.73
N MET C 330 25.26 -16.64 -21.78
CA MET C 330 24.40 -17.81 -21.61
C MET C 330 25.14 -18.96 -20.96
N LEU C 331 26.46 -19.03 -21.15
CA LEU C 331 27.24 -20.05 -20.47
C LEU C 331 27.49 -19.69 -19.02
N ASN C 332 27.67 -18.39 -18.73
CA ASN C 332 28.03 -17.97 -17.39
C ASN C 332 26.87 -18.14 -16.42
N VAL C 333 25.64 -17.91 -16.88
CA VAL C 333 24.48 -18.10 -16.01
C VAL C 333 24.21 -19.58 -15.76
N GLN C 334 24.74 -20.46 -16.60
CA GLN C 334 24.67 -21.88 -16.31
C GLN C 334 25.67 -22.27 -15.23
N ASN C 335 26.80 -21.59 -15.16
CA ASN C 335 27.83 -21.95 -14.19
C ASN C 335 27.46 -21.48 -12.79
N LYS C 336 27.11 -20.20 -12.64
CA LYS C 336 26.87 -19.67 -11.30
C LYS C 336 25.54 -20.14 -10.73
N ASN C 337 24.53 -20.31 -11.56
CA ASN C 337 23.22 -20.79 -11.11
C ASN C 337 23.10 -22.30 -11.31
N SER C 338 24.07 -23.06 -10.79
CA SER C 338 24.12 -24.49 -11.06
C SER C 338 23.04 -25.27 -10.33
N SER C 339 22.58 -24.77 -9.18
CA SER C 339 21.46 -25.42 -8.52
C SER C 339 20.15 -25.13 -9.23
N TYR C 340 20.09 -24.04 -9.99
CA TYR C 340 18.87 -23.62 -10.66
C TYR C 340 18.58 -24.38 -11.94
N PHE C 341 19.50 -25.21 -12.42
CA PHE C 341 19.28 -26.02 -13.61
C PHE C 341 19.38 -27.49 -13.26
N VAL C 342 18.81 -28.32 -14.14
CA VAL C 342 18.84 -29.76 -13.94
C VAL C 342 20.22 -30.29 -14.31
N GLU C 343 20.59 -31.41 -13.68
CA GLU C 343 21.98 -31.87 -13.78
C GLU C 343 22.24 -32.62 -15.07
N TRP C 344 21.31 -33.49 -15.50
CA TRP C 344 21.55 -34.45 -16.55
C TRP C 344 21.26 -33.92 -17.95
N ILE C 345 21.17 -32.60 -18.13
CA ILE C 345 21.00 -32.00 -19.45
C ILE C 345 22.12 -31.00 -19.71
N PRO C 346 23.07 -31.31 -20.59
CA PRO C 346 24.02 -30.31 -21.06
C PRO C 346 23.45 -29.50 -22.21
N ASN C 347 23.95 -28.27 -22.32
CA ASN C 347 23.52 -27.26 -23.31
C ASN C 347 22.01 -27.03 -23.22
N ASN C 348 21.58 -26.61 -22.04
CA ASN C 348 20.18 -26.37 -21.73
C ASN C 348 19.71 -24.97 -22.12
N VAL C 349 20.49 -24.24 -22.90
CA VAL C 349 20.16 -22.88 -23.29
C VAL C 349 20.12 -22.82 -24.81
N LYS C 350 19.00 -22.37 -25.35
CA LYS C 350 18.83 -22.25 -26.80
C LYS C 350 18.95 -20.79 -27.21
N THR C 351 19.78 -20.53 -28.22
CA THR C 351 20.05 -19.20 -28.69
C THR C 351 19.36 -18.98 -30.03
N ALA C 352 18.61 -17.89 -30.13
CA ALA C 352 17.95 -17.51 -31.38
C ALA C 352 18.23 -16.03 -31.63
N VAL C 353 18.97 -15.74 -32.69
CA VAL C 353 19.41 -14.39 -33.01
C VAL C 353 18.74 -13.96 -34.30
N CYS C 354 17.94 -12.90 -34.24
CA CYS C 354 17.37 -12.26 -35.41
C CYS C 354 18.10 -10.96 -35.69
N ASP C 355 17.71 -10.30 -36.78
CA ASP C 355 18.37 -9.08 -37.21
C ASP C 355 17.40 -7.92 -37.38
N ILE C 356 16.15 -8.06 -36.97
CA ILE C 356 15.20 -6.95 -37.04
C ILE C 356 14.73 -6.64 -35.62
N PRO C 357 15.07 -5.48 -35.08
CA PRO C 357 14.67 -5.14 -33.72
C PRO C 357 13.20 -4.73 -33.68
N PRO C 358 12.58 -4.71 -32.50
CA PRO C 358 11.24 -4.15 -32.38
C PRO C 358 11.25 -2.65 -32.65
N ARG C 359 10.16 -2.17 -33.24
CA ARG C 359 10.06 -0.76 -33.61
C ARG C 359 9.87 0.09 -32.37
N GLY C 360 10.74 1.09 -32.22
CA GLY C 360 10.75 1.95 -31.04
C GLY C 360 11.92 1.70 -30.12
N LEU C 361 12.62 0.58 -30.27
CA LEU C 361 13.78 0.26 -29.48
C LEU C 361 14.98 0.03 -30.41
N LYS C 362 16.12 -0.29 -29.81
CA LYS C 362 17.32 -0.61 -30.56
C LYS C 362 17.71 -2.08 -30.46
N MET C 363 17.66 -2.65 -29.27
CA MET C 363 17.88 -4.08 -29.08
C MET C 363 16.89 -4.60 -28.06
N SER C 364 16.54 -5.88 -28.18
CA SER C 364 15.56 -6.50 -27.30
C SER C 364 15.77 -8.00 -27.30
N ALA C 365 14.93 -8.70 -26.53
CA ALA C 365 14.97 -10.15 -26.46
C ALA C 365 13.59 -10.65 -26.04
N THR C 366 13.47 -11.97 -25.94
CA THR C 366 12.24 -12.60 -25.48
C THR C 366 12.60 -13.91 -24.81
N PHE C 367 12.19 -14.06 -23.56
CA PHE C 367 12.56 -15.21 -22.75
C PHE C 367 11.47 -16.27 -22.80
N ILE C 368 11.89 -17.52 -23.01
CA ILE C 368 11.01 -18.68 -22.91
C ILE C 368 11.61 -19.62 -21.88
N GLY C 369 10.87 -19.84 -20.80
CA GLY C 369 11.33 -20.68 -19.69
C GLY C 369 10.53 -21.96 -19.60
N ASN C 370 11.20 -23.02 -19.16
CA ASN C 370 10.56 -24.32 -18.92
C ASN C 370 11.17 -24.87 -17.64
N SER C 371 10.50 -24.63 -16.51
CA SER C 371 10.99 -25.08 -15.23
C SER C 371 9.95 -25.97 -14.55
N THR C 372 10.39 -26.65 -13.50
CA THR C 372 9.52 -27.46 -12.66
C THR C 372 8.89 -26.66 -11.53
N ALA C 373 8.85 -25.33 -11.65
CA ALA C 373 8.20 -24.48 -10.67
C ALA C 373 6.71 -24.35 -10.92
N ILE C 374 6.19 -24.88 -12.04
CA ILE C 374 4.77 -24.86 -12.31
C ILE C 374 4.01 -25.94 -11.58
N GLN C 375 4.69 -26.80 -10.80
CA GLN C 375 3.99 -27.75 -9.97
C GLN C 375 3.26 -27.06 -8.83
N GLU C 376 3.72 -25.88 -8.42
CA GLU C 376 2.93 -25.06 -7.51
C GLU C 376 1.71 -24.48 -8.21
N LEU C 377 1.80 -24.27 -9.53
CA LEU C 377 0.69 -23.67 -10.25
C LEU C 377 -0.47 -24.65 -10.42
N PHE C 378 -0.19 -25.95 -10.48
CA PHE C 378 -1.26 -26.93 -10.67
C PHE C 378 -1.72 -27.60 -9.39
N LYS C 379 -0.83 -27.83 -8.43
CA LYS C 379 -1.26 -28.41 -7.15
C LYS C 379 -2.14 -27.45 -6.38
N ARG C 380 -1.95 -26.16 -6.55
CA ARG C 380 -2.85 -25.18 -5.96
C ARG C 380 -4.22 -25.23 -6.62
N ILE C 381 -4.26 -25.56 -7.92
CA ILE C 381 -5.53 -25.79 -8.59
C ILE C 381 -6.18 -27.07 -8.09
N SER C 382 -5.38 -28.14 -7.99
CA SER C 382 -5.91 -29.43 -7.57
C SER C 382 -6.30 -29.43 -6.09
N GLU C 383 -5.68 -28.58 -5.27
CA GLU C 383 -6.13 -28.41 -3.90
C GLU C 383 -7.47 -27.71 -3.85
N GLN C 384 -7.66 -26.70 -4.71
CA GLN C 384 -8.97 -26.06 -4.83
C GLN C 384 -9.98 -26.98 -5.51
N PHE C 385 -9.51 -27.95 -6.30
CA PHE C 385 -10.43 -28.83 -7.01
C PHE C 385 -11.05 -29.85 -6.07
N THR C 386 -10.23 -30.50 -5.24
CA THR C 386 -10.71 -31.55 -4.35
C THR C 386 -11.56 -31.00 -3.22
N ALA C 387 -11.42 -29.72 -2.88
CA ALA C 387 -12.29 -29.14 -1.86
C ALA C 387 -13.69 -28.89 -2.41
N MET C 388 -13.79 -28.40 -3.65
CA MET C 388 -15.10 -28.10 -4.21
C MET C 388 -15.81 -29.38 -4.64
N PHE C 389 -15.06 -30.37 -5.10
CA PHE C 389 -15.67 -31.56 -5.68
C PHE C 389 -16.17 -32.53 -4.62
N ARG C 390 -15.57 -32.51 -3.43
CA ARG C 390 -15.97 -33.46 -2.38
C ARG C 390 -17.32 -33.11 -1.78
N ARG C 391 -17.78 -31.88 -1.95
CA ARG C 391 -19.09 -31.46 -1.51
C ARG C 391 -20.13 -31.57 -2.62
N LYS C 392 -19.72 -32.05 -3.80
CA LYS C 392 -20.52 -32.03 -5.03
C LYS C 392 -21.03 -30.62 -5.33
N ALA C 393 -20.18 -29.64 -5.07
CA ALA C 393 -20.58 -28.25 -5.16
C ALA C 393 -20.40 -27.77 -6.59
N PHE C 394 -21.38 -26.98 -7.06
CA PHE C 394 -21.46 -26.50 -8.44
C PHE C 394 -21.43 -27.64 -9.45
N LEU C 395 -22.03 -28.76 -9.09
CA LEU C 395 -22.05 -29.93 -9.96
C LEU C 395 -23.36 -30.07 -10.73
N HIS C 396 -24.43 -29.46 -10.24
CA HIS C 396 -25.76 -29.60 -10.84
C HIS C 396 -25.96 -28.69 -12.04
N TRP C 397 -24.90 -28.07 -12.56
CA TRP C 397 -24.93 -27.45 -13.87
C TRP C 397 -24.12 -28.21 -14.91
N TYR C 398 -22.98 -28.77 -14.51
CA TYR C 398 -22.24 -29.63 -15.41
C TYR C 398 -22.96 -30.95 -15.64
N THR C 399 -23.46 -31.56 -14.55
CA THR C 399 -24.22 -32.80 -14.68
C THR C 399 -25.54 -32.56 -15.38
N GLY C 400 -26.13 -31.37 -15.21
CA GLY C 400 -27.32 -31.00 -15.93
C GLY C 400 -27.14 -30.82 -17.43
N GLU C 401 -25.89 -30.76 -17.89
CA GLU C 401 -25.58 -30.63 -19.32
C GLU C 401 -24.86 -31.87 -19.85
N GLY C 402 -25.21 -33.05 -19.34
CA GLY C 402 -24.66 -34.28 -19.85
C GLY C 402 -23.22 -34.57 -19.45
N MET C 403 -22.99 -34.81 -18.16
CA MET C 403 -21.65 -35.11 -17.68
C MET C 403 -21.75 -36.02 -16.47
N ASP C 404 -20.84 -36.98 -16.38
CA ASP C 404 -20.83 -37.93 -15.28
C ASP C 404 -19.65 -37.70 -14.35
N GLU C 405 -19.66 -38.43 -13.23
CA GLU C 405 -18.60 -38.29 -12.22
C GLU C 405 -17.28 -38.85 -12.71
N MET C 406 -17.32 -39.87 -13.58
CA MET C 406 -16.10 -40.50 -14.08
C MET C 406 -15.32 -39.57 -15.01
N GLU C 407 -15.98 -38.58 -15.60
CA GLU C 407 -15.26 -37.54 -16.32
C GLU C 407 -14.37 -36.74 -15.38
N PHE C 408 -14.79 -36.53 -14.15
CA PHE C 408 -13.98 -35.80 -13.19
C PHE C 408 -12.85 -36.67 -12.65
N THR C 409 -13.15 -37.95 -12.39
CA THR C 409 -12.21 -38.80 -11.66
C THR C 409 -10.96 -39.09 -12.49
N GLU C 410 -11.13 -39.34 -13.78
CA GLU C 410 -9.98 -39.53 -14.65
C GLU C 410 -9.22 -38.23 -14.83
N ALA C 411 -9.94 -37.11 -14.95
CA ALA C 411 -9.28 -35.82 -15.13
C ALA C 411 -8.60 -35.33 -13.87
N GLU C 412 -9.08 -35.76 -12.70
CA GLU C 412 -8.42 -35.37 -11.45
C GLU C 412 -7.08 -36.05 -11.30
N SER C 413 -7.04 -37.37 -11.50
CA SER C 413 -5.80 -38.11 -11.30
C SER C 413 -4.80 -37.88 -12.43
N ASN C 414 -5.26 -37.46 -13.61
CA ASN C 414 -4.33 -37.19 -14.70
C ASN C 414 -3.52 -35.92 -14.42
N MET C 415 -4.11 -34.96 -13.72
CA MET C 415 -3.31 -33.82 -13.24
C MET C 415 -2.35 -34.27 -12.15
N ASN C 416 -2.79 -35.18 -11.27
CA ASN C 416 -1.87 -35.74 -10.28
C ASN C 416 -0.81 -36.61 -10.92
N ASP C 417 -1.15 -37.29 -12.02
CA ASP C 417 -0.12 -37.99 -12.79
C ASP C 417 0.77 -37.04 -13.55
N LEU C 418 0.29 -35.83 -13.82
CA LEU C 418 1.13 -34.83 -14.46
C LEU C 418 2.16 -34.25 -13.49
N VAL C 419 1.72 -33.88 -12.29
CA VAL C 419 2.61 -33.21 -11.35
C VAL C 419 3.64 -34.19 -10.77
N SER C 420 3.22 -35.45 -10.59
CA SER C 420 4.13 -36.47 -10.07
C SER C 420 5.26 -36.80 -11.04
N GLU C 421 5.09 -36.49 -12.33
CA GLU C 421 6.21 -36.57 -13.26
C GLU C 421 7.21 -35.44 -13.00
N TYR C 422 6.72 -34.22 -12.74
CA TYR C 422 7.60 -33.08 -12.55
C TYR C 422 8.44 -33.21 -11.29
N GLN C 423 7.85 -33.73 -10.22
CA GLN C 423 8.61 -33.97 -9.00
C GLN C 423 9.60 -35.11 -9.20
N GLN C 424 9.28 -36.06 -10.08
CA GLN C 424 10.17 -37.18 -10.34
C GLN C 424 11.42 -36.72 -11.09
N TYR C 425 11.26 -35.86 -12.08
CA TYR C 425 12.40 -35.34 -12.82
C TYR C 425 13.08 -34.17 -12.12
N GLN C 426 12.58 -33.73 -10.97
CA GLN C 426 13.15 -32.56 -10.34
C GLN C 426 14.46 -32.87 -9.66
N ASP C 427 14.52 -33.96 -8.90
CA ASP C 427 15.63 -34.22 -7.99
C ASP C 427 16.23 -35.60 -8.24
N ALA C 428 16.47 -35.91 -9.51
CA ALA C 428 17.13 -37.15 -9.89
C ALA C 428 18.62 -36.88 -10.14
N THR C 429 19.38 -37.97 -10.24
CA THR C 429 20.82 -37.88 -10.46
C THR C 429 21.37 -39.14 -11.11
N MET D 1 4.66 10.69 1.74
CA MET D 1 3.44 10.45 2.50
C MET D 1 3.77 10.15 3.97
N ARG D 2 3.63 11.16 4.82
CA ARG D 2 3.84 11.02 6.26
C ARG D 2 2.67 11.70 6.94
N GLU D 3 1.59 10.97 7.16
CA GLU D 3 0.37 11.58 7.68
C GLU D 3 0.30 11.46 9.19
N CYS D 4 -0.53 12.31 9.77
CA CYS D 4 -0.74 12.36 11.22
C CYS D 4 -2.09 12.99 11.49
N ILE D 5 -3.02 12.21 11.99
CA ILE D 5 -4.38 12.67 12.21
C ILE D 5 -4.49 13.24 13.62
N SER D 6 -5.54 14.03 13.85
CA SER D 6 -5.74 14.74 15.10
C SER D 6 -7.14 14.50 15.64
N ILE D 7 -7.25 14.55 16.97
CA ILE D 7 -8.50 14.35 17.69
C ILE D 7 -8.70 15.53 18.63
N HIS D 8 -9.92 16.05 18.68
CA HIS D 8 -10.25 17.19 19.53
C HIS D 8 -11.46 16.85 20.37
N VAL D 9 -11.31 16.92 21.69
CA VAL D 9 -12.31 16.43 22.63
C VAL D 9 -12.76 17.58 23.53
N GLY D 10 -14.06 17.85 23.56
CA GLY D 10 -14.62 18.83 24.49
C GLY D 10 -14.61 20.24 23.93
N GLN D 11 -15.10 21.16 24.78
CA GLN D 11 -15.06 22.58 24.46
C GLN D 11 -13.63 23.07 24.34
N ALA D 12 -12.74 22.55 25.18
CA ALA D 12 -11.31 22.79 25.01
C ALA D 12 -10.76 22.15 23.75
N GLY D 13 -11.39 21.08 23.26
CA GLY D 13 -10.95 20.50 22.02
C GLY D 13 -11.30 21.36 20.81
N VAL D 14 -12.49 21.96 20.82
CA VAL D 14 -12.96 22.68 19.66
C VAL D 14 -12.28 24.04 19.56
N GLN D 15 -12.26 24.78 20.67
CA GLN D 15 -11.76 26.15 20.66
C GLN D 15 -10.25 26.23 20.48
N ILE D 16 -9.52 25.16 20.84
CA ILE D 16 -8.13 25.05 20.44
C ILE D 16 -8.03 24.71 18.95
N GLY D 17 -8.87 23.79 18.49
CA GLY D 17 -8.70 23.23 17.16
C GLY D 17 -9.00 24.21 16.05
N ASN D 18 -9.96 25.10 16.26
CA ASN D 18 -10.28 26.09 15.24
C ASN D 18 -9.15 27.11 15.08
N ALA D 19 -8.48 27.46 16.17
CA ALA D 19 -7.33 28.33 16.06
C ALA D 19 -6.11 27.60 15.51
N CYS D 20 -6.07 26.28 15.63
CA CYS D 20 -4.97 25.52 15.04
C CYS D 20 -5.15 25.42 13.53
N TRP D 21 -6.32 24.97 13.07
CA TRP D 21 -6.54 24.78 11.64
C TRP D 21 -6.66 26.10 10.89
N GLU D 22 -6.91 27.21 11.58
CA GLU D 22 -6.82 28.51 10.94
C GLU D 22 -5.38 28.80 10.51
N LEU D 23 -4.42 28.36 11.32
CA LEU D 23 -3.01 28.64 11.00
C LEU D 23 -2.52 27.76 9.86
N TYR D 24 -3.01 26.51 9.78
CA TYR D 24 -2.62 25.64 8.69
C TYR D 24 -3.17 26.09 7.35
N CYS D 25 -4.33 26.76 7.36
CA CYS D 25 -4.90 27.27 6.11
C CYS D 25 -4.07 28.42 5.56
N LEU D 26 -3.52 29.26 6.44
CA LEU D 26 -2.78 30.43 5.99
C LEU D 26 -1.37 30.11 5.51
N GLU D 27 -0.88 28.89 5.75
CA GLU D 27 0.49 28.57 5.37
C GLU D 27 0.58 27.95 3.98
N HIS D 28 -0.26 26.97 3.69
CA HIS D 28 -0.21 26.28 2.41
C HIS D 28 -1.13 26.92 1.37
N GLY D 29 -1.43 28.21 1.51
CA GLY D 29 -2.26 28.89 0.54
C GLY D 29 -3.70 28.45 0.52
N ILE D 30 -4.18 27.85 1.58
CA ILE D 30 -5.51 27.25 1.60
C ILE D 30 -6.52 28.33 1.93
N GLN D 31 -7.48 28.52 1.02
CA GLN D 31 -8.58 29.44 1.22
C GLN D 31 -9.55 28.86 2.25
N PRO D 32 -10.51 29.63 2.75
CA PRO D 32 -11.58 29.05 3.56
C PRO D 32 -12.54 28.12 2.81
N ASP D 33 -12.35 27.88 1.51
CA ASP D 33 -13.12 26.88 0.79
C ASP D 33 -12.21 25.82 0.18
N GLY D 34 -11.01 25.66 0.71
CA GLY D 34 -10.14 24.56 0.35
C GLY D 34 -9.33 24.74 -0.92
N GLN D 35 -9.74 25.62 -1.82
CA GLN D 35 -9.01 25.81 -3.07
C GLN D 35 -7.71 26.55 -2.83
N MET D 36 -6.80 26.45 -3.80
CA MET D 36 -5.51 27.14 -3.77
C MET D 36 -5.25 27.82 -5.11
N PRO D 37 -5.83 29.01 -5.34
CA PRO D 37 -5.69 29.71 -6.63
C PRO D 37 -4.27 30.22 -6.91
N ASP D 38 3.30 18.45 -4.12
CA ASP D 38 3.53 19.54 -3.19
C ASP D 38 4.15 19.02 -1.89
N SER D 39 3.74 19.60 -0.76
CA SER D 39 4.28 19.23 0.52
C SER D 39 3.24 18.99 1.61
N PHE D 40 1.96 19.34 1.37
CA PHE D 40 0.94 19.22 2.39
C PHE D 40 0.20 17.89 2.36
N ASN D 41 0.87 16.82 1.93
CA ASN D 41 0.31 15.48 2.00
C ASN D 41 0.19 14.98 3.45
N THR D 42 0.86 15.64 4.39
CA THR D 42 0.83 15.23 5.79
C THR D 42 -0.56 15.42 6.38
N PHE D 43 -1.08 16.65 6.35
CA PHE D 43 -2.30 16.97 7.06
C PHE D 43 -3.50 17.21 6.16
N PHE D 44 -3.34 17.06 4.84
CA PHE D 44 -4.44 17.37 3.92
C PHE D 44 -4.46 16.34 2.80
N SER D 45 -5.46 15.48 2.81
CA SER D 45 -5.70 14.61 1.68
C SER D 45 -6.39 15.39 0.56
N GLU D 46 -6.44 14.77 -0.61
CA GLU D 46 -6.93 15.42 -1.82
C GLU D 46 -8.10 14.64 -2.40
N THR D 47 -9.12 15.35 -2.85
CA THR D 47 -10.25 14.73 -3.52
C THR D 47 -9.91 14.44 -4.98
N GLY D 48 -10.91 13.99 -5.73
CA GLY D 48 -10.72 13.76 -7.16
C GLY D 48 -10.55 15.05 -7.93
N ALA D 49 -11.24 16.10 -7.51
CA ALA D 49 -11.05 17.42 -8.09
C ALA D 49 -9.95 18.14 -7.32
N GLY D 50 -9.80 19.45 -7.54
CA GLY D 50 -8.77 20.20 -6.86
C GLY D 50 -9.22 20.80 -5.54
N LYS D 51 -9.83 19.98 -4.68
CA LYS D 51 -10.24 20.41 -3.35
C LYS D 51 -9.61 19.50 -2.31
N HIS D 52 -9.11 20.09 -1.23
CA HIS D 52 -8.45 19.35 -0.15
C HIS D 52 -9.30 19.44 1.11
N VAL D 53 -9.08 18.49 2.02
CA VAL D 53 -9.82 18.45 3.28
C VAL D 53 -8.86 18.28 4.45
N PRO D 54 -9.18 18.82 5.62
CA PRO D 54 -8.35 18.59 6.80
C PRO D 54 -8.56 17.19 7.37
N ARG D 55 -7.55 16.73 8.09
CA ARG D 55 -7.57 15.42 8.73
C ARG D 55 -8.00 15.54 10.19
N ALA D 56 -9.19 16.11 10.39
CA ALA D 56 -9.68 16.42 11.73
C ALA D 56 -10.81 15.49 12.12
N VAL D 57 -10.85 15.10 13.39
CA VAL D 57 -11.94 14.33 13.96
C VAL D 57 -12.39 15.12 15.18
N PHE D 58 -13.42 15.95 15.00
CA PHE D 58 -13.95 16.76 16.09
C PHE D 58 -15.06 16.00 16.79
N VAL D 59 -14.99 15.92 18.11
CA VAL D 59 -15.95 15.16 18.90
C VAL D 59 -16.23 15.91 20.19
N ASP D 60 -17.50 15.90 20.61
CA ASP D 60 -17.93 16.47 21.86
C ASP D 60 -19.27 15.85 22.22
N LEU D 61 -19.60 15.87 23.50
CA LEU D 61 -20.87 15.34 23.98
C LEU D 61 -21.98 16.37 23.97
N GLU D 62 -21.70 17.60 23.58
CA GLU D 62 -22.68 18.66 23.50
C GLU D 62 -22.61 19.31 22.13
N PRO D 63 -23.75 19.65 21.53
CA PRO D 63 -23.75 20.15 20.15
C PRO D 63 -23.61 21.65 19.98
N THR D 64 -23.40 22.41 21.06
CA THR D 64 -23.40 23.87 20.95
C THR D 64 -22.14 24.37 20.26
N VAL D 65 -20.98 23.91 20.71
CA VAL D 65 -19.72 24.43 20.20
C VAL D 65 -19.38 23.83 18.84
N ILE D 66 -20.00 22.71 18.46
CA ILE D 66 -19.72 22.11 17.16
C ILE D 66 -20.40 22.92 16.06
N ASP D 67 -21.63 23.37 16.31
CA ASP D 67 -22.43 24.04 15.28
C ASP D 67 -21.85 25.39 14.86
N GLU D 68 -21.00 25.98 15.68
CA GLU D 68 -20.30 27.19 15.28
C GLU D 68 -19.27 26.92 14.19
N VAL D 69 -18.78 25.68 14.10
CA VAL D 69 -17.99 25.30 12.93
C VAL D 69 -18.91 24.99 11.76
N ARG D 70 -20.08 24.42 12.04
CA ARG D 70 -21.02 24.05 10.98
C ARG D 70 -21.65 25.26 10.29
N THR D 71 -21.67 26.42 10.95
CA THR D 71 -22.24 27.61 10.36
C THR D 71 -21.24 28.76 10.23
N GLY D 72 -20.00 28.58 10.69
CA GLY D 72 -19.04 29.65 10.70
C GLY D 72 -18.33 29.85 9.37
N THR D 73 -17.14 30.45 9.46
CA THR D 73 -16.37 30.76 8.27
C THR D 73 -15.82 29.49 7.62
N TYR D 74 -15.40 28.53 8.44
CA TYR D 74 -14.96 27.23 7.93
C TYR D 74 -16.12 26.26 7.79
N ARG D 75 -17.17 26.69 7.08
CA ARG D 75 -18.35 25.86 6.90
C ARG D 75 -18.08 24.74 5.91
N GLN D 76 -17.71 25.09 4.68
CA GLN D 76 -17.57 24.13 3.59
C GLN D 76 -16.16 23.57 3.48
N LEU D 77 -15.42 23.52 4.58
CA LEU D 77 -14.09 22.93 4.56
C LEU D 77 -14.07 21.52 5.13
N PHE D 78 -14.76 21.29 6.24
CA PHE D 78 -14.71 20.02 6.95
C PHE D 78 -15.79 19.09 6.46
N HIS D 79 -15.45 17.81 6.37
CA HIS D 79 -16.40 16.78 5.96
C HIS D 79 -17.44 16.58 7.06
N PRO D 80 -18.74 16.74 6.77
CA PRO D 80 -19.76 16.63 7.82
C PRO D 80 -19.95 15.23 8.40
N GLU D 81 -19.24 14.22 7.91
CA GLU D 81 -19.19 12.93 8.59
C GLU D 81 -18.17 12.90 9.73
N GLN D 82 -17.57 14.03 10.06
CA GLN D 82 -16.52 14.09 11.07
C GLN D 82 -16.88 14.95 12.26
N LEU D 83 -18.02 15.61 12.24
CA LEU D 83 -18.44 16.47 13.35
C LEU D 83 -19.41 15.72 14.25
N ILE D 84 -18.86 14.75 14.97
CA ILE D 84 -19.67 13.82 15.75
C ILE D 84 -20.17 14.51 17.02
N THR D 85 -21.49 14.59 17.17
CA THR D 85 -22.12 15.22 18.32
C THR D 85 -22.98 14.20 19.05
N GLY D 86 -23.68 14.67 20.08
CA GLY D 86 -24.55 13.81 20.86
C GLY D 86 -25.67 14.62 21.47
N LYS D 87 -26.51 13.93 22.25
CA LYS D 87 -27.66 14.60 22.85
C LYS D 87 -27.29 15.34 24.12
N GLU D 88 -26.81 14.62 25.14
CA GLU D 88 -26.56 15.17 26.45
C GLU D 88 -25.07 15.22 26.73
N ASP D 89 -24.62 16.30 27.36
CA ASP D 89 -23.22 16.48 27.68
C ASP D 89 -22.85 15.76 28.97
N ALA D 90 -21.54 15.67 29.21
CA ALA D 90 -21.06 15.07 30.46
C ALA D 90 -21.34 15.98 31.64
N ALA D 91 -21.24 17.31 31.42
CA ALA D 91 -21.51 18.35 32.40
C ALA D 91 -20.63 18.21 33.65
N ASN D 92 -19.32 18.15 33.39
CA ASN D 92 -18.26 18.05 34.40
C ASN D 92 -18.46 16.82 35.29
N ASN D 93 -18.40 15.66 34.66
CA ASN D 93 -18.66 14.40 35.35
C ASN D 93 -17.87 13.31 34.66
N TYR D 94 -17.02 12.61 35.41
CA TYR D 94 -16.29 11.49 34.84
C TYR D 94 -17.20 10.30 34.59
N ALA D 95 -18.27 10.17 35.39
CA ALA D 95 -19.21 9.06 35.21
C ALA D 95 -20.02 9.23 33.95
N ARG D 96 -20.42 10.46 33.63
CA ARG D 96 -21.10 10.75 32.39
C ARG D 96 -20.14 11.03 31.25
N GLY D 97 -18.86 10.71 31.42
CA GLY D 97 -17.91 10.84 30.34
C GLY D 97 -17.22 9.53 30.03
N HIS D 98 -17.22 8.61 30.99
CA HIS D 98 -16.50 7.34 30.84
C HIS D 98 -17.36 6.11 31.03
N TYR D 99 -18.44 6.18 31.82
CA TYR D 99 -19.24 5.01 32.11
C TYR D 99 -20.67 5.05 31.60
N THR D 100 -21.23 6.23 31.34
CA THR D 100 -22.64 6.32 30.99
C THR D 100 -22.84 6.85 29.58
N ILE D 101 -22.34 8.04 29.26
CA ILE D 101 -22.56 8.63 27.94
C ILE D 101 -21.43 8.25 26.98
N GLY D 102 -20.21 8.18 27.49
CA GLY D 102 -19.07 7.85 26.66
C GLY D 102 -19.05 6.42 26.17
N LYS D 103 -19.85 5.53 26.77
CA LYS D 103 -19.95 4.17 26.29
C LYS D 103 -20.69 4.08 24.96
N GLU D 104 -21.50 5.08 24.63
CA GLU D 104 -22.33 5.00 23.43
C GLU D 104 -21.52 5.25 22.17
N ILE D 105 -20.96 6.45 22.03
CA ILE D 105 -20.37 6.88 20.77
C ILE D 105 -18.86 6.61 20.74
N ILE D 106 -18.36 5.76 21.64
CA ILE D 106 -16.97 5.34 21.52
C ILE D 106 -16.81 4.37 20.36
N ASP D 107 -17.89 3.67 20.00
CA ASP D 107 -17.91 2.78 18.85
C ASP D 107 -18.47 3.46 17.61
N LEU D 108 -18.36 4.78 17.54
CA LEU D 108 -18.85 5.55 16.40
C LEU D 108 -17.74 6.45 15.89
N VAL D 109 -16.90 6.93 16.81
CA VAL D 109 -15.75 7.75 16.42
C VAL D 109 -14.69 6.88 15.74
N LEU D 110 -14.54 5.64 16.21
CA LEU D 110 -13.55 4.71 15.67
C LEU D 110 -13.82 4.29 14.24
N ASP D 111 -15.04 4.49 13.75
CA ASP D 111 -15.32 4.19 12.36
C ASP D 111 -14.68 5.21 11.42
N ARG D 112 -14.78 6.50 11.77
CA ARG D 112 -14.23 7.53 10.90
C ARG D 112 -12.71 7.59 10.96
N ILE D 113 -12.13 7.17 12.08
CA ILE D 113 -10.68 7.22 12.23
C ILE D 113 -10.03 6.17 11.34
N ARG D 114 -10.60 4.96 11.30
CA ARG D 114 -10.02 3.90 10.50
C ARG D 114 -10.19 4.18 9.01
N LYS D 115 -11.26 4.88 8.63
CA LYS D 115 -11.42 5.29 7.24
C LYS D 115 -10.42 6.36 6.84
N LEU D 116 -9.91 7.14 7.79
CA LEU D 116 -8.81 8.05 7.47
C LEU D 116 -7.52 7.29 7.27
N ALA D 117 -7.29 6.24 8.06
CA ALA D 117 -6.08 5.44 7.92
C ALA D 117 -6.09 4.59 6.66
N ASP D 118 -7.28 4.27 6.14
CA ASP D 118 -7.36 3.46 4.93
C ASP D 118 -6.90 4.21 3.69
N GLN D 119 -6.98 5.53 3.69
CA GLN D 119 -6.46 6.33 2.59
C GLN D 119 -5.09 6.92 2.90
N CYS D 120 -4.34 6.31 3.83
CA CYS D 120 -3.02 6.79 4.19
C CYS D 120 -2.09 5.59 4.37
N THR D 121 -0.81 5.84 4.19
CA THR D 121 0.21 4.82 4.41
C THR D 121 1.30 5.24 5.39
N GLY D 122 1.66 6.52 5.45
CA GLY D 122 2.63 7.00 6.39
C GLY D 122 2.00 7.55 7.66
N LEU D 123 1.10 6.77 8.26
CA LEU D 123 0.43 7.20 9.48
C LEU D 123 1.42 7.10 10.64
N GLN D 124 1.99 8.24 11.02
CA GLN D 124 2.99 8.22 12.09
C GLN D 124 2.34 8.20 13.46
N GLY D 125 1.53 9.20 13.76
CA GLY D 125 0.97 9.31 15.09
C GLY D 125 -0.36 10.01 15.18
N PHE D 126 -0.79 10.27 16.40
CA PHE D 126 -2.07 10.91 16.70
C PHE D 126 -1.82 12.25 17.37
N LEU D 127 -2.88 13.04 17.46
CA LEU D 127 -2.86 14.29 18.22
C LEU D 127 -4.16 14.40 18.99
N VAL D 128 -4.12 14.06 20.27
CA VAL D 128 -5.30 14.09 21.13
C VAL D 128 -5.25 15.37 21.94
N PHE D 129 -6.17 16.29 21.64
CA PHE D 129 -6.18 17.61 22.26
C PHE D 129 -7.40 17.68 23.17
N HIS D 130 -7.18 17.77 24.47
CA HIS D 130 -8.29 17.82 25.42
C HIS D 130 -7.85 18.61 26.65
N SER D 131 -8.66 18.54 27.69
CA SER D 131 -8.37 19.21 28.95
C SER D 131 -8.53 18.23 30.11
N PHE D 132 -8.03 18.64 31.27
CA PHE D 132 -8.16 17.86 32.49
C PHE D 132 -9.28 18.32 33.40
N GLY D 133 -9.74 19.57 33.25
CA GLY D 133 -10.74 20.09 34.18
C GLY D 133 -12.13 19.53 33.91
N GLY D 134 -12.56 19.59 32.65
CA GLY D 134 -13.90 19.17 32.31
C GLY D 134 -14.08 17.67 32.33
N GLY D 135 -15.33 17.25 32.21
CA GLY D 135 -15.62 15.83 32.24
C GLY D 135 -15.36 15.15 30.91
N THR D 136 -15.73 15.80 29.81
CA THR D 136 -15.63 15.18 28.50
C THR D 136 -14.17 15.04 28.06
N GLY D 137 -13.37 16.07 28.31
CA GLY D 137 -11.95 15.99 28.02
C GLY D 137 -11.17 15.05 28.92
N SER D 138 -11.77 14.64 30.05
CA SER D 138 -11.18 13.67 30.95
C SER D 138 -11.80 12.28 30.78
N GLY D 139 -13.12 12.21 30.70
CA GLY D 139 -13.76 10.90 30.67
C GLY D 139 -13.74 10.27 29.30
N PHE D 140 -14.20 11.00 28.28
CA PHE D 140 -14.26 10.47 26.92
C PHE D 140 -12.88 10.25 26.32
N THR D 141 -11.87 11.00 26.80
CA THR D 141 -10.50 10.75 26.39
C THR D 141 -9.99 9.44 26.95
N SER D 142 -10.27 9.18 28.23
CA SER D 142 -9.69 8.04 28.93
C SER D 142 -10.23 6.71 28.41
N LEU D 143 -11.48 6.67 27.97
CA LEU D 143 -11.98 5.49 27.29
C LEU D 143 -11.41 5.38 25.88
N LEU D 144 -11.16 6.53 25.24
CA LEU D 144 -10.60 6.52 23.89
C LEU D 144 -9.16 6.04 23.89
N MET D 145 -8.42 6.27 24.97
CA MET D 145 -7.03 5.84 25.03
C MET D 145 -6.88 4.34 25.12
N GLU D 146 -7.91 3.62 25.56
CA GLU D 146 -7.88 2.17 25.47
C GLU D 146 -7.96 1.71 24.03
N ARG D 147 -9.02 2.11 23.32
CA ARG D 147 -9.33 1.58 22.00
C ARG D 147 -8.32 2.00 20.93
N LEU D 148 -7.62 3.12 21.13
CA LEU D 148 -6.54 3.46 20.21
C LEU D 148 -5.35 2.54 20.41
N SER D 149 -5.06 2.20 21.67
CA SER D 149 -3.96 1.28 21.94
C SER D 149 -4.30 -0.16 21.58
N VAL D 150 -5.58 -0.52 21.57
CA VAL D 150 -5.99 -1.84 21.13
C VAL D 150 -5.81 -1.97 19.63
N ASP D 151 -6.26 -0.96 18.87
CA ASP D 151 -6.31 -1.09 17.42
C ASP D 151 -4.95 -0.86 16.79
N TYR D 152 -4.37 0.32 17.00
CA TYR D 152 -3.12 0.69 16.34
C TYR D 152 -1.89 0.39 17.19
N GLY D 153 -1.80 0.97 18.38
CA GLY D 153 -0.74 0.62 19.31
C GLY D 153 0.62 1.22 19.01
N LYS D 154 1.21 0.87 17.87
CA LYS D 154 2.56 1.31 17.56
C LYS D 154 2.65 2.78 17.21
N LYS D 155 1.54 3.41 16.88
CA LYS D 155 1.56 4.78 16.38
C LYS D 155 1.67 5.73 17.56
N SER D 156 2.63 6.65 17.50
CA SER D 156 3.02 7.44 18.67
C SER D 156 1.96 8.48 18.99
N LYS D 157 1.20 8.24 20.05
CA LYS D 157 0.15 9.16 20.48
C LYS D 157 0.75 10.31 21.26
N LEU D 158 0.07 11.45 21.22
CA LEU D 158 0.52 12.65 21.91
C LEU D 158 -0.66 13.36 22.53
N GLU D 159 -0.38 14.23 23.50
CA GLU D 159 -1.40 15.00 24.18
C GLU D 159 -0.92 16.42 24.43
N PHE D 160 -1.67 17.39 23.93
CA PHE D 160 -1.53 18.78 24.38
C PHE D 160 -2.60 19.10 25.41
N SER D 161 -2.60 18.31 26.48
CA SER D 161 -3.67 18.35 27.47
C SER D 161 -3.55 19.59 28.34
N ILE D 162 -4.67 20.24 28.61
CA ILE D 162 -4.69 21.45 29.42
C ILE D 162 -4.51 21.06 30.89
N TYR D 163 -3.40 21.50 31.48
CA TYR D 163 -3.14 21.21 32.88
C TYR D 163 -4.03 22.09 33.75
N PRO D 164 -4.59 21.56 34.84
CA PRO D 164 -5.45 22.38 35.70
C PRO D 164 -4.64 23.40 36.49
N ALA D 165 -5.14 24.62 36.52
CA ALA D 165 -4.40 25.73 37.12
C ALA D 165 -4.37 25.59 38.64
N PRO D 166 -3.24 25.90 39.27
CA PRO D 166 -3.17 25.77 40.74
C PRO D 166 -3.95 26.82 41.49
N GLN D 167 -4.05 28.05 40.96
CA GLN D 167 -4.72 29.13 41.67
C GLN D 167 -5.83 29.78 40.84
N VAL D 168 -6.27 29.11 39.77
CA VAL D 168 -7.43 29.53 39.00
C VAL D 168 -8.35 28.33 38.86
N SER D 169 -9.54 28.41 39.45
CA SER D 169 -10.49 27.31 39.48
C SER D 169 -11.70 27.67 38.65
N THR D 170 -11.95 26.91 37.58
CA THR D 170 -13.13 27.07 36.75
C THR D 170 -14.19 26.02 37.03
N ALA D 171 -13.84 24.97 37.77
CA ALA D 171 -14.78 23.94 38.15
C ALA D 171 -14.42 23.38 39.51
N VAL D 172 -15.44 22.98 40.26
CA VAL D 172 -15.22 22.43 41.60
C VAL D 172 -14.66 21.02 41.50
N VAL D 173 -14.97 20.31 40.42
CA VAL D 173 -14.65 18.89 40.31
C VAL D 173 -13.32 18.67 39.61
N GLU D 174 -12.48 19.71 39.56
CA GLU D 174 -11.15 19.55 38.98
C GLU D 174 -10.22 18.59 39.73
N PRO D 175 -10.16 18.53 41.07
CA PRO D 175 -9.33 17.49 41.69
C PRO D 175 -9.85 16.07 41.54
N TYR D 176 -11.07 15.87 41.06
CA TYR D 176 -11.54 14.53 40.74
C TYR D 176 -11.31 14.17 39.29
N ASN D 177 -11.55 15.11 38.37
CA ASN D 177 -11.34 14.85 36.95
C ASN D 177 -9.90 15.00 36.52
N SER D 178 -8.98 15.27 37.43
CA SER D 178 -7.57 15.23 37.08
C SER D 178 -6.93 13.92 37.56
N ILE D 179 -7.24 13.51 38.78
CA ILE D 179 -6.61 12.32 39.35
C ILE D 179 -7.15 11.06 38.69
N LEU D 180 -8.47 10.98 38.50
CA LEU D 180 -9.07 9.76 37.98
C LEU D 180 -8.75 9.54 36.51
N THR D 181 -8.48 10.61 35.76
CA THR D 181 -8.04 10.44 34.39
C THR D 181 -6.54 10.23 34.29
N THR D 182 -5.79 10.45 35.36
CA THR D 182 -4.35 10.23 35.32
C THR D 182 -4.03 8.75 35.44
N HIS D 183 -4.82 8.01 36.24
CA HIS D 183 -4.61 6.58 36.38
C HIS D 183 -4.90 5.83 35.09
N THR D 184 -5.85 6.30 34.30
CA THR D 184 -6.20 5.58 33.08
C THR D 184 -5.18 5.85 31.98
N THR D 185 -4.81 7.11 31.76
CA THR D 185 -3.93 7.46 30.66
C THR D 185 -2.48 7.07 30.91
N LEU D 186 -2.13 6.71 32.15
CA LEU D 186 -0.76 6.29 32.43
C LEU D 186 -0.47 4.93 31.83
N GLU D 187 -1.51 4.12 31.62
CA GLU D 187 -1.33 2.80 31.03
C GLU D 187 -1.20 2.84 29.52
N HIS D 188 -1.69 3.90 28.88
CA HIS D 188 -1.84 3.89 27.43
C HIS D 188 -1.01 4.93 26.71
N SER D 189 -0.92 6.16 27.26
CA SER D 189 -0.35 7.26 26.51
C SER D 189 1.17 7.13 26.43
N ASP D 190 1.77 8.03 25.65
CA ASP D 190 3.21 8.01 25.44
C ASP D 190 3.91 9.30 25.84
N CYS D 191 3.30 10.45 25.56
CA CYS D 191 3.93 11.72 25.91
C CYS D 191 2.83 12.77 26.03
N ALA D 192 2.65 13.31 27.23
CA ALA D 192 1.60 14.29 27.52
C ALA D 192 2.24 15.64 27.77
N PHE D 193 1.97 16.60 26.88
CA PHE D 193 2.47 17.95 27.03
C PHE D 193 1.48 18.80 27.81
N MET D 194 2.00 19.61 28.73
CA MET D 194 1.16 20.41 29.61
C MET D 194 1.23 21.87 29.20
N VAL D 195 0.05 22.50 29.08
CA VAL D 195 -0.08 23.94 28.89
C VAL D 195 -1.16 24.41 29.86
N ASP D 196 -0.81 25.37 30.71
CA ASP D 196 -1.72 25.85 31.75
C ASP D 196 -2.18 27.27 31.42
N ASN D 197 -3.37 27.60 31.91
CA ASN D 197 -3.98 28.89 31.59
C ASN D 197 -3.32 30.03 32.34
N GLU D 198 -2.96 29.80 33.61
CA GLU D 198 -2.55 30.87 34.51
C GLU D 198 -1.26 31.53 34.04
N ALA D 199 -0.31 30.73 33.53
CA ALA D 199 0.94 31.30 33.08
C ALA D 199 0.80 32.03 31.75
N ILE D 200 -0.24 31.73 30.97
CA ILE D 200 -0.45 32.45 29.72
C ILE D 200 -0.98 33.85 30.00
N TYR D 201 -1.83 34.00 31.03
CA TYR D 201 -2.26 35.33 31.45
C TYR D 201 -1.11 36.12 32.05
N ASP D 202 -0.10 35.44 32.58
CA ASP D 202 1.10 36.13 33.04
C ASP D 202 1.91 36.66 31.86
N ILE D 203 1.99 35.88 30.78
CA ILE D 203 2.79 36.29 29.63
C ILE D 203 2.06 37.36 28.81
N CYS D 204 0.80 37.10 28.47
CA CYS D 204 0.07 37.95 27.53
C CYS D 204 -0.26 39.32 28.10
N ARG D 205 -0.27 39.47 29.42
CA ARG D 205 -0.38 40.80 29.99
C ARG D 205 0.98 41.49 30.00
N ARG D 206 2.04 40.76 30.35
CA ARG D 206 3.35 41.39 30.51
C ARG D 206 4.08 41.54 29.18
N ASN D 207 4.02 40.52 28.32
CA ASN D 207 4.83 40.50 27.11
C ASN D 207 4.05 40.83 25.84
N LEU D 208 2.73 40.92 25.92
CA LEU D 208 1.92 41.40 24.79
C LEU D 208 1.18 42.68 25.10
N ASP D 209 1.26 43.16 26.34
CA ASP D 209 0.68 44.43 26.80
C ASP D 209 -0.84 44.48 26.61
N ILE D 210 -1.49 43.33 26.74
CA ILE D 210 -2.95 43.23 26.65
C ILE D 210 -3.44 42.69 27.98
N GLU D 211 -4.16 43.52 28.73
CA GLU D 211 -4.59 43.13 30.06
C GLU D 211 -5.89 42.33 30.05
N ARG D 212 -6.66 42.38 28.97
CA ARG D 212 -7.92 41.64 28.87
C ARG D 212 -7.92 40.79 27.61
N PRO D 213 -7.37 39.57 27.67
CA PRO D 213 -7.48 38.66 26.55
C PRO D 213 -8.75 37.82 26.63
N THR D 214 -9.04 37.13 25.53
CA THR D 214 -10.13 36.18 25.46
C THR D 214 -9.58 34.79 25.21
N TYR D 215 -10.45 33.79 25.38
CA TYR D 215 -10.07 32.39 25.17
C TYR D 215 -9.69 32.12 23.72
N THR D 216 -10.27 32.87 22.78
CA THR D 216 -9.79 32.81 21.41
C THR D 216 -8.39 33.40 21.30
N ASN D 217 -8.11 34.45 22.06
CA ASN D 217 -6.78 35.06 22.01
C ASN D 217 -5.75 34.24 22.76
N LEU D 218 -6.17 33.44 23.75
CA LEU D 218 -5.22 32.51 24.36
C LEU D 218 -4.93 31.34 23.43
N ASN D 219 -5.88 30.98 22.57
CA ASN D 219 -5.65 29.88 21.64
C ASN D 219 -4.74 30.26 20.48
N ARG D 220 -4.48 31.57 20.27
CA ARG D 220 -3.58 31.98 19.21
C ARG D 220 -2.13 31.62 19.54
N LEU D 221 -1.76 31.68 20.81
CA LEU D 221 -0.39 31.32 21.17
C LEU D 221 -0.20 29.82 21.27
N ILE D 222 -1.27 29.08 21.53
CA ILE D 222 -1.16 27.62 21.62
C ILE D 222 -0.89 27.03 20.25
N SER D 223 -1.43 27.66 19.19
CA SER D 223 -1.19 27.20 17.83
C SER D 223 0.25 27.40 17.38
N GLN D 224 1.02 28.25 18.06
CA GLN D 224 2.44 28.36 17.76
C GLN D 224 3.19 27.10 18.15
N ILE D 225 2.76 26.44 19.22
CA ILE D 225 3.42 25.20 19.64
C ILE D 225 3.05 24.06 18.70
N VAL D 226 1.80 24.04 18.24
CA VAL D 226 1.30 22.97 17.39
C VAL D 226 1.99 23.00 16.03
N SER D 227 2.21 24.19 15.49
CA SER D 227 2.88 24.30 14.20
C SER D 227 4.39 24.06 14.32
N SER D 228 4.98 24.38 15.46
CA SER D 228 6.42 24.25 15.61
C SER D 228 6.89 22.85 15.95
N ILE D 229 6.02 22.02 16.50
CA ILE D 229 6.37 20.62 16.68
C ILE D 229 6.16 19.83 15.40
N THR D 230 5.08 20.12 14.68
CA THR D 230 4.81 19.52 13.39
C THR D 230 5.45 20.28 12.23
N ALA D 231 6.51 21.05 12.50
CA ALA D 231 7.18 21.80 11.46
C ALA D 231 8.10 20.93 10.62
N SER D 232 8.63 19.87 11.21
CA SER D 232 9.55 18.99 10.48
C SER D 232 8.83 17.98 9.60
N LEU D 233 7.50 17.98 9.58
CA LEU D 233 6.73 17.11 8.70
C LEU D 233 6.25 17.85 7.46
N ARG D 234 5.66 19.03 7.65
CA ARG D 234 5.10 19.77 6.52
C ARG D 234 6.21 20.40 5.69
N PHE D 235 6.98 21.29 6.29
CA PHE D 235 8.13 21.85 5.58
C PHE D 235 9.33 20.94 5.75
N ASP D 236 10.40 21.26 5.03
CA ASP D 236 11.67 20.57 5.18
C ASP D 236 12.68 21.48 5.86
N GLY D 237 13.45 20.92 6.79
CA GLY D 237 14.43 21.67 7.54
C GLY D 237 15.82 21.09 7.39
N ALA D 238 16.81 21.88 7.86
CA ALA D 238 18.20 21.45 7.79
C ALA D 238 18.48 20.32 8.76
N LEU D 239 17.72 20.23 9.85
CA LEU D 239 17.85 19.14 10.79
C LEU D 239 16.47 18.89 11.38
N ASN D 240 15.82 17.81 10.94
CA ASN D 240 14.42 17.55 11.23
C ASN D 240 14.27 16.68 12.47
N VAL D 241 13.03 16.32 12.76
CA VAL D 241 12.69 15.56 13.96
C VAL D 241 11.38 14.82 13.67
N ASP D 242 11.32 13.57 14.13
CA ASP D 242 10.14 12.74 13.89
C ASP D 242 9.29 12.64 15.14
N LEU D 243 8.01 12.32 14.95
CA LEU D 243 7.12 12.14 16.09
C LEU D 243 7.40 10.86 16.84
N THR D 244 8.09 9.90 16.22
CA THR D 244 8.53 8.73 16.98
C THR D 244 9.71 9.10 17.88
N GLU D 245 10.46 10.14 17.51
CA GLU D 245 11.65 10.53 18.27
C GLU D 245 11.33 11.18 19.61
N PHE D 246 10.15 11.77 19.76
CA PHE D 246 9.84 12.51 20.99
C PHE D 246 9.65 11.58 22.17
N GLN D 247 9.11 10.39 21.93
CA GLN D 247 8.93 9.44 23.03
C GLN D 247 10.21 8.70 23.36
N THR D 248 11.30 8.91 22.61
CA THR D 248 12.58 8.34 22.97
C THR D 248 13.52 9.41 23.53
N ASN D 249 13.47 10.63 22.98
CA ASN D 249 14.35 11.68 23.45
C ASN D 249 13.92 12.28 24.79
N LEU D 250 12.65 12.14 25.16
CA LEU D 250 12.14 12.84 26.34
C LEU D 250 11.51 11.93 27.38
N VAL D 251 11.55 10.61 27.21
CA VAL D 251 10.95 9.68 28.14
C VAL D 251 12.06 8.79 28.70
N PRO D 252 12.60 9.12 29.86
CA PRO D 252 13.64 8.26 30.45
C PRO D 252 13.07 7.07 31.20
N TYR D 253 11.86 7.22 31.72
CA TYR D 253 11.20 6.19 32.51
C TYR D 253 9.77 6.07 32.01
N PRO D 254 9.23 4.84 31.94
CA PRO D 254 7.91 4.67 31.29
C PRO D 254 6.77 5.20 32.11
N ARG D 255 6.94 5.36 33.42
CA ARG D 255 5.89 5.88 34.29
C ARG D 255 5.91 7.39 34.40
N ILE D 256 6.87 8.07 33.76
CA ILE D 256 6.96 9.52 33.77
C ILE D 256 6.97 9.98 32.31
N HIS D 257 5.89 10.60 31.87
CA HIS D 257 5.80 11.12 30.52
C HIS D 257 5.18 12.51 30.52
N PHE D 258 5.61 13.36 31.45
CA PHE D 258 5.09 14.72 31.56
C PHE D 258 6.19 15.74 31.28
N PRO D 259 6.43 16.13 30.03
CA PRO D 259 7.22 17.33 29.79
C PRO D 259 6.33 18.56 29.77
N LEU D 260 6.91 19.73 29.47
CA LEU D 260 6.12 20.94 29.33
C LEU D 260 6.68 21.77 28.18
N ALA D 261 5.92 22.78 27.77
CA ALA D 261 6.21 23.54 26.58
C ALA D 261 6.55 24.99 26.94
N THR D 262 7.38 25.60 26.10
CA THR D 262 7.82 26.98 26.29
C THR D 262 8.02 27.59 24.91
N TYR D 263 7.48 28.79 24.69
CA TYR D 263 7.55 29.46 23.40
C TYR D 263 8.19 30.83 23.58
N ALA D 264 9.03 31.20 22.59
CA ALA D 264 9.74 32.47 22.62
C ALA D 264 10.19 32.80 21.21
N PRO D 265 10.17 34.07 20.79
CA PRO D 265 9.77 35.29 21.51
C PRO D 265 8.27 35.54 21.46
N VAL D 266 7.76 36.26 22.45
CA VAL D 266 6.36 36.68 22.49
C VAL D 266 6.40 38.19 22.70
N ILE D 267 6.39 38.95 21.60
CA ILE D 267 6.44 40.41 21.67
C ILE D 267 5.38 40.99 20.76
N SER D 268 4.91 42.20 21.10
CA SER D 268 3.85 42.82 20.35
C SER D 268 4.38 43.44 19.07
N ALA D 269 3.46 44.00 18.27
CA ALA D 269 3.83 44.51 16.96
C ALA D 269 4.57 45.83 17.08
N GLU D 270 4.15 46.70 17.99
CA GLU D 270 4.86 47.96 18.18
C GLU D 270 6.15 47.78 18.97
N LYS D 271 6.31 46.66 19.66
CA LYS D 271 7.54 46.33 20.35
C LYS D 271 8.43 45.43 19.51
N ALA D 272 7.96 45.05 18.32
CA ALA D 272 8.73 44.18 17.43
C ALA D 272 9.99 44.85 16.90
N TYR D 273 10.04 46.17 16.90
CA TYR D 273 11.26 46.90 16.61
C TYR D 273 12.16 46.94 17.82
N HIS D 274 13.18 47.80 17.79
CA HIS D 274 14.06 48.18 18.89
C HIS D 274 14.97 47.05 19.37
N GLU D 275 14.91 45.87 18.78
CA GLU D 275 15.81 44.78 19.11
C GLU D 275 15.92 43.86 17.91
N GLN D 276 17.04 43.14 17.83
CA GLN D 276 17.34 42.32 16.67
C GLN D 276 16.94 40.86 16.84
N LEU D 277 16.55 40.46 18.05
CA LEU D 277 16.21 39.07 18.41
C LEU D 277 17.36 38.12 18.06
N SER D 278 18.46 38.32 18.75
CA SER D 278 19.61 37.45 18.59
C SER D 278 19.30 36.06 19.15
N VAL D 279 20.10 35.08 18.70
CA VAL D 279 19.80 33.68 18.98
C VAL D 279 19.98 33.34 20.46
N ALA D 280 20.81 34.07 21.18
CA ALA D 280 20.96 33.84 22.61
C ALA D 280 19.91 34.61 23.41
N GLU D 281 19.45 35.74 22.88
CA GLU D 281 18.38 36.49 23.54
C GLU D 281 17.06 35.73 23.47
N ILE D 282 16.85 34.96 22.42
CA ILE D 282 15.61 34.22 22.22
C ILE D 282 15.75 32.81 22.78
N THR D 283 16.88 32.52 23.41
CA THR D 283 17.09 31.22 24.04
C THR D 283 17.27 31.32 25.54
N ASN D 284 17.95 32.36 26.03
CA ASN D 284 17.91 32.64 27.46
C ASN D 284 16.53 33.07 27.93
N ALA D 285 15.69 33.58 27.04
CA ALA D 285 14.30 33.82 27.39
C ALA D 285 13.51 32.53 27.55
N CYS D 286 13.96 31.44 26.92
CA CYS D 286 13.28 30.16 27.07
C CYS D 286 13.50 29.57 28.45
N PHE D 287 14.78 29.40 28.83
CA PHE D 287 15.12 28.81 30.12
C PHE D 287 14.88 29.75 31.30
N GLU D 288 14.52 31.00 31.04
CA GLU D 288 14.06 31.89 32.11
C GLU D 288 12.74 31.38 32.67
N PRO D 289 12.58 31.30 33.98
CA PRO D 289 11.32 30.79 34.55
C PRO D 289 10.15 31.75 34.41
N ALA D 290 10.39 33.01 34.01
CA ALA D 290 9.32 33.99 33.89
C ALA D 290 8.71 34.01 32.49
N ASN D 291 8.92 32.97 31.68
CA ASN D 291 8.37 32.96 30.34
C ASN D 291 7.74 31.61 29.97
N GLN D 292 7.52 30.73 30.94
CA GLN D 292 6.94 29.43 30.65
C GLN D 292 5.42 29.51 30.63
N MET D 293 4.81 28.55 29.95
CA MET D 293 3.36 28.46 29.86
C MET D 293 2.76 27.50 30.87
N VAL D 294 3.54 27.06 31.86
CA VAL D 294 3.02 26.33 33.01
C VAL D 294 3.62 26.97 34.26
N LYS D 295 2.75 27.44 35.16
CA LYS D 295 3.22 28.14 36.36
C LYS D 295 3.79 27.13 37.34
N CYS D 296 5.02 26.71 37.07
CA CYS D 296 5.80 25.85 37.94
C CYS D 296 7.25 26.28 37.81
N ASP D 297 7.83 26.78 38.89
CA ASP D 297 9.19 27.29 38.84
C ASP D 297 10.17 26.14 38.76
N PRO D 298 10.95 26.02 37.68
CA PRO D 298 11.83 24.86 37.53
C PRO D 298 13.10 24.93 38.34
N ARG D 299 13.42 26.09 38.92
CA ARG D 299 14.65 26.23 39.70
C ARG D 299 14.58 25.48 41.03
N HIS D 300 13.41 25.03 41.44
CA HIS D 300 13.26 24.13 42.58
C HIS D 300 13.29 22.67 42.15
N GLY D 301 13.61 22.38 40.90
CA GLY D 301 13.77 21.03 40.43
C GLY D 301 14.90 20.91 39.43
N LYS D 302 14.96 19.79 38.71
CA LYS D 302 16.00 19.54 37.73
C LYS D 302 15.36 19.16 36.41
N TYR D 303 16.16 19.21 35.34
CA TYR D 303 15.72 18.81 34.01
C TYR D 303 16.32 17.45 33.69
N MET D 304 15.46 16.47 33.41
CA MET D 304 15.95 15.17 32.97
C MET D 304 16.47 15.24 31.53
N ALA D 305 15.64 15.75 30.62
CA ALA D 305 16.05 15.92 29.23
C ALA D 305 15.26 17.08 28.63
N CYS D 306 15.95 17.91 27.87
CA CYS D 306 15.34 19.06 27.22
C CYS D 306 15.33 18.88 25.72
N CYS D 307 14.49 19.66 25.05
CA CYS D 307 14.38 19.62 23.60
C CYS D 307 14.31 21.05 23.08
N LEU D 308 14.96 21.29 21.93
CA LEU D 308 15.01 22.61 21.34
C LEU D 308 14.57 22.52 19.89
N LEU D 309 13.52 23.25 19.55
CA LEU D 309 13.04 23.34 18.18
C LEU D 309 13.27 24.76 17.68
N TYR D 310 13.91 24.87 16.53
CA TYR D 310 14.24 26.16 15.93
C TYR D 310 13.59 26.27 14.56
N ARG D 311 12.94 27.38 14.29
CA ARG D 311 12.41 27.67 12.98
C ARG D 311 12.70 29.13 12.64
N GLY D 312 12.93 29.38 11.35
CA GLY D 312 13.34 30.69 10.88
C GLY D 312 14.76 30.70 10.39
N ASP D 313 15.41 31.87 10.40
CA ASP D 313 16.81 31.97 10.00
C ASP D 313 17.66 31.43 11.14
N VAL D 314 18.20 30.23 10.95
CA VAL D 314 18.91 29.50 12.00
C VAL D 314 20.26 29.05 11.46
N VAL D 315 21.32 29.47 12.12
CA VAL D 315 22.69 29.05 11.79
C VAL D 315 23.13 28.06 12.86
N PRO D 316 23.70 26.91 12.50
CA PRO D 316 24.08 25.92 13.51
C PRO D 316 25.22 26.34 14.41
N LYS D 317 26.10 27.24 13.95
CA LYS D 317 27.09 27.81 14.85
C LYS D 317 26.43 28.70 15.90
N ASP D 318 25.31 29.33 15.54
CA ASP D 318 24.59 30.16 16.49
C ASP D 318 23.85 29.30 17.52
N VAL D 319 23.37 28.13 17.12
CA VAL D 319 22.71 27.23 18.07
C VAL D 319 23.74 26.62 19.00
N ASN D 320 24.90 26.25 18.47
CA ASN D 320 25.96 25.68 19.30
C ASN D 320 26.50 26.71 20.29
N ALA D 321 26.58 27.97 19.88
CA ALA D 321 26.96 29.02 20.81
C ALA D 321 25.87 29.28 21.83
N ALA D 322 24.61 29.00 21.49
CA ALA D 322 23.52 29.29 22.40
C ALA D 322 23.42 28.25 23.51
N ILE D 323 23.65 26.98 23.19
CA ILE D 323 23.44 25.93 24.16
C ILE D 323 24.57 25.91 25.20
N ALA D 324 25.81 26.09 24.73
CA ALA D 324 26.97 25.90 25.60
C ALA D 324 27.07 26.97 26.68
N THR D 325 26.52 28.16 26.44
CA THR D 325 26.52 29.17 27.48
C THR D 325 25.49 28.86 28.55
N ILE D 326 24.42 28.14 28.19
CA ILE D 326 23.39 27.81 29.18
C ILE D 326 23.89 26.74 30.13
N LYS D 327 24.65 25.77 29.62
CA LYS D 327 25.23 24.74 30.47
C LYS D 327 26.37 25.25 31.33
N THR D 328 26.86 26.47 31.12
CA THR D 328 27.82 27.11 32.01
C THR D 328 27.15 28.02 33.03
N LYS D 329 25.92 27.70 33.43
CA LYS D 329 25.18 28.48 34.40
C LYS D 329 24.76 27.58 35.55
N ARG D 330 24.18 28.20 36.59
CA ARG D 330 23.76 27.44 37.76
C ARG D 330 22.28 27.61 38.11
N SER D 331 21.57 28.54 37.48
CA SER D 331 20.13 28.62 37.67
C SER D 331 19.44 27.43 37.03
N ILE D 332 20.05 26.85 35.99
CA ILE D 332 19.61 25.59 35.41
C ILE D 332 20.58 24.51 35.89
N GLN D 333 20.05 23.51 36.58
CA GLN D 333 20.84 22.38 37.07
C GLN D 333 20.20 21.10 36.60
N PHE D 334 20.96 20.27 35.88
CA PHE D 334 20.41 19.06 35.32
C PHE D 334 20.50 17.92 36.32
N VAL D 335 19.94 16.78 35.94
CA VAL D 335 20.05 15.57 36.74
C VAL D 335 21.43 14.99 36.48
N ASP D 336 22.02 14.37 37.52
CA ASP D 336 23.44 14.04 37.53
C ASP D 336 23.82 13.01 36.48
N TRP D 337 22.92 12.10 36.14
CA TRP D 337 23.26 11.03 35.21
C TRP D 337 23.11 11.42 33.74
N CYS D 338 22.58 12.59 33.42
CA CYS D 338 22.29 12.96 32.04
C CYS D 338 23.07 14.20 31.62
N PRO D 339 24.30 14.06 31.14
CA PRO D 339 24.99 15.23 30.59
C PRO D 339 24.49 15.60 29.20
N THR D 340 24.05 14.63 28.40
CA THR D 340 23.65 14.87 27.02
C THR D 340 22.14 14.85 26.94
N GLY D 341 21.53 15.99 27.26
CA GLY D 341 20.09 16.06 27.38
C GLY D 341 19.42 17.02 26.41
N PHE D 342 19.84 17.02 25.16
CA PHE D 342 19.25 17.94 24.19
C PHE D 342 18.99 17.26 22.86
N LYS D 343 17.84 17.56 22.29
CA LYS D 343 17.46 17.12 20.95
C LYS D 343 17.14 18.38 20.16
N VAL D 344 18.01 18.74 19.23
CA VAL D 344 17.97 20.03 18.56
C VAL D 344 17.42 19.85 17.15
N GLY D 345 16.38 20.60 16.81
CA GLY D 345 15.77 20.55 15.49
C GLY D 345 15.79 21.92 14.83
N ILE D 346 15.99 21.94 13.52
CA ILE D 346 16.13 23.17 12.75
C ILE D 346 15.23 23.08 11.53
N ASN D 347 14.34 24.05 11.37
CA ASN D 347 13.54 24.18 10.16
C ASN D 347 13.76 25.56 9.56
N TYR D 348 13.66 25.63 8.23
CA TYR D 348 13.99 26.87 7.53
C TYR D 348 12.88 27.90 7.66
N GLN D 349 11.63 27.48 7.57
CA GLN D 349 10.53 28.41 7.35
C GLN D 349 10.16 29.14 8.64
N PRO D 350 9.99 30.46 8.59
CA PRO D 350 9.63 31.20 9.79
C PRO D 350 8.16 31.01 10.10
N PRO D 351 7.73 31.28 11.34
CA PRO D 351 6.29 31.25 11.63
C PRO D 351 5.61 32.50 11.08
N THR D 352 4.44 32.29 10.50
CA THR D 352 3.62 33.37 9.98
C THR D 352 2.56 33.76 10.99
N VAL D 353 1.97 34.92 10.79
CA VAL D 353 1.01 35.49 11.73
C VAL D 353 -0.37 35.52 11.06
N VAL D 354 -1.40 35.36 11.88
CA VAL D 354 -2.78 35.47 11.43
C VAL D 354 -3.09 36.96 11.27
N PRO D 355 -3.84 37.37 10.25
CA PRO D 355 -4.31 38.76 10.18
C PRO D 355 -5.30 39.04 11.29
N GLY D 356 -5.16 40.22 11.90
CA GLY D 356 -5.96 40.55 13.05
C GLY D 356 -5.53 39.87 14.34
N GLY D 357 -4.34 39.27 14.36
CA GLY D 357 -3.83 38.57 15.52
C GLY D 357 -3.18 39.50 16.52
N ASP D 358 -2.22 38.97 17.25
CA ASP D 358 -1.59 39.75 18.31
C ASP D 358 -0.07 39.76 18.25
N LEU D 359 0.57 38.68 17.82
CA LEU D 359 2.01 38.69 17.72
C LEU D 359 2.44 39.32 16.40
N ALA D 360 3.75 39.38 16.17
CA ALA D 360 4.30 40.11 15.03
C ALA D 360 5.16 39.18 14.17
N LYS D 361 5.26 39.54 12.89
CA LYS D 361 6.04 38.77 11.92
C LYS D 361 7.52 38.97 12.20
N VAL D 362 8.16 37.95 12.77
CA VAL D 362 9.56 38.02 13.13
C VAL D 362 10.37 37.17 12.17
N GLN D 363 11.69 37.17 12.31
CA GLN D 363 12.53 36.35 11.46
C GLN D 363 12.64 34.91 11.95
N ARG D 364 12.60 34.69 13.25
CA ARG D 364 12.89 33.37 13.80
C ARG D 364 12.21 33.22 15.14
N ALA D 365 11.93 31.97 15.52
CA ALA D 365 11.22 31.71 16.76
C ALA D 365 11.62 30.34 17.28
N VAL D 366 11.48 30.17 18.60
CA VAL D 366 11.91 28.97 19.30
C VAL D 366 10.72 28.39 20.06
N CYS D 367 10.55 27.08 19.97
CA CYS D 367 9.61 26.37 20.84
C CYS D 367 10.41 25.36 21.64
N MET D 368 10.54 25.59 22.94
CA MET D 368 11.34 24.75 23.81
C MET D 368 10.46 23.71 24.50
N LEU D 369 10.92 22.46 24.50
CA LEU D 369 10.31 21.40 25.28
C LEU D 369 11.30 20.93 26.33
N SER D 370 10.81 20.67 27.53
CA SER D 370 11.69 20.23 28.60
C SER D 370 10.91 19.34 29.55
N ASN D 371 11.60 18.33 30.07
CA ASN D 371 11.01 17.35 30.99
C ASN D 371 11.58 17.64 32.38
N THR D 372 10.92 18.54 33.10
CA THR D 372 11.43 18.98 34.38
C THR D 372 11.05 17.98 35.47
N THR D 373 11.58 18.22 36.67
CA THR D 373 11.20 17.48 37.86
C THR D 373 10.47 18.33 38.88
N ALA D 374 10.45 19.65 38.71
CA ALA D 374 9.76 20.54 39.64
C ALA D 374 8.26 20.54 39.47
N ILE D 375 7.73 19.88 38.43
CA ILE D 375 6.29 19.79 38.23
C ILE D 375 5.65 18.89 39.28
N ALA D 376 6.44 18.01 39.93
CA ALA D 376 5.92 17.12 40.94
C ALA D 376 5.48 17.86 42.20
N GLU D 377 6.02 19.07 42.41
CA GLU D 377 5.56 19.90 43.51
C GLU D 377 4.13 20.36 43.29
N ALA D 378 3.74 20.55 42.02
CA ALA D 378 2.35 20.88 41.73
C ALA D 378 1.45 19.66 41.90
N TRP D 379 2.01 18.45 41.73
CA TRP D 379 1.23 17.23 41.93
C TRP D 379 0.92 17.00 43.39
N ALA D 380 1.81 17.43 44.28
CA ALA D 380 1.53 17.33 45.71
C ALA D 380 0.42 18.27 46.11
N ARG D 381 0.41 19.49 45.56
CA ARG D 381 -0.67 20.43 45.89
C ARG D 381 -1.97 20.04 45.22
N LEU D 382 -1.90 19.32 44.10
CA LEU D 382 -3.12 18.76 43.52
C LEU D 382 -3.67 17.65 44.40
N ASP D 383 -2.80 16.79 44.93
CA ASP D 383 -3.23 15.77 45.87
C ASP D 383 -3.62 16.38 47.21
N HIS D 384 -3.03 17.53 47.55
CA HIS D 384 -3.48 18.29 48.71
C HIS D 384 -4.88 18.83 48.48
N LYS D 385 -5.25 19.12 47.23
CA LYS D 385 -6.63 19.44 46.89
C LYS D 385 -7.50 18.21 46.74
N PHE D 386 -6.92 17.01 46.82
CA PHE D 386 -7.70 15.79 46.72
C PHE D 386 -7.99 15.18 48.07
N ASP D 387 -7.11 15.39 49.05
CA ASP D 387 -7.25 14.73 50.35
C ASP D 387 -8.42 15.30 51.13
N LEU D 388 -8.53 16.63 51.17
CA LEU D 388 -9.58 17.26 51.94
C LEU D 388 -10.94 17.13 51.27
N MET D 389 -10.96 16.99 49.94
CA MET D 389 -12.23 16.85 49.24
C MET D 389 -12.73 15.43 49.21
N TYR D 390 -11.90 14.45 49.60
CA TYR D 390 -12.32 13.05 49.59
C TYR D 390 -12.53 12.48 50.98
N ALA D 391 -11.75 12.93 51.96
CA ALA D 391 -11.95 12.46 53.34
C ALA D 391 -13.24 13.00 53.93
N LYS D 392 -13.71 14.14 53.44
CA LYS D 392 -15.03 14.64 53.81
C LYS D 392 -16.14 14.01 52.99
N ARG D 393 -15.79 13.17 52.01
CA ARG D 393 -16.72 12.57 51.04
C ARG D 393 -17.53 13.64 50.32
N ALA D 394 -16.85 14.69 49.88
CA ALA D 394 -17.52 15.84 49.29
C ALA D 394 -17.81 15.56 47.82
N PHE D 395 -19.10 15.61 47.47
CA PHE D 395 -19.60 15.42 46.10
C PHE D 395 -19.17 14.08 45.52
N VAL D 396 -19.49 13.01 46.25
CA VAL D 396 -19.18 11.66 45.79
C VAL D 396 -20.40 10.99 45.20
N HIS D 397 -21.59 11.28 45.75
CA HIS D 397 -22.83 10.64 45.32
C HIS D 397 -23.24 10.99 43.89
N TRP D 398 -22.68 12.05 43.31
CA TRP D 398 -22.84 12.29 41.89
C TRP D 398 -22.04 11.32 41.03
N TYR D 399 -21.04 10.65 41.60
CA TYR D 399 -20.23 9.69 40.85
C TYR D 399 -20.68 8.26 41.05
N VAL D 400 -20.88 7.83 42.29
CA VAL D 400 -21.20 6.43 42.58
C VAL D 400 -22.58 6.07 42.05
N GLY D 401 -23.53 7.01 42.13
CA GLY D 401 -24.86 6.79 41.60
C GLY D 401 -24.98 6.77 40.10
N GLU D 402 -23.89 6.95 39.35
CA GLU D 402 -23.90 6.90 37.90
C GLU D 402 -22.84 5.95 37.38
N GLY D 403 -22.80 4.75 37.97
CA GLY D 403 -21.98 3.68 37.42
C GLY D 403 -20.49 3.80 37.68
N MET D 404 -20.11 4.23 38.87
CA MET D 404 -18.71 4.27 39.27
C MET D 404 -18.57 3.54 40.60
N GLU D 405 -17.74 2.50 40.61
CA GLU D 405 -17.46 1.79 41.85
C GLU D 405 -16.64 2.67 42.78
N GLU D 406 -17.01 2.68 44.07
CA GLU D 406 -16.38 3.59 45.01
C GLU D 406 -14.95 3.17 45.33
N GLY D 407 -14.64 1.88 45.24
CA GLY D 407 -13.28 1.42 45.46
C GLY D 407 -12.28 1.85 44.40
N GLU D 408 -12.77 2.37 43.27
CA GLU D 408 -11.90 2.85 42.21
C GLU D 408 -11.13 4.11 42.62
N PHE D 409 -11.63 4.86 43.60
CA PHE D 409 -10.88 5.98 44.14
C PHE D 409 -9.63 5.52 44.87
N SER D 410 -9.70 4.37 45.52
CA SER D 410 -8.50 3.80 46.13
C SER D 410 -7.51 3.29 45.09
N GLU D 411 -7.99 2.98 43.88
CA GLU D 411 -7.09 2.53 42.83
C GLU D 411 -6.25 3.67 42.27
N ALA D 412 -6.88 4.83 42.03
CA ALA D 412 -6.16 5.95 41.44
C ALA D 412 -5.28 6.66 42.45
N ARG D 413 -5.74 6.75 43.70
CA ARG D 413 -5.02 7.53 44.71
C ARG D 413 -3.75 6.82 45.16
N GLU D 414 -3.81 5.49 45.31
CA GLU D 414 -2.62 4.74 45.71
C GLU D 414 -1.59 4.69 44.59
N ASP D 415 -2.03 4.71 43.33
CA ASP D 415 -1.09 4.85 42.23
C ASP D 415 -0.53 6.26 42.15
N MET D 416 -1.32 7.25 42.56
CA MET D 416 -0.85 8.63 42.57
C MET D 416 0.20 8.84 43.64
N ALA D 417 0.08 8.15 44.78
CA ALA D 417 1.11 8.21 45.81
C ALA D 417 2.41 7.56 45.34
N ALA D 418 2.30 6.56 44.45
CA ALA D 418 3.49 5.97 43.87
C ALA D 418 4.20 6.95 42.93
N LEU D 419 3.45 7.56 42.01
CA LEU D 419 4.03 8.48 41.05
C LEU D 419 4.44 9.80 41.70
N GLU D 420 3.87 10.13 42.87
CA GLU D 420 4.33 11.30 43.61
C GLU D 420 5.76 11.12 44.09
N LYS D 421 6.10 9.92 44.54
CA LYS D 421 7.45 9.63 45.01
C LYS D 421 8.30 8.93 43.96
N ASP D 422 7.78 8.72 42.75
CA ASP D 422 8.64 8.29 41.65
C ASP D 422 9.56 9.42 41.21
N TYR D 423 9.13 10.67 41.37
CA TYR D 423 10.02 11.80 41.15
C TYR D 423 11.07 11.93 42.25
N GLU D 424 10.79 11.40 43.44
CA GLU D 424 11.80 11.39 44.50
C GLU D 424 12.91 10.41 44.18
N GLU D 425 12.57 9.29 43.53
CA GLU D 425 13.57 8.30 43.14
C GLU D 425 14.48 8.84 42.05
N VAL D 426 13.93 9.62 41.12
CA VAL D 426 14.72 10.13 40.01
C VAL D 426 15.44 11.43 40.39
N GLY D 427 14.77 12.28 41.17
CA GLY D 427 15.32 13.59 41.50
C GLY D 427 16.57 13.54 42.36
N VAL D 428 16.70 12.51 43.19
CA VAL D 428 17.95 12.36 43.93
C VAL D 428 19.04 11.84 43.01
N ASP D 429 20.28 12.10 43.40
CA ASP D 429 21.42 11.66 42.63
C ASP D 429 21.82 10.25 43.05
N SER D 430 22.83 9.70 42.38
CA SER D 430 23.27 8.35 42.66
C SER D 430 24.09 8.30 43.93
N VAL D 431 24.29 7.09 44.44
CA VAL D 431 25.12 6.83 45.61
C VAL D 431 26.39 6.16 45.09
N GLU D 432 27.43 6.97 44.90
CA GLU D 432 28.72 6.58 44.31
C GLU D 432 28.57 5.92 42.94
N ARG E 1 11.54 -8.64 29.01
CA ARG E 1 10.24 -8.03 28.76
C ARG E 1 9.58 -8.42 27.40
N PRO E 2 10.28 -8.33 26.21
CA PRO E 2 9.59 -8.72 24.99
C PRO E 2 9.73 -10.21 24.73
N LYS E 3 9.20 -10.66 23.60
CA LYS E 3 9.34 -12.04 23.17
C LYS E 3 10.17 -12.08 21.90
N LEU E 4 11.09 -13.04 21.83
CA LEU E 4 11.87 -13.27 20.61
C LEU E 4 11.39 -14.59 20.00
N VAL E 5 10.33 -14.50 19.20
CA VAL E 5 9.81 -15.62 18.43
C VAL E 5 9.74 -15.19 16.97
N THR E 6 9.30 -16.12 16.12
CA THR E 6 9.36 -15.90 14.69
C THR E 6 8.25 -16.68 13.99
N ILE E 7 8.05 -16.36 12.71
CA ILE E 7 6.94 -16.91 11.92
C ILE E 7 7.43 -17.19 10.50
N ILE E 8 6.91 -18.25 9.90
CA ILE E 8 7.10 -18.55 8.49
C ILE E 8 5.74 -18.79 7.85
N ARG E 9 5.75 -19.04 6.55
CA ARG E 9 4.55 -19.45 5.82
C ARG E 9 4.74 -20.87 5.30
N SER E 10 3.63 -21.57 5.11
CA SER E 10 3.61 -23.02 5.03
C SER E 10 3.69 -23.55 3.61
N GLY E 11 4.35 -24.69 3.46
CA GLY E 11 4.28 -25.50 2.26
C GLY E 11 5.05 -25.02 1.05
N VAL E 12 5.67 -23.84 1.12
CA VAL E 12 6.33 -23.24 -0.03
C VAL E 12 7.85 -23.15 0.16
N LYS E 13 8.31 -22.94 1.40
CA LYS E 13 9.70 -22.89 1.89
C LYS E 13 10.70 -21.87 1.30
N PRO E 14 10.37 -20.56 1.01
CA PRO E 14 11.46 -19.63 0.72
C PRO E 14 11.82 -18.82 1.95
N ARG E 15 11.03 -18.98 3.00
CA ARG E 15 10.97 -17.98 4.06
C ARG E 15 12.14 -18.14 5.02
N LYS E 16 12.75 -17.01 5.37
CA LYS E 16 13.93 -17.01 6.23
C LYS E 16 13.61 -16.68 7.69
N ALA E 17 12.34 -16.80 8.09
CA ALA E 17 11.87 -16.72 9.48
C ALA E 17 12.20 -15.36 10.12
N VAL E 18 11.51 -14.33 9.63
CA VAL E 18 11.64 -13.00 10.22
C VAL E 18 11.14 -13.03 11.66
N ARG E 19 11.76 -12.19 12.50
CA ARG E 19 11.56 -12.23 13.94
C ARG E 19 10.96 -10.90 14.40
N VAL E 20 9.64 -10.78 14.31
CA VAL E 20 8.94 -9.56 14.69
C VAL E 20 8.91 -9.46 16.21
N LEU E 21 8.79 -8.23 16.72
CA LEU E 21 8.74 -8.04 18.16
C LEU E 21 7.37 -8.40 18.70
N LEU E 22 7.35 -8.97 19.90
CA LEU E 22 6.12 -9.27 20.62
C LEU E 22 6.27 -8.76 22.04
N ASN E 23 5.56 -7.68 22.35
CA ASN E 23 5.72 -7.03 23.64
C ASN E 23 4.39 -6.42 24.05
N LYS E 24 4.24 -6.18 25.35
CA LYS E 24 3.03 -5.56 25.87
C LYS E 24 2.88 -4.12 25.40
N LYS E 25 4.00 -3.42 25.22
CA LYS E 25 3.95 -2.04 24.76
C LYS E 25 3.62 -1.92 23.28
N THR E 26 3.81 -2.99 22.51
CA THR E 26 3.52 -2.98 21.08
C THR E 26 2.31 -3.84 20.71
N ALA E 27 1.77 -4.61 21.65
CA ALA E 27 0.63 -5.47 21.38
C ALA E 27 -0.20 -5.60 22.64
N HIS E 28 -1.52 -5.55 22.48
CA HIS E 28 -2.42 -5.61 23.62
C HIS E 28 -3.54 -6.63 23.45
N SER E 29 -3.53 -7.42 22.38
CA SER E 29 -4.51 -8.47 22.19
C SER E 29 -3.91 -9.54 21.30
N PHE E 30 -4.35 -10.78 21.51
CA PHE E 30 -3.86 -11.90 20.70
C PHE E 30 -4.36 -11.80 19.26
N GLU E 31 -5.60 -11.34 19.08
CA GLU E 31 -6.14 -11.17 17.73
C GLU E 31 -5.51 -10.01 17.00
N GLN E 32 -4.92 -9.05 17.72
CA GLN E 32 -4.21 -7.95 17.07
C GLN E 32 -2.93 -8.43 16.42
N VAL E 33 -2.25 -9.40 17.04
CA VAL E 33 -1.04 -9.96 16.46
C VAL E 33 -1.38 -10.80 15.24
N LEU E 34 -2.56 -11.42 15.23
CA LEU E 34 -2.99 -12.24 14.09
C LEU E 34 -3.30 -11.40 12.86
N THR E 35 -3.52 -10.09 13.01
CA THR E 35 -3.77 -9.21 11.88
C THR E 35 -2.60 -8.29 11.55
N ASP E 36 -1.77 -7.94 12.52
CA ASP E 36 -0.57 -7.17 12.23
C ASP E 36 0.49 -7.99 11.51
N ILE E 37 0.39 -9.31 11.58
CA ILE E 37 1.36 -10.19 10.93
C ILE E 37 1.09 -10.33 9.44
N THR E 38 -0.09 -9.90 8.97
CA THR E 38 -0.53 -10.19 7.61
C THR E 38 0.20 -9.37 6.57
N GLU E 39 0.68 -8.18 6.93
CA GLU E 39 1.41 -7.36 5.96
C GLU E 39 2.83 -7.83 5.73
N ALA E 40 3.37 -8.67 6.62
CA ALA E 40 4.74 -9.16 6.50
C ALA E 40 4.79 -10.63 6.11
N ILE E 41 3.70 -11.16 5.53
CA ILE E 41 3.63 -12.56 5.18
C ILE E 41 2.60 -12.69 4.05
N LYS E 42 2.66 -13.80 3.31
CA LYS E 42 1.74 -14.04 2.23
C LYS E 42 1.12 -15.42 2.38
N LEU E 43 -0.20 -15.50 2.22
CA LEU E 43 -0.93 -16.75 2.26
C LEU E 43 -1.74 -16.93 0.99
N GLU E 44 -2.63 -17.92 0.97
CA GLU E 44 -3.56 -18.05 -0.14
C GLU E 44 -4.69 -17.03 -0.02
N THR E 45 -5.50 -17.17 1.02
CA THR E 45 -6.54 -16.18 1.30
C THR E 45 -5.97 -15.00 2.08
N GLY E 46 -5.09 -15.29 3.02
CA GLY E 46 -4.53 -14.26 3.87
C GLY E 46 -5.18 -14.16 5.24
N VAL E 47 -6.18 -14.98 5.52
CA VAL E 47 -6.75 -15.02 6.86
C VAL E 47 -5.74 -15.73 7.76
N VAL E 48 -5.05 -14.97 8.61
CA VAL E 48 -4.19 -15.56 9.64
C VAL E 48 -5.11 -15.78 10.84
N LYS E 49 -5.81 -16.90 10.81
CA LYS E 49 -6.74 -17.24 11.88
C LYS E 49 -6.06 -18.07 12.96
N LYS E 50 -5.26 -19.05 12.54
CA LYS E 50 -4.58 -19.94 13.46
C LYS E 50 -3.08 -19.91 13.21
N LEU E 51 -2.32 -20.41 14.18
CA LEU E 51 -0.88 -20.59 14.08
C LEU E 51 -0.54 -21.88 14.81
N TYR E 52 0.06 -22.82 14.10
CA TYR E 52 0.43 -24.06 14.79
C TYR E 52 1.86 -23.94 15.30
N THR E 53 2.25 -24.91 16.12
CA THR E 53 3.51 -24.82 16.87
C THR E 53 4.69 -25.19 15.99
N LEU E 54 5.83 -25.44 16.64
CA LEU E 54 7.06 -25.79 15.94
C LEU E 54 6.91 -27.11 15.18
N ASP E 55 6.25 -28.08 15.78
CA ASP E 55 5.95 -29.34 15.12
C ASP E 55 4.49 -29.45 14.73
N GLY E 56 3.73 -28.35 14.83
CA GLY E 56 2.33 -28.35 14.46
C GLY E 56 1.44 -29.22 15.31
N LYS E 57 1.82 -29.44 16.58
CA LYS E 57 1.10 -30.38 17.42
C LYS E 57 -0.21 -29.77 17.91
N GLN E 58 -0.14 -28.69 18.67
CA GLN E 58 -1.33 -28.06 19.21
C GLN E 58 -1.52 -26.67 18.62
N VAL E 59 -2.70 -26.12 18.84
CA VAL E 59 -3.06 -24.78 18.40
C VAL E 59 -2.56 -23.76 19.43
N THR E 60 -2.57 -22.48 19.06
CA THR E 60 -2.27 -21.41 20.00
C THR E 60 -3.49 -20.48 20.14
N CYS E 61 -3.62 -19.89 21.32
CA CYS E 61 -4.69 -18.92 21.58
C CYS E 61 -4.25 -17.74 22.43
N LEU E 62 -3.11 -17.79 23.11
CA LEU E 62 -2.72 -16.77 24.08
C LEU E 62 -1.30 -16.30 23.86
N HIS E 63 -1.01 -15.12 24.41
CA HIS E 63 0.37 -14.64 24.45
C HIS E 63 1.21 -15.47 25.41
N ASP E 64 0.58 -16.02 26.46
CA ASP E 64 1.30 -16.80 27.46
C ASP E 64 1.66 -18.21 26.98
N PHE E 65 1.26 -18.57 25.75
CA PHE E 65 1.67 -19.83 25.13
C PHE E 65 3.01 -19.72 24.44
N PHE E 66 3.67 -18.56 24.54
CA PHE E 66 4.83 -18.25 23.72
C PHE E 66 6.08 -18.40 24.57
N GLY E 67 6.60 -19.62 24.64
CA GLY E 67 7.95 -19.80 25.12
C GLY E 67 8.95 -19.21 24.15
N ASP E 68 10.07 -18.74 24.68
CA ASP E 68 11.05 -18.07 23.84
C ASP E 68 11.78 -19.06 22.94
N ASP E 69 12.28 -18.54 21.81
CA ASP E 69 13.12 -19.25 20.85
C ASP E 69 12.42 -20.49 20.28
N ASP E 70 11.33 -20.23 19.54
CA ASP E 70 10.69 -21.26 18.74
C ASP E 70 10.07 -20.62 17.51
N VAL E 71 9.80 -21.45 16.51
CA VAL E 71 9.28 -21.01 15.22
C VAL E 71 7.82 -21.44 15.13
N PHE E 72 6.97 -20.57 14.63
CA PHE E 72 5.59 -20.94 14.38
C PHE E 72 5.34 -21.01 12.88
N ILE E 73 4.10 -21.29 12.49
CA ILE E 73 3.76 -21.53 11.10
C ILE E 73 2.43 -20.85 10.80
N ALA E 74 2.33 -20.26 9.60
CA ALA E 74 1.12 -19.57 9.19
C ALA E 74 0.01 -20.57 8.91
N CYS E 75 -1.15 -20.35 9.51
CA CYS E 75 -2.28 -21.26 9.38
C CYS E 75 -3.55 -20.42 9.29
N GLY E 76 -4.69 -21.05 9.52
CA GLY E 76 -5.97 -20.44 9.26
C GLY E 76 -6.88 -21.39 8.51
N PRO E 77 -7.19 -21.05 7.25
CA PRO E 77 -8.07 -21.91 6.45
C PRO E 77 -7.41 -23.20 5.95
N GLU E 78 -6.16 -23.46 6.29
CA GLU E 78 -5.41 -24.61 5.79
C GLU E 78 -5.07 -25.54 6.95
N LYS E 79 -4.24 -26.53 6.66
CA LYS E 79 -3.81 -27.52 7.64
C LYS E 79 -2.28 -27.54 7.72
N PHE E 80 -1.77 -28.30 8.69
CA PHE E 80 -0.33 -28.39 8.89
C PHE E 80 0.29 -29.28 7.81
N ARG E 81 1.52 -28.93 7.43
CA ARG E 81 2.13 -29.46 6.21
C ARG E 81 3.31 -30.38 6.45
N TYR E 82 3.80 -30.51 7.69
CA TYR E 82 4.99 -31.28 8.07
C TYR E 82 6.22 -30.79 7.31
N ALA E 83 6.58 -29.54 7.62
CA ALA E 83 7.63 -28.81 6.92
C ALA E 83 8.96 -28.92 7.63
N GLN E 84 10.01 -29.23 6.88
CA GLN E 84 11.37 -29.34 7.42
C GLN E 84 12.11 -28.03 7.16
N ASP E 85 11.64 -26.98 7.83
CA ASP E 85 12.12 -25.64 7.55
C ASP E 85 13.42 -25.34 8.27
N ASP E 86 13.49 -25.71 9.54
CA ASP E 86 14.62 -25.36 10.41
C ASP E 86 15.79 -26.32 10.27
N PHE E 87 15.70 -27.28 9.37
CA PHE E 87 16.77 -28.26 9.15
C PHE E 87 17.97 -27.62 8.45
#